data_1QIB
# 
_entry.id   1QIB 
# 
_audit_conform.dict_name       mmcif_pdbx.dic 
_audit_conform.dict_version    5.383 
_audit_conform.dict_location   http://mmcif.pdb.org/dictionaries/ascii/mmcif_pdbx.dic 
# 
loop_
_database_2.database_id 
_database_2.database_code 
_database_2.pdbx_database_accession 
_database_2.pdbx_DOI 
PDB   1QIB         pdb_00001qib 10.2210/pdb1qib/pdb 
RCSB  RCSB001174   ?            ?                   
WWPDB D_1000001174 ?            ?                   
# 
loop_
_pdbx_audit_revision_history.ordinal 
_pdbx_audit_revision_history.data_content_type 
_pdbx_audit_revision_history.major_revision 
_pdbx_audit_revision_history.minor_revision 
_pdbx_audit_revision_history.revision_date 
1 'Structure model' 1 0 1999-11-19 
2 'Structure model' 1 1 2008-04-01 
3 'Structure model' 1 2 2011-07-13 
4 'Structure model' 1 3 2017-05-31 
5 'Structure model' 1 4 2023-12-27 
# 
_pdbx_audit_revision_details.ordinal             1 
_pdbx_audit_revision_details.revision_ordinal    1 
_pdbx_audit_revision_details.data_content_type   'Structure model' 
_pdbx_audit_revision_details.provider            repository 
_pdbx_audit_revision_details.type                'Initial release' 
_pdbx_audit_revision_details.description         ? 
_pdbx_audit_revision_details.details             ? 
# 
loop_
_pdbx_audit_revision_group.ordinal 
_pdbx_audit_revision_group.revision_ordinal 
_pdbx_audit_revision_group.data_content_type 
_pdbx_audit_revision_group.group 
1 2 'Structure model' 'Version format compliance' 
2 3 'Structure model' 'Version format compliance' 
3 4 'Structure model' 'Database references'       
4 4 'Structure model' 'Structure summary'         
5 5 'Structure model' 'Data collection'           
6 5 'Structure model' 'Database references'       
7 5 'Structure model' 'Derived calculations'      
# 
loop_
_pdbx_audit_revision_category.ordinal 
_pdbx_audit_revision_category.revision_ordinal 
_pdbx_audit_revision_category.data_content_type 
_pdbx_audit_revision_category.category 
1 5 'Structure model' chem_comp_atom         
2 5 'Structure model' chem_comp_bond         
3 5 'Structure model' database_2             
4 5 'Structure model' pdbx_struct_conn_angle 
5 5 'Structure model' struct_conn            
6 5 'Structure model' struct_site            
# 
loop_
_pdbx_audit_revision_item.ordinal 
_pdbx_audit_revision_item.revision_ordinal 
_pdbx_audit_revision_item.data_content_type 
_pdbx_audit_revision_item.item 
1  5 'Structure model' '_database_2.pdbx_DOI'                        
2  5 'Structure model' '_database_2.pdbx_database_accession'         
3  5 'Structure model' '_pdbx_struct_conn_angle.ptnr1_auth_comp_id'  
4  5 'Structure model' '_pdbx_struct_conn_angle.ptnr1_auth_seq_id'   
5  5 'Structure model' '_pdbx_struct_conn_angle.ptnr1_label_asym_id' 
6  5 'Structure model' '_pdbx_struct_conn_angle.ptnr1_label_atom_id' 
7  5 'Structure model' '_pdbx_struct_conn_angle.ptnr1_label_comp_id' 
8  5 'Structure model' '_pdbx_struct_conn_angle.ptnr1_label_seq_id'  
9  5 'Structure model' '_pdbx_struct_conn_angle.ptnr2_auth_comp_id'  
10 5 'Structure model' '_pdbx_struct_conn_angle.ptnr2_auth_seq_id'   
11 5 'Structure model' '_pdbx_struct_conn_angle.ptnr2_label_asym_id' 
12 5 'Structure model' '_pdbx_struct_conn_angle.ptnr2_label_atom_id' 
13 5 'Structure model' '_pdbx_struct_conn_angle.ptnr2_label_comp_id' 
14 5 'Structure model' '_pdbx_struct_conn_angle.ptnr3_auth_comp_id'  
15 5 'Structure model' '_pdbx_struct_conn_angle.ptnr3_auth_seq_id'   
16 5 'Structure model' '_pdbx_struct_conn_angle.ptnr3_label_asym_id' 
17 5 'Structure model' '_pdbx_struct_conn_angle.ptnr3_label_atom_id' 
18 5 'Structure model' '_pdbx_struct_conn_angle.ptnr3_label_comp_id' 
19 5 'Structure model' '_pdbx_struct_conn_angle.ptnr3_label_seq_id'  
20 5 'Structure model' '_pdbx_struct_conn_angle.value'               
21 5 'Structure model' '_struct_conn.pdbx_dist_value'                
22 5 'Structure model' '_struct_conn.ptnr1_auth_comp_id'             
23 5 'Structure model' '_struct_conn.ptnr1_auth_seq_id'              
24 5 'Structure model' '_struct_conn.ptnr1_label_asym_id'            
25 5 'Structure model' '_struct_conn.ptnr1_label_atom_id'            
26 5 'Structure model' '_struct_conn.ptnr1_label_comp_id'            
27 5 'Structure model' '_struct_conn.ptnr1_label_seq_id'             
28 5 'Structure model' '_struct_conn.ptnr2_auth_comp_id'             
29 5 'Structure model' '_struct_conn.ptnr2_auth_seq_id'              
30 5 'Structure model' '_struct_conn.ptnr2_label_asym_id'            
31 5 'Structure model' '_struct_conn.ptnr2_label_atom_id'            
32 5 'Structure model' '_struct_conn.ptnr2_label_comp_id'            
33 5 'Structure model' '_struct_conn.ptnr2_label_seq_id'             
34 5 'Structure model' '_struct_site.pdbx_auth_asym_id'              
35 5 'Structure model' '_struct_site.pdbx_auth_comp_id'              
36 5 'Structure model' '_struct_site.pdbx_auth_seq_id'               
# 
_pdbx_database_status.status_code                     REL 
_pdbx_database_status.entry_id                        1QIB 
_pdbx_database_status.recvd_initial_deposition_date   1999-06-11 
_pdbx_database_status.deposit_site                    PDBE 
_pdbx_database_status.process_site                    RCSB 
_pdbx_database_status.SG_entry                        . 
_pdbx_database_status.pdb_format_compatible           Y 
_pdbx_database_status.status_code_mr                  ? 
_pdbx_database_status.status_code_sf                  ? 
_pdbx_database_status.status_code_cs                  ? 
_pdbx_database_status.methods_development_category    ? 
_pdbx_database_status.status_code_nmr_data            ? 
# 
loop_
_audit_author.name 
_audit_author.pdbx_ordinal 
'Dhanaraj, V.'   1  
'Williams, M.G.' 2  
'Ye, Q.-Z.'      3  
'Molina, F.'     4  
'Johnson, L.L.'  5  
'Ortwine, D.F.'  6  
'Pavlovsky, A.'  7  
'Rubin, J.R.'    8  
'Skeean, R.W.'   9  
'White, A.D.'    10 
'Humblet, C.'    11 
'Hupe, D.J.'     12 
'Blundell, T.L.' 13 
# 
_citation.id                        primary 
_citation.title                     'X-ray structure of gelatinase A catalytic domain complexed with a hydroxamate inhibitor' 
_citation.journal_abbrev            'Croatica Chemica Acta' 
_citation.journal_volume            72 
_citation.page_first                575 
_citation.page_last                 591 
_citation.year                      1999 
_citation.journal_id_ASTM           ? 
_citation.country                   HRV 
_citation.journal_id_ISSN           0011-1643 
_citation.journal_id_CSD            ? 
_citation.book_publisher            ? 
_citation.pdbx_database_id_PubMed   -1 
_citation.pdbx_database_id_DOI      ? 
# 
loop_
_citation_author.citation_id 
_citation_author.name 
_citation_author.ordinal 
_citation_author.identifier_ORCID 
primary 'Dhanaraj, V.'   1  ? 
primary 'Williams, M.G.' 2  ? 
primary 'Ye, Q.-Z.'      3  ? 
primary 'Molina, F.'     4  ? 
primary 'Johnson, L.L.'  5  ? 
primary 'Ortwine, D.F.'  6  ? 
primary 'Pavlovsky, A.'  7  ? 
primary 'Rubin, J.R.'    8  ? 
primary 'Skeean, R.W.'   9  ? 
primary 'White, A.D.'    10 ? 
primary 'Humblet, C.'    11 ? 
primary 'Hupe, D.J.'     12 ? 
primary 'Blundell, T.L.' 13 ? 
# 
loop_
_entity.id 
_entity.type 
_entity.src_method 
_entity.pdbx_description 
_entity.formula_weight 
_entity.pdbx_number_of_molecules 
_entity.pdbx_ec 
_entity.pdbx_mutation 
_entity.pdbx_fragment 
_entity.details 
1 polymer     man '72 kDa type IV collagenase' 17957.861 1 3.4.24.24 ? 
'CATALYTIC DOMAIN RESIDUES 88-250 WITH THE FIBRONECTIN DOMAIN DELETED' ? 
2 non-polymer syn 'ZINC ION'                   65.409    2 ?         ? ? ? 
3 non-polymer syn 'CALCIUM ION'                40.078    3 ?         ? ? ? 
4 water       nat water                        18.015    5 ?         ? ? ? 
# 
_entity_name_com.entity_id   1 
_entity_name_com.name        
;72 kDa gelatinase,Gelatinase A,Matrix metalloproteinase-2,MMP-2,TBE-1,72 kDa gelatinase,Gelatinase A,Matrix metalloproteinase-2,MMP-2,TBE-1
;
# 
_entity_name_sys.entity_id   1 
_entity_name_sys.name        E.C.3.4.24.24 
# 
_entity_poly.entity_id                      1 
_entity_poly.type                           'polypeptide(L)' 
_entity_poly.nstd_linkage                   no 
_entity_poly.nstd_monomer                   no 
_entity_poly.pdbx_seq_one_letter_code       
;RKPKWDKNQITYRIIGYTPDLDPETVDDAFARAFQVWSDVTPLRFSRIHDGEADIMINFGRWEHGDGYPFDGKDGLLAHA
FAPGTGVGGDSHFDDDELWSLGKGVGYSLFLVAAHEFGHAMGLEHSQDPGALMAPIYTYTKNFRLSQDDIKGIQELYGAS
P
;
_entity_poly.pdbx_seq_one_letter_code_can   
;RKPKWDKNQITYRIIGYTPDLDPETVDDAFARAFQVWSDVTPLRFSRIHDGEADIMINFGRWEHGDGYPFDGKDGLLAHA
FAPGTGVGGDSHFDDDELWSLGKGVGYSLFLVAAHEFGHAMGLEHSQDPGALMAPIYTYTKNFRLSQDDIKGIQELYGAS
P
;
_entity_poly.pdbx_strand_id                 A 
_entity_poly.pdbx_target_identifier         ? 
# 
loop_
_pdbx_entity_nonpoly.entity_id 
_pdbx_entity_nonpoly.name 
_pdbx_entity_nonpoly.comp_id 
2 'ZINC ION'    ZN  
3 'CALCIUM ION' CA  
4 water         HOH 
# 
loop_
_entity_poly_seq.entity_id 
_entity_poly_seq.num 
_entity_poly_seq.mon_id 
_entity_poly_seq.hetero 
1 1   ARG n 
1 2   LYS n 
1 3   PRO n 
1 4   LYS n 
1 5   TRP n 
1 6   ASP n 
1 7   LYS n 
1 8   ASN n 
1 9   GLN n 
1 10  ILE n 
1 11  THR n 
1 12  TYR n 
1 13  ARG n 
1 14  ILE n 
1 15  ILE n 
1 16  GLY n 
1 17  TYR n 
1 18  THR n 
1 19  PRO n 
1 20  ASP n 
1 21  LEU n 
1 22  ASP n 
1 23  PRO n 
1 24  GLU n 
1 25  THR n 
1 26  VAL n 
1 27  ASP n 
1 28  ASP n 
1 29  ALA n 
1 30  PHE n 
1 31  ALA n 
1 32  ARG n 
1 33  ALA n 
1 34  PHE n 
1 35  GLN n 
1 36  VAL n 
1 37  TRP n 
1 38  SER n 
1 39  ASP n 
1 40  VAL n 
1 41  THR n 
1 42  PRO n 
1 43  LEU n 
1 44  ARG n 
1 45  PHE n 
1 46  SER n 
1 47  ARG n 
1 48  ILE n 
1 49  HIS n 
1 50  ASP n 
1 51  GLY n 
1 52  GLU n 
1 53  ALA n 
1 54  ASP n 
1 55  ILE n 
1 56  MET n 
1 57  ILE n 
1 58  ASN n 
1 59  PHE n 
1 60  GLY n 
1 61  ARG n 
1 62  TRP n 
1 63  GLU n 
1 64  HIS n 
1 65  GLY n 
1 66  ASP n 
1 67  GLY n 
1 68  TYR n 
1 69  PRO n 
1 70  PHE n 
1 71  ASP n 
1 72  GLY n 
1 73  LYS n 
1 74  ASP n 
1 75  GLY n 
1 76  LEU n 
1 77  LEU n 
1 78  ALA n 
1 79  HIS n 
1 80  ALA n 
1 81  PHE n 
1 82  ALA n 
1 83  PRO n 
1 84  GLY n 
1 85  THR n 
1 86  GLY n 
1 87  VAL n 
1 88  GLY n 
1 89  GLY n 
1 90  ASP n 
1 91  SER n 
1 92  HIS n 
1 93  PHE n 
1 94  ASP n 
1 95  ASP n 
1 96  ASP n 
1 97  GLU n 
1 98  LEU n 
1 99  TRP n 
1 100 SER n 
1 101 LEU n 
1 102 GLY n 
1 103 LYS n 
1 104 GLY n 
1 105 VAL n 
1 106 GLY n 
1 107 TYR n 
1 108 SER n 
1 109 LEU n 
1 110 PHE n 
1 111 LEU n 
1 112 VAL n 
1 113 ALA n 
1 114 ALA n 
1 115 HIS n 
1 116 GLU n 
1 117 PHE n 
1 118 GLY n 
1 119 HIS n 
1 120 ALA n 
1 121 MET n 
1 122 GLY n 
1 123 LEU n 
1 124 GLU n 
1 125 HIS n 
1 126 SER n 
1 127 GLN n 
1 128 ASP n 
1 129 PRO n 
1 130 GLY n 
1 131 ALA n 
1 132 LEU n 
1 133 MET n 
1 134 ALA n 
1 135 PRO n 
1 136 ILE n 
1 137 TYR n 
1 138 THR n 
1 139 TYR n 
1 140 THR n 
1 141 LYS n 
1 142 ASN n 
1 143 PHE n 
1 144 ARG n 
1 145 LEU n 
1 146 SER n 
1 147 GLN n 
1 148 ASP n 
1 149 ASP n 
1 150 ILE n 
1 151 LYS n 
1 152 GLY n 
1 153 ILE n 
1 154 GLN n 
1 155 GLU n 
1 156 LEU n 
1 157 TYR n 
1 158 GLY n 
1 159 ALA n 
1 160 SER n 
1 161 PRO n 
# 
loop_
_entity_src_gen.entity_id 
_entity_src_gen.pdbx_src_id 
_entity_src_gen.pdbx_alt_source_flag 
_entity_src_gen.pdbx_seq_type 
_entity_src_gen.pdbx_beg_seq_num 
_entity_src_gen.pdbx_end_seq_num 
_entity_src_gen.gene_src_common_name 
_entity_src_gen.gene_src_genus 
_entity_src_gen.pdbx_gene_src_gene 
_entity_src_gen.gene_src_species 
_entity_src_gen.gene_src_strain 
_entity_src_gen.gene_src_tissue 
_entity_src_gen.gene_src_tissue_fraction 
_entity_src_gen.gene_src_details 
_entity_src_gen.pdbx_gene_src_fragment 
_entity_src_gen.pdbx_gene_src_scientific_name 
_entity_src_gen.pdbx_gene_src_ncbi_taxonomy_id 
_entity_src_gen.pdbx_gene_src_variant 
_entity_src_gen.pdbx_gene_src_cell_line 
_entity_src_gen.pdbx_gene_src_atcc 
_entity_src_gen.pdbx_gene_src_organ 
_entity_src_gen.pdbx_gene_src_organelle 
_entity_src_gen.pdbx_gene_src_cell 
_entity_src_gen.pdbx_gene_src_cellular_location 
_entity_src_gen.host_org_common_name 
_entity_src_gen.pdbx_host_org_scientific_name 
_entity_src_gen.pdbx_host_org_ncbi_taxonomy_id 
_entity_src_gen.host_org_genus 
_entity_src_gen.pdbx_host_org_gene 
_entity_src_gen.pdbx_host_org_organ 
_entity_src_gen.host_org_species 
_entity_src_gen.pdbx_host_org_tissue 
_entity_src_gen.pdbx_host_org_tissue_fraction 
_entity_src_gen.pdbx_host_org_strain 
_entity_src_gen.pdbx_host_org_variant 
_entity_src_gen.pdbx_host_org_cell_line 
_entity_src_gen.pdbx_host_org_atcc 
_entity_src_gen.pdbx_host_org_culture_collection 
_entity_src_gen.pdbx_host_org_cell 
_entity_src_gen.pdbx_host_org_organelle 
_entity_src_gen.pdbx_host_org_cellular_location 
_entity_src_gen.pdbx_host_org_vector_type 
_entity_src_gen.pdbx_host_org_vector 
_entity_src_gen.host_org_details 
_entity_src_gen.expression_system_id 
_entity_src_gen.plasmid_name 
_entity_src_gen.plasmid_details 
_entity_src_gen.pdbx_description 
1 1 sample 'Biological sequence' 1   104 Human Homo 'MMP2, CLG4A' ? ? ? ? ? ? 'Homo sapiens' 9606 ? ? ? ? ? ? ? ? 
'Escherichia coli' 562 Escherichia ? ? ? ? ? ? ? ? ? ? ? ? ? ? ? ? ? ? ? ? 
1 2 sample 'Biological sequence' 105 161 Human Homo 'MMP2, CLG4A' ? ? ? ? ? ? 'Homo sapiens' 9606 ? ? ? ? ? ? ? ? 
'Escherichia coli' 562 Escherichia ? ? ? ? ? ? ? ? ? ? ? ? ? ? ? ? ? ? ? ? 
# 
loop_
_chem_comp.id 
_chem_comp.type 
_chem_comp.mon_nstd_flag 
_chem_comp.name 
_chem_comp.pdbx_synonyms 
_chem_comp.formula 
_chem_comp.formula_weight 
ALA 'L-peptide linking' y ALANINE         ? 'C3 H7 N O2'     89.093  
ARG 'L-peptide linking' y ARGININE        ? 'C6 H15 N4 O2 1' 175.209 
ASN 'L-peptide linking' y ASPARAGINE      ? 'C4 H8 N2 O3'    132.118 
ASP 'L-peptide linking' y 'ASPARTIC ACID' ? 'C4 H7 N O4'     133.103 
CA  non-polymer         . 'CALCIUM ION'   ? 'Ca 2'           40.078  
GLN 'L-peptide linking' y GLUTAMINE       ? 'C5 H10 N2 O3'   146.144 
GLU 'L-peptide linking' y 'GLUTAMIC ACID' ? 'C5 H9 N O4'     147.129 
GLY 'peptide linking'   y GLYCINE         ? 'C2 H5 N O2'     75.067  
HIS 'L-peptide linking' y HISTIDINE       ? 'C6 H10 N3 O2 1' 156.162 
HOH non-polymer         . WATER           ? 'H2 O'           18.015  
ILE 'L-peptide linking' y ISOLEUCINE      ? 'C6 H13 N O2'    131.173 
LEU 'L-peptide linking' y LEUCINE         ? 'C6 H13 N O2'    131.173 
LYS 'L-peptide linking' y LYSINE          ? 'C6 H15 N2 O2 1' 147.195 
MET 'L-peptide linking' y METHIONINE      ? 'C5 H11 N O2 S'  149.211 
PHE 'L-peptide linking' y PHENYLALANINE   ? 'C9 H11 N O2'    165.189 
PRO 'L-peptide linking' y PROLINE         ? 'C5 H9 N O2'     115.130 
SER 'L-peptide linking' y SERINE          ? 'C3 H7 N O3'     105.093 
THR 'L-peptide linking' y THREONINE       ? 'C4 H9 N O3'     119.119 
TRP 'L-peptide linking' y TRYPTOPHAN      ? 'C11 H12 N2 O2'  204.225 
TYR 'L-peptide linking' y TYROSINE        ? 'C9 H11 N O3'    181.189 
VAL 'L-peptide linking' y VALINE          ? 'C5 H11 N O2'    117.146 
ZN  non-polymer         . 'ZINC ION'      ? 'Zn 2'           65.409  
# 
loop_
_pdbx_poly_seq_scheme.asym_id 
_pdbx_poly_seq_scheme.entity_id 
_pdbx_poly_seq_scheme.seq_id 
_pdbx_poly_seq_scheme.mon_id 
_pdbx_poly_seq_scheme.ndb_seq_num 
_pdbx_poly_seq_scheme.pdb_seq_num 
_pdbx_poly_seq_scheme.auth_seq_num 
_pdbx_poly_seq_scheme.pdb_mon_id 
_pdbx_poly_seq_scheme.auth_mon_id 
_pdbx_poly_seq_scheme.pdb_strand_id 
_pdbx_poly_seq_scheme.pdb_ins_code 
_pdbx_poly_seq_scheme.hetero 
A 1 1   ARG 1   88  88  ARG ARG A . n 
A 1 2   LYS 2   89  89  LYS LYS A . n 
A 1 3   PRO 3   90  90  PRO PRO A . n 
A 1 4   LYS 4   91  91  LYS LYS A . n 
A 1 5   TRP 5   92  92  TRP TRP A . n 
A 1 6   ASP 6   93  93  ASP ASP A . n 
A 1 7   LYS 7   94  94  LYS LYS A . n 
A 1 8   ASN 8   95  95  ASN ASN A . n 
A 1 9   GLN 9   96  96  GLN GLN A . n 
A 1 10  ILE 10  97  97  ILE ILE A . n 
A 1 11  THR 11  98  98  THR THR A . n 
A 1 12  TYR 12  99  99  TYR TYR A . n 
A 1 13  ARG 13  100 100 ARG ARG A . n 
A 1 14  ILE 14  101 101 ILE ILE A . n 
A 1 15  ILE 15  102 102 ILE ILE A . n 
A 1 16  GLY 16  103 103 GLY GLY A . n 
A 1 17  TYR 17  104 104 TYR TYR A . n 
A 1 18  THR 18  105 105 THR THR A . n 
A 1 19  PRO 19  106 106 PRO PRO A . n 
A 1 20  ASP 20  107 107 ASP ASP A . n 
A 1 21  LEU 21  108 108 LEU LEU A . n 
A 1 22  ASP 22  109 109 ASP ASP A . n 
A 1 23  PRO 23  110 110 PRO PRO A . n 
A 1 24  GLU 24  111 111 GLU GLU A . n 
A 1 25  THR 25  112 112 THR THR A . n 
A 1 26  VAL 26  113 113 VAL VAL A . n 
A 1 27  ASP 27  114 114 ASP ASP A . n 
A 1 28  ASP 28  115 115 ASP ASP A . n 
A 1 29  ALA 29  116 116 ALA ALA A . n 
A 1 30  PHE 30  117 117 PHE PHE A . n 
A 1 31  ALA 31  118 118 ALA ALA A . n 
A 1 32  ARG 32  119 119 ARG ARG A . n 
A 1 33  ALA 33  120 120 ALA ALA A . n 
A 1 34  PHE 34  121 121 PHE PHE A . n 
A 1 35  GLN 35  122 122 GLN GLN A . n 
A 1 36  VAL 36  123 123 VAL VAL A . n 
A 1 37  TRP 37  124 124 TRP TRP A . n 
A 1 38  SER 38  125 125 SER SER A . n 
A 1 39  ASP 39  126 126 ASP ASP A . n 
A 1 40  VAL 40  127 127 VAL VAL A . n 
A 1 41  THR 41  128 128 THR THR A . n 
A 1 42  PRO 42  129 129 PRO PRO A . n 
A 1 43  LEU 43  130 130 LEU LEU A . n 
A 1 44  ARG 44  131 131 ARG ARG A . n 
A 1 45  PHE 45  132 132 PHE PHE A . n 
A 1 46  SER 46  133 133 SER SER A . n 
A 1 47  ARG 47  134 134 ARG ARG A . n 
A 1 48  ILE 48  135 135 ILE ILE A . n 
A 1 49  HIS 49  136 136 HIS HIS A . n 
A 1 50  ASP 50  137 137 ASP ASP A . n 
A 1 51  GLY 51  138 138 GLY GLY A . n 
A 1 52  GLU 52  139 139 GLU GLU A . n 
A 1 53  ALA 53  140 140 ALA ALA A . n 
A 1 54  ASP 54  141 141 ASP ASP A . n 
A 1 55  ILE 55  142 142 ILE ILE A . n 
A 1 56  MET 56  143 143 MET MET A . n 
A 1 57  ILE 57  144 144 ILE ILE A . n 
A 1 58  ASN 58  145 145 ASN ASN A . n 
A 1 59  PHE 59  146 146 PHE PHE A . n 
A 1 60  GLY 60  147 147 GLY GLY A . n 
A 1 61  ARG 61  148 148 ARG ARG A . n 
A 1 62  TRP 62  149 149 TRP TRP A . n 
A 1 63  GLU 63  150 150 GLU GLU A . n 
A 1 64  HIS 64  151 151 HIS HIS A . n 
A 1 65  GLY 65  152 152 GLY GLY A . n 
A 1 66  ASP 66  153 153 ASP ASP A . n 
A 1 67  GLY 67  154 154 GLY GLY A . n 
A 1 68  TYR 68  155 155 TYR TYR A . n 
A 1 69  PRO 69  156 156 PRO PRO A . n 
A 1 70  PHE 70  157 157 PHE PHE A . n 
A 1 71  ASP 71  158 158 ASP ASP A . n 
A 1 72  GLY 72  159 159 GLY GLY A . n 
A 1 73  LYS 73  160 160 LYS LYS A . n 
A 1 74  ASP 74  161 161 ASP ASP A . n 
A 1 75  GLY 75  162 162 GLY GLY A . n 
A 1 76  LEU 76  163 163 LEU LEU A . n 
A 1 77  LEU 77  164 164 LEU LEU A . n 
A 1 78  ALA 78  165 165 ALA ALA A . n 
A 1 79  HIS 79  166 166 HIS HIS A . n 
A 1 80  ALA 80  167 167 ALA ALA A . n 
A 1 81  PHE 81  168 168 PHE PHE A . n 
A 1 82  ALA 82  169 169 ALA ALA A . n 
A 1 83  PRO 83  170 170 PRO PRO A . n 
A 1 84  GLY 84  171 171 GLY GLY A . n 
A 1 85  THR 85  172 172 THR THR A . n 
A 1 86  GLY 86  173 173 GLY GLY A . n 
A 1 87  VAL 87  174 174 VAL VAL A . n 
A 1 88  GLY 88  175 175 GLY GLY A . n 
A 1 89  GLY 89  176 176 GLY GLY A . n 
A 1 90  ASP 90  177 177 ASP ASP A . n 
A 1 91  SER 91  178 178 SER SER A . n 
A 1 92  HIS 92  179 179 HIS HIS A . n 
A 1 93  PHE 93  180 180 PHE PHE A . n 
A 1 94  ASP 94  181 181 ASP ASP A . n 
A 1 95  ASP 95  182 182 ASP ASP A . n 
A 1 96  ASP 96  183 183 ASP ASP A . n 
A 1 97  GLU 97  184 184 GLU GLU A . n 
A 1 98  LEU 98  185 185 LEU LEU A . n 
A 1 99  TRP 99  186 186 TRP TRP A . n 
A 1 100 SER 100 187 187 SER SER A . n 
A 1 101 LEU 101 188 188 LEU LEU A . n 
A 1 102 GLY 102 189 189 GLY GLY A . n 
A 1 103 LYS 103 190 190 LYS LYS A . n 
A 1 104 GLY 104 190 190 GLY GLY A A n 
A 1 105 VAL 105 191 191 VAL VAL A . n 
A 1 106 GLY 106 192 192 GLY GLY A . n 
A 1 107 TYR 107 193 193 TYR TYR A . n 
A 1 108 SER 108 194 194 SER SER A . n 
A 1 109 LEU 109 195 195 LEU LEU A . n 
A 1 110 PHE 110 196 196 PHE PHE A . n 
A 1 111 LEU 111 197 197 LEU LEU A . n 
A 1 112 VAL 112 198 198 VAL VAL A . n 
A 1 113 ALA 113 199 199 ALA ALA A . n 
A 1 114 ALA 114 200 200 ALA ALA A . n 
A 1 115 HIS 115 201 201 HIS HIS A . n 
A 1 116 GLU 116 202 202 GLU GLU A . n 
A 1 117 PHE 117 203 203 PHE PHE A . n 
A 1 118 GLY 118 204 204 GLY GLY A . n 
A 1 119 HIS 119 205 205 HIS HIS A . n 
A 1 120 ALA 120 206 206 ALA ALA A . n 
A 1 121 MET 121 207 207 MET MET A . n 
A 1 122 GLY 122 208 208 GLY GLY A . n 
A 1 123 LEU 123 209 209 LEU LEU A . n 
A 1 124 GLU 124 210 210 GLU GLU A . n 
A 1 125 HIS 125 211 211 HIS HIS A . n 
A 1 126 SER 126 212 212 SER SER A . n 
A 1 127 GLN 127 213 213 GLN GLN A . n 
A 1 128 ASP 128 214 214 ASP ASP A . n 
A 1 129 PRO 129 215 215 PRO PRO A . n 
A 1 130 GLY 130 216 216 GLY GLY A . n 
A 1 131 ALA 131 217 217 ALA ALA A . n 
A 1 132 LEU 132 218 218 LEU LEU A . n 
A 1 133 MET 133 219 219 MET MET A . n 
A 1 134 ALA 134 220 220 ALA ALA A . n 
A 1 135 PRO 135 221 221 PRO PRO A . n 
A 1 136 ILE 136 222 222 ILE ILE A . n 
A 1 137 TYR 137 223 223 TYR TYR A . n 
A 1 138 THR 138 227 227 THR THR A . n 
A 1 139 TYR 139 228 228 TYR TYR A . n 
A 1 140 THR 140 229 229 THR THR A . n 
A 1 141 LYS 141 230 230 LYS LYS A . n 
A 1 142 ASN 142 231 231 ASN ASN A . n 
A 1 143 PHE 143 232 232 PHE PHE A . n 
A 1 144 ARG 144 233 233 ARG ARG A . n 
A 1 145 LEU 145 234 234 LEU LEU A . n 
A 1 146 SER 146 235 235 SER SER A . n 
A 1 147 GLN 147 236 236 GLN GLN A . n 
A 1 148 ASP 148 237 237 ASP ASP A . n 
A 1 149 ASP 149 238 238 ASP ASP A . n 
A 1 150 ILE 150 239 239 ILE ILE A . n 
A 1 151 LYS 151 240 240 LYS LYS A . n 
A 1 152 GLY 152 241 241 GLY GLY A . n 
A 1 153 ILE 153 242 242 ILE ILE A . n 
A 1 154 GLN 154 243 243 GLN GLN A . n 
A 1 155 GLU 155 244 244 GLU GLU A . n 
A 1 156 LEU 156 245 245 LEU LEU A . n 
A 1 157 TYR 157 246 246 TYR TYR A . n 
A 1 158 GLY 158 247 247 GLY GLY A . n 
A 1 159 ALA 159 248 248 ALA ALA A . n 
A 1 160 SER 160 249 249 SER SER A . n 
A 1 161 PRO 161 250 250 PRO PRO A . n 
# 
loop_
_pdbx_nonpoly_scheme.asym_id 
_pdbx_nonpoly_scheme.entity_id 
_pdbx_nonpoly_scheme.mon_id 
_pdbx_nonpoly_scheme.ndb_seq_num 
_pdbx_nonpoly_scheme.pdb_seq_num 
_pdbx_nonpoly_scheme.auth_seq_num 
_pdbx_nonpoly_scheme.pdb_mon_id 
_pdbx_nonpoly_scheme.auth_mon_id 
_pdbx_nonpoly_scheme.pdb_strand_id 
_pdbx_nonpoly_scheme.pdb_ins_code 
B 2 ZN  1 501 501 ZN  ZN  A . 
C 2 ZN  1 502 502 ZN  ZN  A . 
D 3 CA  1 503 503 CA  CA  A . 
E 3 CA  1 504 504 CA  CA  A . 
F 3 CA  1 505 505 CA  CA  A . 
G 4 HOH 1 301 301 HOH HOH A . 
G 4 HOH 2 302 302 HOH HOH A . 
G 4 HOH 3 303 303 HOH HOH A . 
G 4 HOH 4 304 304 HOH HOH A . 
G 4 HOH 5 305 305 HOH HOH A . 
# 
loop_
_software.name 
_software.classification 
_software.version 
_software.citation_id 
_software.pdbx_ordinal 
AMoRE     phasing          .     ? 1 
X-PLOR    refinement       3.851 ? 2 
DENZO     'data reduction' .     ? 3 
SCALEPACK 'data scaling'   .     ? 4 
# 
_cell.entry_id           1QIB 
_cell.length_a           84.830 
_cell.length_b           84.830 
_cell.length_c           57.900 
_cell.angle_alpha        90.00 
_cell.angle_beta         90.00 
_cell.angle_gamma        90.00 
_cell.Z_PDB              8 
_cell.pdbx_unique_axis   ? 
# 
_symmetry.entry_id                         1QIB 
_symmetry.space_group_name_H-M             'P 41 2 2' 
_symmetry.pdbx_full_space_group_name_H-M   ? 
_symmetry.cell_setting                     tetragonal 
_symmetry.Int_Tables_number                91 
# 
_exptl.entry_id          1QIB 
_exptl.method            'X-RAY DIFFRACTION' 
_exptl.crystals_number   1 
# 
_exptl_crystal.id                    1 
_exptl_crystal.density_meas          ? 
_exptl_crystal.density_Matthews      2.90 
_exptl_crystal.density_percent_sol   57.57 
_exptl_crystal.description           ? 
# 
_exptl_crystal_grow.crystal_id      1 
_exptl_crystal_grow.method          ? 
_exptl_crystal_grow.temp            ? 
_exptl_crystal_grow.temp_details    ? 
_exptl_crystal_grow.pH              6.0 
_exptl_crystal_grow.pdbx_details    'pH 6.0' 
_exptl_crystal_grow.pdbx_pH_range   . 
# 
_diffrn.id                     1 
_diffrn.ambient_temp           293 
_diffrn.ambient_temp_details   ? 
_diffrn.crystal_id             1 
# 
_diffrn_radiation.diffrn_id                        1 
_diffrn_radiation.wavelength_id                    1 
_diffrn_radiation.pdbx_monochromatic_or_laue_m_l   M 
_diffrn_radiation.monochromator                    ? 
_diffrn_radiation.pdbx_diffrn_protocol             'SINGLE WAVELENGTH' 
_diffrn_radiation.pdbx_scattering_type             x-ray 
# 
_diffrn_radiation_wavelength.id           1 
_diffrn_radiation_wavelength.wavelength   0.8700 
_diffrn_radiation_wavelength.wt           1.0 
# 
_diffrn_source.diffrn_id                   1 
_diffrn_source.source                      SYNCHROTRON 
_diffrn_source.type                        SRS 
_diffrn_source.pdbx_synchrotron_site       SRS 
_diffrn_source.pdbx_synchrotron_beamline   ? 
_diffrn_source.pdbx_wavelength             0.8700 
_diffrn_source.pdbx_wavelength_list        ? 
# 
_reflns.entry_id                     1QIB 
_reflns.observed_criterion_sigma_I   ? 
_reflns.observed_criterion_sigma_F   ? 
_reflns.d_resolution_low             20.0 
_reflns.d_resolution_high            2.8 
_reflns.number_obs                   5551 
_reflns.number_all                   ? 
_reflns.percent_possible_obs         99.5 
_reflns.pdbx_Rmerge_I_obs            ? 
_reflns.pdbx_Rsym_value              0.130 
_reflns.pdbx_netI_over_sigmaI        ? 
_reflns.B_iso_Wilson_estimate        ? 
_reflns.pdbx_redundancy              6.9 
_reflns.R_free_details               ? 
_reflns.pdbx_diffrn_id               1 
_reflns.pdbx_ordinal                 1 
# 
_refine.entry_id                                 1QIB 
_refine.ls_number_reflns_obs                     5551 
_refine.ls_number_reflns_all                     5551 
_refine.pdbx_ls_sigma_I                          ? 
_refine.pdbx_ls_sigma_F                          0.0 
_refine.pdbx_data_cutoff_high_absF               ? 
_refine.pdbx_data_cutoff_low_absF                ? 
_refine.pdbx_data_cutoff_high_rms_absF           ? 
_refine.ls_d_res_low                             20.0 
_refine.ls_d_res_high                            2.8 
_refine.ls_percent_reflns_obs                    99.5 
_refine.ls_R_factor_obs                          0.2040000 
_refine.ls_R_factor_all                          ? 
_refine.ls_R_factor_R_work                       0.2040000 
_refine.ls_R_factor_R_free                       0.2440000 
_refine.ls_R_factor_R_free_error                 ? 
_refine.ls_R_factor_R_free_error_details         ? 
_refine.ls_percent_reflns_R_free                 ? 
_refine.ls_number_reflns_R_free                  ? 
_refine.ls_number_parameters                     ? 
_refine.ls_number_restraints                     ? 
_refine.occupancy_min                            ? 
_refine.occupancy_max                            ? 
_refine.B_iso_mean                               ? 
_refine.aniso_B[1][1]                            ? 
_refine.aniso_B[2][2]                            ? 
_refine.aniso_B[3][3]                            ? 
_refine.aniso_B[1][2]                            ? 
_refine.aniso_B[1][3]                            ? 
_refine.aniso_B[2][3]                            ? 
_refine.solvent_model_details                    ? 
_refine.solvent_model_param_ksol                 ? 
_refine.solvent_model_param_bsol                 ? 
_refine.pdbx_ls_cross_valid_method               THROUGHOUT 
_refine.details                                  ? 
_refine.pdbx_starting_model                      ? 
_refine.pdbx_method_to_determine_struct          'MOLECULAR REPLACEMENT' 
_refine.pdbx_isotropic_thermal_model             ? 
_refine.pdbx_stereochemistry_target_values       ? 
_refine.pdbx_stereochem_target_val_spec_case     ? 
_refine.pdbx_R_Free_selection_details            'THIN SHELLS' 
_refine.pdbx_overall_ESU_R                       ? 
_refine.pdbx_overall_ESU_R_Free                  ? 
_refine.overall_SU_ML                            ? 
_refine.overall_SU_B                             ? 
_refine.ls_redundancy_reflns_obs                 ? 
_refine.pdbx_refine_id                           'X-RAY DIFFRACTION' 
_refine.pdbx_diffrn_id                           1 
_refine.pdbx_TLS_residual_ADP_flag               ? 
_refine.correlation_coeff_Fo_to_Fc               ? 
_refine.correlation_coeff_Fo_to_Fc_free          ? 
_refine.pdbx_solvent_vdw_probe_radii             ? 
_refine.pdbx_solvent_ion_probe_radii             ? 
_refine.pdbx_solvent_shrinkage_radii             ? 
_refine.pdbx_overall_phase_error                 ? 
_refine.overall_SU_R_Cruickshank_DPI             ? 
_refine.pdbx_overall_SU_R_free_Cruickshank_DPI   ? 
_refine.pdbx_overall_SU_R_Blow_DPI               ? 
_refine.pdbx_overall_SU_R_free_Blow_DPI          ? 
# 
_refine_hist.pdbx_refine_id                   'X-RAY DIFFRACTION' 
_refine_hist.cycle_id                         LAST 
_refine_hist.pdbx_number_atoms_protein        1272 
_refine_hist.pdbx_number_atoms_nucleic_acid   0 
_refine_hist.pdbx_number_atoms_ligand         5 
_refine_hist.number_atoms_solvent             5 
_refine_hist.number_atoms_total               1282 
_refine_hist.d_res_high                       2.8 
_refine_hist.d_res_low                        20.0 
# 
loop_
_refine_ls_restr.type 
_refine_ls_restr.dev_ideal 
_refine_ls_restr.dev_ideal_target 
_refine_ls_restr.weight 
_refine_ls_restr.number 
_refine_ls_restr.pdbx_refine_id 
_refine_ls_restr.pdbx_restraint_function 
x_bond_d                0.008 ? ? ? 'X-RAY DIFFRACTION' ? 
x_bond_d_na             ?     ? ? ? 'X-RAY DIFFRACTION' ? 
x_bond_d_prot           ?     ? ? ? 'X-RAY DIFFRACTION' ? 
x_angle_d               ?     ? ? ? 'X-RAY DIFFRACTION' ? 
x_angle_d_na            ?     ? ? ? 'X-RAY DIFFRACTION' ? 
x_angle_d_prot          ?     ? ? ? 'X-RAY DIFFRACTION' ? 
x_angle_deg             1.452 ? ? ? 'X-RAY DIFFRACTION' ? 
x_angle_deg_na          ?     ? ? ? 'X-RAY DIFFRACTION' ? 
x_angle_deg_prot        ?     ? ? ? 'X-RAY DIFFRACTION' ? 
x_dihedral_angle_d      23.76 ? ? ? 'X-RAY DIFFRACTION' ? 
x_dihedral_angle_d_na   ?     ? ? ? 'X-RAY DIFFRACTION' ? 
x_dihedral_angle_d_prot ?     ? ? ? 'X-RAY DIFFRACTION' ? 
x_improper_angle_d      1.143 ? ? ? 'X-RAY DIFFRACTION' ? 
x_improper_angle_d_na   ?     ? ? ? 'X-RAY DIFFRACTION' ? 
x_improper_angle_d_prot ?     ? ? ? 'X-RAY DIFFRACTION' ? 
x_mcbond_it             ?     ? ? ? 'X-RAY DIFFRACTION' ? 
x_mcangle_it            ?     ? ? ? 'X-RAY DIFFRACTION' ? 
x_scbond_it             ?     ? ? ? 'X-RAY DIFFRACTION' ? 
x_scangle_it            ?     ? ? ? 'X-RAY DIFFRACTION' ? 
# 
_struct.entry_id                  1QIB 
_struct.title                     'CRYSTAL STRUCTURE OF GELATINASE A CATALYTIC DOMAIN' 
_struct.pdbx_model_details        ? 
_struct.pdbx_CASP_flag            ? 
_struct.pdbx_model_type_details   ? 
# 
_struct_keywords.entry_id        1QIB 
_struct_keywords.pdbx_keywords   HYDROLASE 
_struct_keywords.text            'INHIBITOR, MATRIXIN, MATRIX METALLOPROTEINASE-2 (MMP-2), GELATINASE A, METZINCIN, HYDROLASE' 
# 
loop_
_struct_asym.id 
_struct_asym.pdbx_blank_PDB_chainid_flag 
_struct_asym.pdbx_modified 
_struct_asym.entity_id 
_struct_asym.details 
A N N 1 ? 
B N N 2 ? 
C N N 2 ? 
D N N 3 ? 
E N N 3 ? 
F N N 3 ? 
G N N 4 ? 
# 
loop_
_struct_ref.id 
_struct_ref.db_name 
_struct_ref.db_code 
_struct_ref.pdbx_db_accession 
_struct_ref.pdbx_db_isoform 
_struct_ref.entity_id 
_struct_ref.pdbx_seq_one_letter_code 
_struct_ref.pdbx_align_begin 
1 UNP MMP2_HUMAN P08253 ? 1 
;RKPKWDKNQITYRIIGYTPDLDPETVDDAFARAFQVWSDVTPLRFSRIHDGEADIMINFGRWEHGDGYPFDGKDGLLAHA
FAPGTGVGGDSHFDDDELW
;
115 
2 UNP MMP2_HUMAN P08253 ? 1 GYSLFLVAAHEFGHAMGLEHSQDPGALMAPIYTYTKNFRLSQDDIKGIQELYGASP                                               
394 
# 
loop_
_struct_ref_seq.align_id 
_struct_ref_seq.ref_id 
_struct_ref_seq.pdbx_PDB_id_code 
_struct_ref_seq.pdbx_strand_id 
_struct_ref_seq.seq_align_beg 
_struct_ref_seq.pdbx_seq_align_beg_ins_code 
_struct_ref_seq.seq_align_end 
_struct_ref_seq.pdbx_seq_align_end_ins_code 
_struct_ref_seq.pdbx_db_accession 
_struct_ref_seq.db_align_beg 
_struct_ref_seq.pdbx_db_align_beg_ins_code 
_struct_ref_seq.db_align_end 
_struct_ref_seq.pdbx_db_align_end_ins_code 
_struct_ref_seq.pdbx_auth_seq_align_beg 
_struct_ref_seq.pdbx_auth_seq_align_end 
1 1 1QIB A 1   ? 99  ? P08253 115 ? 213 ? 88  186 
2 2 1QIB A 106 ? 161 ? P08253 394 ? 449 ? 192 250 
# 
loop_
_struct_ref_seq_dif.align_id 
_struct_ref_seq_dif.pdbx_pdb_id_code 
_struct_ref_seq_dif.mon_id 
_struct_ref_seq_dif.pdbx_pdb_strand_id 
_struct_ref_seq_dif.seq_num 
_struct_ref_seq_dif.pdbx_pdb_ins_code 
_struct_ref_seq_dif.pdbx_seq_db_name 
_struct_ref_seq_dif.pdbx_seq_db_accession_code 
_struct_ref_seq_dif.db_mon_id 
_struct_ref_seq_dif.pdbx_seq_db_seq_num 
_struct_ref_seq_dif.details 
_struct_ref_seq_dif.pdbx_auth_seq_num 
_struct_ref_seq_dif.pdbx_ordinal 
1 1QIB SER A 100 ? UNP P08253 ? ? linker 187 1 
1 1QIB LEU A 101 ? UNP P08253 ? ? linker 188 2 
1 1QIB GLY A 102 ? UNP P08253 ? ? linker 189 3 
1 1QIB LYS A 103 ? UNP P08253 ? ? linker 190 4 
1 1QIB GLY A 104 A UNP P08253 ? ? linker 190 5 
1 1QIB VAL A 105 ? UNP P08253 ? ? linker 191 6 
# 
_pdbx_struct_assembly.id                   1 
_pdbx_struct_assembly.details              author_defined_assembly 
_pdbx_struct_assembly.method_details       ? 
_pdbx_struct_assembly.oligomeric_details   monomeric 
_pdbx_struct_assembly.oligomeric_count     1 
# 
_pdbx_struct_assembly_gen.assembly_id       1 
_pdbx_struct_assembly_gen.oper_expression   1 
_pdbx_struct_assembly_gen.asym_id_list      A,B,C,D,E,F,G 
# 
_pdbx_struct_oper_list.id                   1 
_pdbx_struct_oper_list.type                 'identity operation' 
_pdbx_struct_oper_list.name                 1_555 
_pdbx_struct_oper_list.symmetry_operation   x,y,z 
_pdbx_struct_oper_list.matrix[1][1]         1.0000000000 
_pdbx_struct_oper_list.matrix[1][2]         0.0000000000 
_pdbx_struct_oper_list.matrix[1][3]         0.0000000000 
_pdbx_struct_oper_list.vector[1]            0.0000000000 
_pdbx_struct_oper_list.matrix[2][1]         0.0000000000 
_pdbx_struct_oper_list.matrix[2][2]         1.0000000000 
_pdbx_struct_oper_list.matrix[2][3]         0.0000000000 
_pdbx_struct_oper_list.vector[2]            0.0000000000 
_pdbx_struct_oper_list.matrix[3][1]         0.0000000000 
_pdbx_struct_oper_list.matrix[3][2]         0.0000000000 
_pdbx_struct_oper_list.matrix[3][3]         1.0000000000 
_pdbx_struct_oper_list.vector[3]            0.0000000000 
# 
loop_
_struct_conf.conf_type_id 
_struct_conf.id 
_struct_conf.pdbx_PDB_helix_id 
_struct_conf.beg_label_comp_id 
_struct_conf.beg_label_asym_id 
_struct_conf.beg_label_seq_id 
_struct_conf.pdbx_beg_PDB_ins_code 
_struct_conf.end_label_comp_id 
_struct_conf.end_label_asym_id 
_struct_conf.end_label_seq_id 
_struct_conf.pdbx_end_PDB_ins_code 
_struct_conf.beg_auth_comp_id 
_struct_conf.beg_auth_asym_id 
_struct_conf.beg_auth_seq_id 
_struct_conf.end_auth_comp_id 
_struct_conf.end_auth_asym_id 
_struct_conf.end_auth_seq_id 
_struct_conf.pdbx_PDB_helix_class 
_struct_conf.details 
_struct_conf.pdbx_PDB_helix_length 
HELX_P HELX_P1 1 PRO A 23  ? SER A 38  ? PRO A 110 SER A 125 1 ? 16 
HELX_P HELX_P2 2 LEU A 109 ? MET A 121 ? LEU A 195 MET A 207 1 ? 13 
HELX_P HELX_P3 3 GLN A 147 ? TYR A 157 ? GLN A 236 TYR A 246 1 ? 11 
# 
_struct_conf_type.id          HELX_P 
_struct_conf_type.criteria    ? 
_struct_conf_type.reference   ? 
# 
loop_
_struct_conn.id 
_struct_conn.conn_type_id 
_struct_conn.pdbx_leaving_atom_flag 
_struct_conn.pdbx_PDB_id 
_struct_conn.ptnr1_label_asym_id 
_struct_conn.ptnr1_label_comp_id 
_struct_conn.ptnr1_label_seq_id 
_struct_conn.ptnr1_label_atom_id 
_struct_conn.pdbx_ptnr1_label_alt_id 
_struct_conn.pdbx_ptnr1_PDB_ins_code 
_struct_conn.pdbx_ptnr1_standard_comp_id 
_struct_conn.ptnr1_symmetry 
_struct_conn.ptnr2_label_asym_id 
_struct_conn.ptnr2_label_comp_id 
_struct_conn.ptnr2_label_seq_id 
_struct_conn.ptnr2_label_atom_id 
_struct_conn.pdbx_ptnr2_label_alt_id 
_struct_conn.pdbx_ptnr2_PDB_ins_code 
_struct_conn.ptnr1_auth_asym_id 
_struct_conn.ptnr1_auth_comp_id 
_struct_conn.ptnr1_auth_seq_id 
_struct_conn.ptnr2_auth_asym_id 
_struct_conn.ptnr2_auth_comp_id 
_struct_conn.ptnr2_auth_seq_id 
_struct_conn.ptnr2_symmetry 
_struct_conn.pdbx_ptnr3_label_atom_id 
_struct_conn.pdbx_ptnr3_label_seq_id 
_struct_conn.pdbx_ptnr3_label_comp_id 
_struct_conn.pdbx_ptnr3_label_asym_id 
_struct_conn.pdbx_ptnr3_label_alt_id 
_struct_conn.pdbx_ptnr3_PDB_ins_code 
_struct_conn.details 
_struct_conn.pdbx_dist_value 
_struct_conn.pdbx_value_order 
_struct_conn.pdbx_role 
metalc1  metalc ? ? A ASP 20  OD1 ? ? ? 1_555 F CA . CA ? ? A ASP 107 A CA 505 1_555 ? ? ? ? ? ? ? 3.052 ? ? 
metalc2  metalc ? ? A ASP 20  OD2 ? ? ? 1_555 F CA . CA ? ? A ASP 107 A CA 505 1_555 ? ? ? ? ? ? ? 2.593 ? ? 
metalc3  metalc ? ? A ASP 54  O   ? ? ? 1_555 E CA . CA ? ? A ASP 141 A CA 504 1_555 ? ? ? ? ? ? ? 2.546 ? ? 
metalc4  metalc ? ? A HIS 64  NE2 ? ? ? 1_555 C ZN . ZN ? ? A HIS 151 A ZN 502 1_555 ? ? ? ? ? ? ? 2.341 ? ? 
metalc5  metalc ? ? A ASP 66  OD2 ? ? ? 1_555 C ZN . ZN ? ? A ASP 153 A ZN 502 1_555 ? ? ? ? ? ? ? 2.695 ? ? 
metalc6  metalc ? ? A ASP 71  OD1 ? ? ? 1_555 D CA . CA ? ? A ASP 158 A CA 503 1_555 ? ? ? ? ? ? ? 2.870 ? ? 
metalc7  metalc ? ? A GLY 72  O   ? ? ? 1_555 D CA . CA ? ? A GLY 159 A CA 503 1_555 ? ? ? ? ? ? ? 2.496 ? ? 
metalc8  metalc ? ? A ASP 74  O   ? ? ? 1_555 D CA . CA ? ? A ASP 161 A CA 503 1_555 ? ? ? ? ? ? ? 2.585 ? ? 
metalc9  metalc ? ? A LEU 76  O   ? ? ? 1_555 D CA . CA ? ? A LEU 163 A CA 503 1_555 ? ? ? ? ? ? ? 2.671 ? ? 
metalc10 metalc ? ? A HIS 79  NE2 ? ? ? 1_555 C ZN . ZN ? ? A HIS 166 A ZN 502 1_555 ? ? ? ? ? ? ? 2.352 ? ? 
metalc11 metalc ? ? A GLY 86  O   ? ? ? 1_555 E CA . CA ? ? A GLY 173 A CA 504 1_555 ? ? ? ? ? ? ? 2.584 ? ? 
metalc12 metalc ? ? A GLY 88  O   ? ? ? 1_555 E CA . CA ? ? A GLY 175 A CA 504 1_555 ? ? ? ? ? ? ? 2.655 ? ? 
metalc13 metalc ? ? A ASP 90  OD1 ? ? ? 1_555 E CA . CA ? ? A ASP 177 A CA 504 1_555 ? ? ? ? ? ? ? 2.690 ? ? 
metalc14 metalc ? ? A HIS 92  ND1 ? ? ? 1_555 C ZN . ZN ? ? A HIS 179 A ZN 502 1_555 ? ? ? ? ? ? ? 2.282 ? ? 
metalc15 metalc ? ? A ASP 94  OD2 ? ? ? 1_555 D CA . CA ? ? A ASP 181 A CA 503 1_555 ? ? ? ? ? ? ? 2.576 ? ? 
metalc16 metalc ? ? A ASP 95  OD1 ? ? ? 1_555 F CA . CA ? ? A ASP 182 A CA 505 1_555 ? ? ? ? ? ? ? 2.801 ? ? 
metalc17 metalc ? ? A ASP 95  O   ? ? ? 1_555 F CA . CA ? ? A ASP 182 A CA 505 1_555 ? ? ? ? ? ? ? 2.680 ? ? 
metalc18 metalc ? ? A GLU 97  OE2 ? ? ? 1_555 D CA . CA ? ? A GLU 184 A CA 503 1_555 ? ? ? ? ? ? ? 2.659 ? ? 
metalc19 metalc ? ? A GLU 97  O   ? ? ? 1_555 F CA . CA ? ? A GLU 184 A CA 505 1_555 ? ? ? ? ? ? ? 2.514 ? ? 
metalc20 metalc ? ? A HIS 115 NE2 ? ? ? 1_555 B ZN . ZN ? ? A HIS 201 A ZN 501 1_555 ? ? ? ? ? ? ? 2.360 ? ? 
metalc21 metalc ? ? A HIS 119 NE2 ? ? ? 1_555 B ZN . ZN ? ? A HIS 205 A ZN 501 1_555 ? ? ? ? ? ? ? 2.315 ? ? 
metalc22 metalc ? ? A HIS 125 NE2 ? ? ? 1_555 B ZN . ZN ? ? A HIS 211 A ZN 501 1_555 ? ? ? ? ? ? ? 2.325 ? ? 
metalc23 metalc ? ? G HOH .   O   ? ? ? 1_555 F CA . CA ? ? A HOH 301 A CA 505 1_555 ? ? ? ? ? ? ? 2.934 ? ? 
metalc24 metalc ? ? G HOH .   O   ? ? ? 1_555 F CA . CA ? ? A HOH 302 A CA 505 1_555 ? ? ? ? ? ? ? 2.729 ? ? 
metalc25 metalc ? ? G HOH .   O   ? ? ? 1_555 E CA . CA ? ? A HOH 303 A CA 504 1_555 ? ? ? ? ? ? ? 2.538 ? ? 
metalc26 metalc ? ? G HOH .   O   ? ? ? 1_555 E CA . CA ? ? A HOH 304 A CA 504 1_555 ? ? ? ? ? ? ? 2.679 ? ? 
# 
_struct_conn_type.id          metalc 
_struct_conn_type.criteria    ? 
_struct_conn_type.reference   ? 
# 
loop_
_pdbx_struct_conn_angle.id 
_pdbx_struct_conn_angle.ptnr1_label_atom_id 
_pdbx_struct_conn_angle.ptnr1_label_alt_id 
_pdbx_struct_conn_angle.ptnr1_label_asym_id 
_pdbx_struct_conn_angle.ptnr1_label_comp_id 
_pdbx_struct_conn_angle.ptnr1_label_seq_id 
_pdbx_struct_conn_angle.ptnr1_auth_atom_id 
_pdbx_struct_conn_angle.ptnr1_auth_asym_id 
_pdbx_struct_conn_angle.ptnr1_auth_comp_id 
_pdbx_struct_conn_angle.ptnr1_auth_seq_id 
_pdbx_struct_conn_angle.ptnr1_PDB_ins_code 
_pdbx_struct_conn_angle.ptnr1_symmetry 
_pdbx_struct_conn_angle.ptnr2_label_atom_id 
_pdbx_struct_conn_angle.ptnr2_label_alt_id 
_pdbx_struct_conn_angle.ptnr2_label_asym_id 
_pdbx_struct_conn_angle.ptnr2_label_comp_id 
_pdbx_struct_conn_angle.ptnr2_label_seq_id 
_pdbx_struct_conn_angle.ptnr2_auth_atom_id 
_pdbx_struct_conn_angle.ptnr2_auth_asym_id 
_pdbx_struct_conn_angle.ptnr2_auth_comp_id 
_pdbx_struct_conn_angle.ptnr2_auth_seq_id 
_pdbx_struct_conn_angle.ptnr2_PDB_ins_code 
_pdbx_struct_conn_angle.ptnr2_symmetry 
_pdbx_struct_conn_angle.ptnr3_label_atom_id 
_pdbx_struct_conn_angle.ptnr3_label_alt_id 
_pdbx_struct_conn_angle.ptnr3_label_asym_id 
_pdbx_struct_conn_angle.ptnr3_label_comp_id 
_pdbx_struct_conn_angle.ptnr3_label_seq_id 
_pdbx_struct_conn_angle.ptnr3_auth_atom_id 
_pdbx_struct_conn_angle.ptnr3_auth_asym_id 
_pdbx_struct_conn_angle.ptnr3_auth_comp_id 
_pdbx_struct_conn_angle.ptnr3_auth_seq_id 
_pdbx_struct_conn_angle.ptnr3_PDB_ins_code 
_pdbx_struct_conn_angle.ptnr3_symmetry 
_pdbx_struct_conn_angle.value 
_pdbx_struct_conn_angle.value_esd 
1  OD1 ? A ASP 20  ? A ASP 107 ? 1_555 CA ? F CA . ? A CA 505 ? 1_555 OD2 ? A ASP 20  ? A ASP 107 ? 1_555 45.0  ? 
2  OD1 ? A ASP 20  ? A ASP 107 ? 1_555 CA ? F CA . ? A CA 505 ? 1_555 OD1 ? A ASP 95  ? A ASP 182 ? 1_555 103.8 ? 
3  OD2 ? A ASP 20  ? A ASP 107 ? 1_555 CA ? F CA . ? A CA 505 ? 1_555 OD1 ? A ASP 95  ? A ASP 182 ? 1_555 82.0  ? 
4  OD1 ? A ASP 20  ? A ASP 107 ? 1_555 CA ? F CA . ? A CA 505 ? 1_555 O   ? A ASP 95  ? A ASP 182 ? 1_555 157.5 ? 
5  OD2 ? A ASP 20  ? A ASP 107 ? 1_555 CA ? F CA . ? A CA 505 ? 1_555 O   ? A ASP 95  ? A ASP 182 ? 1_555 149.0 ? 
6  OD1 ? A ASP 95  ? A ASP 182 ? 1_555 CA ? F CA . ? A CA 505 ? 1_555 O   ? A ASP 95  ? A ASP 182 ? 1_555 71.8  ? 
7  OD1 ? A ASP 20  ? A ASP 107 ? 1_555 CA ? F CA . ? A CA 505 ? 1_555 O   ? A GLU 97  ? A GLU 184 ? 1_555 112.4 ? 
8  OD2 ? A ASP 20  ? A ASP 107 ? 1_555 CA ? F CA . ? A CA 505 ? 1_555 O   ? A GLU 97  ? A GLU 184 ? 1_555 81.5  ? 
9  OD1 ? A ASP 95  ? A ASP 182 ? 1_555 CA ? F CA . ? A CA 505 ? 1_555 O   ? A GLU 97  ? A GLU 184 ? 1_555 105.7 ? 
10 O   ? A ASP 95  ? A ASP 182 ? 1_555 CA ? F CA . ? A CA 505 ? 1_555 O   ? A GLU 97  ? A GLU 184 ? 1_555 89.8  ? 
11 OD1 ? A ASP 20  ? A ASP 107 ? 1_555 CA ? F CA . ? A CA 505 ? 1_555 O   ? G HOH .   ? A HOH 301 ? 1_555 81.8  ? 
12 OD2 ? A ASP 20  ? A ASP 107 ? 1_555 CA ? F CA . ? A CA 505 ? 1_555 O   ? G HOH .   ? A HOH 301 ? 1_555 121.1 ? 
13 OD1 ? A ASP 95  ? A ASP 182 ? 1_555 CA ? F CA . ? A CA 505 ? 1_555 O   ? G HOH .   ? A HOH 301 ? 1_555 90.4  ? 
14 O   ? A ASP 95  ? A ASP 182 ? 1_555 CA ? F CA . ? A CA 505 ? 1_555 O   ? G HOH .   ? A HOH 301 ? 1_555 76.3  ? 
15 O   ? A GLU 97  ? A GLU 184 ? 1_555 CA ? F CA . ? A CA 505 ? 1_555 O   ? G HOH .   ? A HOH 301 ? 1_555 154.4 ? 
16 OD1 ? A ASP 20  ? A ASP 107 ? 1_555 CA ? F CA . ? A CA 505 ? 1_555 O   ? G HOH .   ? A HOH 302 ? 1_555 82.0  ? 
17 OD2 ? A ASP 20  ? A ASP 107 ? 1_555 CA ? F CA . ? A CA 505 ? 1_555 O   ? G HOH .   ? A HOH 302 ? 1_555 105.5 ? 
18 OD1 ? A ASP 95  ? A ASP 182 ? 1_555 CA ? F CA . ? A CA 505 ? 1_555 O   ? G HOH .   ? A HOH 302 ? 1_555 172.4 ? 
19 O   ? A ASP 95  ? A ASP 182 ? 1_555 CA ? F CA . ? A CA 505 ? 1_555 O   ? G HOH .   ? A HOH 302 ? 1_555 101.0 ? 
20 O   ? A GLU 97  ? A GLU 184 ? 1_555 CA ? F CA . ? A CA 505 ? 1_555 O   ? G HOH .   ? A HOH 302 ? 1_555 76.0  ? 
21 O   ? G HOH .   ? A HOH 301 ? 1_555 CA ? F CA . ? A CA 505 ? 1_555 O   ? G HOH .   ? A HOH 302 ? 1_555 85.6  ? 
22 O   ? A ASP 54  ? A ASP 141 ? 1_555 CA ? E CA . ? A CA 504 ? 1_555 O   ? A GLY 86  ? A GLY 173 ? 1_555 162.7 ? 
23 O   ? A ASP 54  ? A ASP 141 ? 1_555 CA ? E CA . ? A CA 504 ? 1_555 O   ? A GLY 88  ? A GLY 175 ? 1_555 90.5  ? 
24 O   ? A GLY 86  ? A GLY 173 ? 1_555 CA ? E CA . ? A CA 504 ? 1_555 O   ? A GLY 88  ? A GLY 175 ? 1_555 97.1  ? 
25 O   ? A ASP 54  ? A ASP 141 ? 1_555 CA ? E CA . ? A CA 504 ? 1_555 OD1 ? A ASP 90  ? A ASP 177 ? 1_555 102.7 ? 
26 O   ? A GLY 86  ? A GLY 173 ? 1_555 CA ? E CA . ? A CA 504 ? 1_555 OD1 ? A ASP 90  ? A ASP 177 ? 1_555 92.4  ? 
27 O   ? A GLY 88  ? A GLY 175 ? 1_555 CA ? E CA . ? A CA 504 ? 1_555 OD1 ? A ASP 90  ? A ASP 177 ? 1_555 93.3  ? 
28 O   ? A ASP 54  ? A ASP 141 ? 1_555 CA ? E CA . ? A CA 504 ? 1_555 O   ? G HOH .   ? A HOH 303 ? 1_555 85.6  ? 
29 O   ? A GLY 86  ? A GLY 173 ? 1_555 CA ? E CA . ? A CA 504 ? 1_555 O   ? G HOH .   ? A HOH 303 ? 1_555 82.9  ? 
30 O   ? A GLY 88  ? A GLY 175 ? 1_555 CA ? E CA . ? A CA 504 ? 1_555 O   ? G HOH .   ? A HOH 303 ? 1_555 68.4  ? 
31 OD1 ? A ASP 90  ? A ASP 177 ? 1_555 CA ? E CA . ? A CA 504 ? 1_555 O   ? G HOH .   ? A HOH 303 ? 1_555 160.1 ? 
32 O   ? A ASP 54  ? A ASP 141 ? 1_555 CA ? E CA . ? A CA 504 ? 1_555 O   ? G HOH .   ? A HOH 304 ? 1_555 98.7  ? 
33 O   ? A GLY 86  ? A GLY 173 ? 1_555 CA ? E CA . ? A CA 504 ? 1_555 O   ? G HOH .   ? A HOH 304 ? 1_555 70.6  ? 
34 O   ? A GLY 88  ? A GLY 175 ? 1_555 CA ? E CA . ? A CA 504 ? 1_555 O   ? G HOH .   ? A HOH 304 ? 1_555 163.8 ? 
35 OD1 ? A ASP 90  ? A ASP 177 ? 1_555 CA ? E CA . ? A CA 504 ? 1_555 O   ? G HOH .   ? A HOH 304 ? 1_555 97.6  ? 
36 O   ? G HOH .   ? A HOH 303 ? 1_555 CA ? E CA . ? A CA 504 ? 1_555 O   ? G HOH .   ? A HOH 304 ? 1_555 98.9  ? 
37 NE2 ? A HIS 64  ? A HIS 151 ? 1_555 ZN ? C ZN . ? A ZN 502 ? 1_555 OD2 ? A ASP 66  ? A ASP 153 ? 1_555 120.9 ? 
38 NE2 ? A HIS 64  ? A HIS 151 ? 1_555 ZN ? C ZN . ? A ZN 502 ? 1_555 NE2 ? A HIS 79  ? A HIS 166 ? 1_555 98.5  ? 
39 OD2 ? A ASP 66  ? A ASP 153 ? 1_555 ZN ? C ZN . ? A ZN 502 ? 1_555 NE2 ? A HIS 79  ? A HIS 166 ? 1_555 99.1  ? 
40 NE2 ? A HIS 64  ? A HIS 151 ? 1_555 ZN ? C ZN . ? A ZN 502 ? 1_555 ND1 ? A HIS 92  ? A HIS 179 ? 1_555 104.1 ? 
41 OD2 ? A ASP 66  ? A ASP 153 ? 1_555 ZN ? C ZN . ? A ZN 502 ? 1_555 ND1 ? A HIS 92  ? A HIS 179 ? 1_555 121.9 ? 
42 NE2 ? A HIS 79  ? A HIS 166 ? 1_555 ZN ? C ZN . ? A ZN 502 ? 1_555 ND1 ? A HIS 92  ? A HIS 179 ? 1_555 109.0 ? 
43 OD1 ? A ASP 71  ? A ASP 158 ? 1_555 CA ? D CA . ? A CA 503 ? 1_555 O   ? A GLY 72  ? A GLY 159 ? 1_555 124.0 ? 
44 OD1 ? A ASP 71  ? A ASP 158 ? 1_555 CA ? D CA . ? A CA 503 ? 1_555 O   ? A ASP 74  ? A ASP 161 ? 1_555 96.8  ? 
45 O   ? A GLY 72  ? A GLY 159 ? 1_555 CA ? D CA . ? A CA 503 ? 1_555 O   ? A ASP 74  ? A ASP 161 ? 1_555 84.1  ? 
46 OD1 ? A ASP 71  ? A ASP 158 ? 1_555 CA ? D CA . ? A CA 503 ? 1_555 O   ? A LEU 76  ? A LEU 163 ? 1_555 87.2  ? 
47 O   ? A GLY 72  ? A GLY 159 ? 1_555 CA ? D CA . ? A CA 503 ? 1_555 O   ? A LEU 76  ? A LEU 163 ? 1_555 148.3 ? 
48 O   ? A ASP 74  ? A ASP 161 ? 1_555 CA ? D CA . ? A CA 503 ? 1_555 O   ? A LEU 76  ? A LEU 163 ? 1_555 87.3  ? 
49 OD1 ? A ASP 71  ? A ASP 158 ? 1_555 CA ? D CA . ? A CA 503 ? 1_555 OD2 ? A ASP 94  ? A ASP 181 ? 1_555 109.7 ? 
50 O   ? A GLY 72  ? A GLY 159 ? 1_555 CA ? D CA . ? A CA 503 ? 1_555 OD2 ? A ASP 94  ? A ASP 181 ? 1_555 74.7  ? 
51 O   ? A ASP 74  ? A ASP 161 ? 1_555 CA ? D CA . ? A CA 503 ? 1_555 OD2 ? A ASP 94  ? A ASP 181 ? 1_555 152.3 ? 
52 O   ? A LEU 76  ? A LEU 163 ? 1_555 CA ? D CA . ? A CA 503 ? 1_555 OD2 ? A ASP 94  ? A ASP 181 ? 1_555 101.4 ? 
53 OD1 ? A ASP 71  ? A ASP 158 ? 1_555 CA ? D CA . ? A CA 503 ? 1_555 OE2 ? A GLU 97  ? A GLU 184 ? 1_555 157.3 ? 
54 O   ? A GLY 72  ? A GLY 159 ? 1_555 CA ? D CA . ? A CA 503 ? 1_555 OE2 ? A GLU 97  ? A GLU 184 ? 1_555 77.0  ? 
55 O   ? A ASP 74  ? A ASP 161 ? 1_555 CA ? D CA . ? A CA 503 ? 1_555 OE2 ? A GLU 97  ? A GLU 184 ? 1_555 75.2  ? 
56 O   ? A LEU 76  ? A LEU 163 ? 1_555 CA ? D CA . ? A CA 503 ? 1_555 OE2 ? A GLU 97  ? A GLU 184 ? 1_555 71.3  ? 
57 OD2 ? A ASP 94  ? A ASP 181 ? 1_555 CA ? D CA . ? A CA 503 ? 1_555 OE2 ? A GLU 97  ? A GLU 184 ? 1_555 82.7  ? 
58 NE2 ? A HIS 115 ? A HIS 201 ? 1_555 ZN ? B ZN . ? A ZN 501 ? 1_555 NE2 ? A HIS 119 ? A HIS 205 ? 1_555 103.3 ? 
59 NE2 ? A HIS 115 ? A HIS 201 ? 1_555 ZN ? B ZN . ? A ZN 501 ? 1_555 NE2 ? A HIS 125 ? A HIS 211 ? 1_555 103.6 ? 
60 NE2 ? A HIS 119 ? A HIS 205 ? 1_555 ZN ? B ZN . ? A ZN 501 ? 1_555 NE2 ? A HIS 125 ? A HIS 211 ? 1_555 96.8  ? 
# 
_struct_sheet.id               A 
_struct_sheet.type             ? 
_struct_sheet.number_strands   5 
_struct_sheet.details          ? 
# 
loop_
_struct_sheet_order.sheet_id 
_struct_sheet_order.range_id_1 
_struct_sheet_order.range_id_2 
_struct_sheet_order.offset 
_struct_sheet_order.sense 
A 1 2 ? parallel      
A 2 3 ? parallel      
A 3 4 ? parallel      
A 4 5 ? anti-parallel 
# 
loop_
_struct_sheet_range.sheet_id 
_struct_sheet_range.id 
_struct_sheet_range.beg_label_comp_id 
_struct_sheet_range.beg_label_asym_id 
_struct_sheet_range.beg_label_seq_id 
_struct_sheet_range.pdbx_beg_PDB_ins_code 
_struct_sheet_range.end_label_comp_id 
_struct_sheet_range.end_label_asym_id 
_struct_sheet_range.end_label_seq_id 
_struct_sheet_range.pdbx_end_PDB_ins_code 
_struct_sheet_range.beg_auth_comp_id 
_struct_sheet_range.beg_auth_asym_id 
_struct_sheet_range.beg_auth_seq_id 
_struct_sheet_range.end_auth_comp_id 
_struct_sheet_range.end_auth_asym_id 
_struct_sheet_range.end_auth_seq_id 
A 1 ARG A 44 ? ARG A 47 ? ARG A 131 ARG A 134 
A 2 GLN A 9  ? ILE A 14 ? GLN A 96  ILE A 101 
A 3 ILE A 55 ? GLY A 60 ? ILE A 142 GLY A 147 
A 4 SER A 91 ? ASP A 94 ? SER A 178 ASP A 181 
A 5 ALA A 78 ? ALA A 80 ? ALA A 165 ALA A 167 
# 
loop_
_pdbx_struct_sheet_hbond.sheet_id 
_pdbx_struct_sheet_hbond.range_id_1 
_pdbx_struct_sheet_hbond.range_id_2 
_pdbx_struct_sheet_hbond.range_1_label_atom_id 
_pdbx_struct_sheet_hbond.range_1_label_comp_id 
_pdbx_struct_sheet_hbond.range_1_label_asym_id 
_pdbx_struct_sheet_hbond.range_1_label_seq_id 
_pdbx_struct_sheet_hbond.range_1_PDB_ins_code 
_pdbx_struct_sheet_hbond.range_1_auth_atom_id 
_pdbx_struct_sheet_hbond.range_1_auth_comp_id 
_pdbx_struct_sheet_hbond.range_1_auth_asym_id 
_pdbx_struct_sheet_hbond.range_1_auth_seq_id 
_pdbx_struct_sheet_hbond.range_2_label_atom_id 
_pdbx_struct_sheet_hbond.range_2_label_comp_id 
_pdbx_struct_sheet_hbond.range_2_label_asym_id 
_pdbx_struct_sheet_hbond.range_2_label_seq_id 
_pdbx_struct_sheet_hbond.range_2_PDB_ins_code 
_pdbx_struct_sheet_hbond.range_2_auth_atom_id 
_pdbx_struct_sheet_hbond.range_2_auth_comp_id 
_pdbx_struct_sheet_hbond.range_2_auth_asym_id 
_pdbx_struct_sheet_hbond.range_2_auth_seq_id 
A 1 2 O ARG A 44 ? O ARG A 131 N ILE A 10 ? N ILE A 97  
A 2 3 O ARG A 13 ? O ARG A 100 N ILE A 55 ? N ILE A 142 
A 3 4 O ASN A 58 ? O ASN A 145 N SER A 91 ? N SER A 178 
A 4 5 O HIS A 92 ? O HIS A 179 N HIS A 79 ? N HIS A 166 
# 
loop_
_struct_site.id 
_struct_site.pdbx_evidence_code 
_struct_site.pdbx_auth_asym_id 
_struct_site.pdbx_auth_comp_id 
_struct_site.pdbx_auth_seq_id 
_struct_site.pdbx_auth_ins_code 
_struct_site.pdbx_num_residues 
_struct_site.details 
AC1 Software A ZN 501 ? 3 'BINDING SITE FOR RESIDUE ZN A 501' 
AC2 Software A ZN 502 ? 4 'BINDING SITE FOR RESIDUE ZN A 502' 
AC3 Software A CA 503 ? 6 'BINDING SITE FOR RESIDUE CA A 503' 
AC4 Software A CA 504 ? 6 'BINDING SITE FOR RESIDUE CA A 504' 
AC5 Software A CA 505 ? 5 'BINDING SITE FOR RESIDUE CA A 505' 
# 
loop_
_struct_site_gen.id 
_struct_site_gen.site_id 
_struct_site_gen.pdbx_num_res 
_struct_site_gen.label_comp_id 
_struct_site_gen.label_asym_id 
_struct_site_gen.label_seq_id 
_struct_site_gen.pdbx_auth_ins_code 
_struct_site_gen.auth_comp_id 
_struct_site_gen.auth_asym_id 
_struct_site_gen.auth_seq_id 
_struct_site_gen.label_atom_id 
_struct_site_gen.label_alt_id 
_struct_site_gen.symmetry 
_struct_site_gen.details 
1  AC1 3 HIS A 115 ? HIS A 201 . ? 1_555 ? 
2  AC1 3 HIS A 119 ? HIS A 205 . ? 1_555 ? 
3  AC1 3 HIS A 125 ? HIS A 211 . ? 1_555 ? 
4  AC2 4 HIS A 64  ? HIS A 151 . ? 1_555 ? 
5  AC2 4 ASP A 66  ? ASP A 153 . ? 1_555 ? 
6  AC2 4 HIS A 79  ? HIS A 166 . ? 1_555 ? 
7  AC2 4 HIS A 92  ? HIS A 179 . ? 1_555 ? 
8  AC3 6 ASP A 71  ? ASP A 158 . ? 1_555 ? 
9  AC3 6 GLY A 72  ? GLY A 159 . ? 1_555 ? 
10 AC3 6 ASP A 74  ? ASP A 161 . ? 1_555 ? 
11 AC3 6 LEU A 76  ? LEU A 163 . ? 1_555 ? 
12 AC3 6 ASP A 94  ? ASP A 181 . ? 1_555 ? 
13 AC3 6 GLU A 97  ? GLU A 184 . ? 1_555 ? 
14 AC4 6 ASP A 54  ? ASP A 141 . ? 1_555 ? 
15 AC4 6 GLY A 86  ? GLY A 173 . ? 1_555 ? 
16 AC4 6 GLY A 88  ? GLY A 175 . ? 1_555 ? 
17 AC4 6 ASP A 90  ? ASP A 177 . ? 1_555 ? 
18 AC4 6 HOH G .   ? HOH A 303 . ? 1_555 ? 
19 AC4 6 HOH G .   ? HOH A 304 . ? 1_555 ? 
20 AC5 5 ASP A 20  ? ASP A 107 . ? 1_555 ? 
21 AC5 5 ASP A 95  ? ASP A 182 . ? 1_555 ? 
22 AC5 5 GLU A 97  ? GLU A 184 . ? 1_555 ? 
23 AC5 5 HOH G .   ? HOH A 301 . ? 1_555 ? 
24 AC5 5 HOH G .   ? HOH A 302 . ? 1_555 ? 
# 
loop_
_pdbx_validate_torsion.id 
_pdbx_validate_torsion.PDB_model_num 
_pdbx_validate_torsion.auth_comp_id 
_pdbx_validate_torsion.auth_asym_id 
_pdbx_validate_torsion.auth_seq_id 
_pdbx_validate_torsion.PDB_ins_code 
_pdbx_validate_torsion.label_alt_id 
_pdbx_validate_torsion.phi 
_pdbx_validate_torsion.psi 
1 1 TRP A 149 ? ? 44.86   -145.47 
2 1 ASP A 153 ? ? -151.05 9.84    
3 1 ASP A 158 ? ? -144.76 44.34   
4 1 ASP A 161 ? ? 58.26   -172.33 
5 1 LYS A 190 ? ? 88.70   -118.45 
6 1 VAL A 191 ? ? 178.34  122.32  
# 
_pdbx_entry_details.compound_details         ? 
_pdbx_entry_details.entry_id                 1QIB 
_pdbx_entry_details.nonpolymer_details       ? 
_pdbx_entry_details.sequence_details         
'THE WHOLE FIBRONECTIN DOMAIN DELETED AND REPLACED WITH THE SHORT SEGMENT SLGKGV (187-191), STROMELYSIN NUMBERING' 
_pdbx_entry_details.source_details           ? 
_pdbx_entry_details.has_ligand_of_interest   ? 
# 
loop_
_chem_comp_atom.comp_id 
_chem_comp_atom.atom_id 
_chem_comp_atom.type_symbol 
_chem_comp_atom.pdbx_aromatic_flag 
_chem_comp_atom.pdbx_stereo_config 
_chem_comp_atom.pdbx_ordinal 
ALA N    N  N N 1   
ALA CA   C  N S 2   
ALA C    C  N N 3   
ALA O    O  N N 4   
ALA CB   C  N N 5   
ALA OXT  O  N N 6   
ALA H    H  N N 7   
ALA H2   H  N N 8   
ALA HA   H  N N 9   
ALA HB1  H  N N 10  
ALA HB2  H  N N 11  
ALA HB3  H  N N 12  
ALA HXT  H  N N 13  
ARG N    N  N N 14  
ARG CA   C  N S 15  
ARG C    C  N N 16  
ARG O    O  N N 17  
ARG CB   C  N N 18  
ARG CG   C  N N 19  
ARG CD   C  N N 20  
ARG NE   N  N N 21  
ARG CZ   C  N N 22  
ARG NH1  N  N N 23  
ARG NH2  N  N N 24  
ARG OXT  O  N N 25  
ARG H    H  N N 26  
ARG H2   H  N N 27  
ARG HA   H  N N 28  
ARG HB2  H  N N 29  
ARG HB3  H  N N 30  
ARG HG2  H  N N 31  
ARG HG3  H  N N 32  
ARG HD2  H  N N 33  
ARG HD3  H  N N 34  
ARG HE   H  N N 35  
ARG HH11 H  N N 36  
ARG HH12 H  N N 37  
ARG HH21 H  N N 38  
ARG HH22 H  N N 39  
ARG HXT  H  N N 40  
ASN N    N  N N 41  
ASN CA   C  N S 42  
ASN C    C  N N 43  
ASN O    O  N N 44  
ASN CB   C  N N 45  
ASN CG   C  N N 46  
ASN OD1  O  N N 47  
ASN ND2  N  N N 48  
ASN OXT  O  N N 49  
ASN H    H  N N 50  
ASN H2   H  N N 51  
ASN HA   H  N N 52  
ASN HB2  H  N N 53  
ASN HB3  H  N N 54  
ASN HD21 H  N N 55  
ASN HD22 H  N N 56  
ASN HXT  H  N N 57  
ASP N    N  N N 58  
ASP CA   C  N S 59  
ASP C    C  N N 60  
ASP O    O  N N 61  
ASP CB   C  N N 62  
ASP CG   C  N N 63  
ASP OD1  O  N N 64  
ASP OD2  O  N N 65  
ASP OXT  O  N N 66  
ASP H    H  N N 67  
ASP H2   H  N N 68  
ASP HA   H  N N 69  
ASP HB2  H  N N 70  
ASP HB3  H  N N 71  
ASP HD2  H  N N 72  
ASP HXT  H  N N 73  
CA  CA   CA N N 74  
GLN N    N  N N 75  
GLN CA   C  N S 76  
GLN C    C  N N 77  
GLN O    O  N N 78  
GLN CB   C  N N 79  
GLN CG   C  N N 80  
GLN CD   C  N N 81  
GLN OE1  O  N N 82  
GLN NE2  N  N N 83  
GLN OXT  O  N N 84  
GLN H    H  N N 85  
GLN H2   H  N N 86  
GLN HA   H  N N 87  
GLN HB2  H  N N 88  
GLN HB3  H  N N 89  
GLN HG2  H  N N 90  
GLN HG3  H  N N 91  
GLN HE21 H  N N 92  
GLN HE22 H  N N 93  
GLN HXT  H  N N 94  
GLU N    N  N N 95  
GLU CA   C  N S 96  
GLU C    C  N N 97  
GLU O    O  N N 98  
GLU CB   C  N N 99  
GLU CG   C  N N 100 
GLU CD   C  N N 101 
GLU OE1  O  N N 102 
GLU OE2  O  N N 103 
GLU OXT  O  N N 104 
GLU H    H  N N 105 
GLU H2   H  N N 106 
GLU HA   H  N N 107 
GLU HB2  H  N N 108 
GLU HB3  H  N N 109 
GLU HG2  H  N N 110 
GLU HG3  H  N N 111 
GLU HE2  H  N N 112 
GLU HXT  H  N N 113 
GLY N    N  N N 114 
GLY CA   C  N N 115 
GLY C    C  N N 116 
GLY O    O  N N 117 
GLY OXT  O  N N 118 
GLY H    H  N N 119 
GLY H2   H  N N 120 
GLY HA2  H  N N 121 
GLY HA3  H  N N 122 
GLY HXT  H  N N 123 
HIS N    N  N N 124 
HIS CA   C  N S 125 
HIS C    C  N N 126 
HIS O    O  N N 127 
HIS CB   C  N N 128 
HIS CG   C  Y N 129 
HIS ND1  N  Y N 130 
HIS CD2  C  Y N 131 
HIS CE1  C  Y N 132 
HIS NE2  N  Y N 133 
HIS OXT  O  N N 134 
HIS H    H  N N 135 
HIS H2   H  N N 136 
HIS HA   H  N N 137 
HIS HB2  H  N N 138 
HIS HB3  H  N N 139 
HIS HD1  H  N N 140 
HIS HD2  H  N N 141 
HIS HE1  H  N N 142 
HIS HE2  H  N N 143 
HIS HXT  H  N N 144 
HOH O    O  N N 145 
HOH H1   H  N N 146 
HOH H2   H  N N 147 
ILE N    N  N N 148 
ILE CA   C  N S 149 
ILE C    C  N N 150 
ILE O    O  N N 151 
ILE CB   C  N S 152 
ILE CG1  C  N N 153 
ILE CG2  C  N N 154 
ILE CD1  C  N N 155 
ILE OXT  O  N N 156 
ILE H    H  N N 157 
ILE H2   H  N N 158 
ILE HA   H  N N 159 
ILE HB   H  N N 160 
ILE HG12 H  N N 161 
ILE HG13 H  N N 162 
ILE HG21 H  N N 163 
ILE HG22 H  N N 164 
ILE HG23 H  N N 165 
ILE HD11 H  N N 166 
ILE HD12 H  N N 167 
ILE HD13 H  N N 168 
ILE HXT  H  N N 169 
LEU N    N  N N 170 
LEU CA   C  N S 171 
LEU C    C  N N 172 
LEU O    O  N N 173 
LEU CB   C  N N 174 
LEU CG   C  N N 175 
LEU CD1  C  N N 176 
LEU CD2  C  N N 177 
LEU OXT  O  N N 178 
LEU H    H  N N 179 
LEU H2   H  N N 180 
LEU HA   H  N N 181 
LEU HB2  H  N N 182 
LEU HB3  H  N N 183 
LEU HG   H  N N 184 
LEU HD11 H  N N 185 
LEU HD12 H  N N 186 
LEU HD13 H  N N 187 
LEU HD21 H  N N 188 
LEU HD22 H  N N 189 
LEU HD23 H  N N 190 
LEU HXT  H  N N 191 
LYS N    N  N N 192 
LYS CA   C  N S 193 
LYS C    C  N N 194 
LYS O    O  N N 195 
LYS CB   C  N N 196 
LYS CG   C  N N 197 
LYS CD   C  N N 198 
LYS CE   C  N N 199 
LYS NZ   N  N N 200 
LYS OXT  O  N N 201 
LYS H    H  N N 202 
LYS H2   H  N N 203 
LYS HA   H  N N 204 
LYS HB2  H  N N 205 
LYS HB3  H  N N 206 
LYS HG2  H  N N 207 
LYS HG3  H  N N 208 
LYS HD2  H  N N 209 
LYS HD3  H  N N 210 
LYS HE2  H  N N 211 
LYS HE3  H  N N 212 
LYS HZ1  H  N N 213 
LYS HZ2  H  N N 214 
LYS HZ3  H  N N 215 
LYS HXT  H  N N 216 
MET N    N  N N 217 
MET CA   C  N S 218 
MET C    C  N N 219 
MET O    O  N N 220 
MET CB   C  N N 221 
MET CG   C  N N 222 
MET SD   S  N N 223 
MET CE   C  N N 224 
MET OXT  O  N N 225 
MET H    H  N N 226 
MET H2   H  N N 227 
MET HA   H  N N 228 
MET HB2  H  N N 229 
MET HB3  H  N N 230 
MET HG2  H  N N 231 
MET HG3  H  N N 232 
MET HE1  H  N N 233 
MET HE2  H  N N 234 
MET HE3  H  N N 235 
MET HXT  H  N N 236 
PHE N    N  N N 237 
PHE CA   C  N S 238 
PHE C    C  N N 239 
PHE O    O  N N 240 
PHE CB   C  N N 241 
PHE CG   C  Y N 242 
PHE CD1  C  Y N 243 
PHE CD2  C  Y N 244 
PHE CE1  C  Y N 245 
PHE CE2  C  Y N 246 
PHE CZ   C  Y N 247 
PHE OXT  O  N N 248 
PHE H    H  N N 249 
PHE H2   H  N N 250 
PHE HA   H  N N 251 
PHE HB2  H  N N 252 
PHE HB3  H  N N 253 
PHE HD1  H  N N 254 
PHE HD2  H  N N 255 
PHE HE1  H  N N 256 
PHE HE2  H  N N 257 
PHE HZ   H  N N 258 
PHE HXT  H  N N 259 
PRO N    N  N N 260 
PRO CA   C  N S 261 
PRO C    C  N N 262 
PRO O    O  N N 263 
PRO CB   C  N N 264 
PRO CG   C  N N 265 
PRO CD   C  N N 266 
PRO OXT  O  N N 267 
PRO H    H  N N 268 
PRO HA   H  N N 269 
PRO HB2  H  N N 270 
PRO HB3  H  N N 271 
PRO HG2  H  N N 272 
PRO HG3  H  N N 273 
PRO HD2  H  N N 274 
PRO HD3  H  N N 275 
PRO HXT  H  N N 276 
SER N    N  N N 277 
SER CA   C  N S 278 
SER C    C  N N 279 
SER O    O  N N 280 
SER CB   C  N N 281 
SER OG   O  N N 282 
SER OXT  O  N N 283 
SER H    H  N N 284 
SER H2   H  N N 285 
SER HA   H  N N 286 
SER HB2  H  N N 287 
SER HB3  H  N N 288 
SER HG   H  N N 289 
SER HXT  H  N N 290 
THR N    N  N N 291 
THR CA   C  N S 292 
THR C    C  N N 293 
THR O    O  N N 294 
THR CB   C  N R 295 
THR OG1  O  N N 296 
THR CG2  C  N N 297 
THR OXT  O  N N 298 
THR H    H  N N 299 
THR H2   H  N N 300 
THR HA   H  N N 301 
THR HB   H  N N 302 
THR HG1  H  N N 303 
THR HG21 H  N N 304 
THR HG22 H  N N 305 
THR HG23 H  N N 306 
THR HXT  H  N N 307 
TRP N    N  N N 308 
TRP CA   C  N S 309 
TRP C    C  N N 310 
TRP O    O  N N 311 
TRP CB   C  N N 312 
TRP CG   C  Y N 313 
TRP CD1  C  Y N 314 
TRP CD2  C  Y N 315 
TRP NE1  N  Y N 316 
TRP CE2  C  Y N 317 
TRP CE3  C  Y N 318 
TRP CZ2  C  Y N 319 
TRP CZ3  C  Y N 320 
TRP CH2  C  Y N 321 
TRP OXT  O  N N 322 
TRP H    H  N N 323 
TRP H2   H  N N 324 
TRP HA   H  N N 325 
TRP HB2  H  N N 326 
TRP HB3  H  N N 327 
TRP HD1  H  N N 328 
TRP HE1  H  N N 329 
TRP HE3  H  N N 330 
TRP HZ2  H  N N 331 
TRP HZ3  H  N N 332 
TRP HH2  H  N N 333 
TRP HXT  H  N N 334 
TYR N    N  N N 335 
TYR CA   C  N S 336 
TYR C    C  N N 337 
TYR O    O  N N 338 
TYR CB   C  N N 339 
TYR CG   C  Y N 340 
TYR CD1  C  Y N 341 
TYR CD2  C  Y N 342 
TYR CE1  C  Y N 343 
TYR CE2  C  Y N 344 
TYR CZ   C  Y N 345 
TYR OH   O  N N 346 
TYR OXT  O  N N 347 
TYR H    H  N N 348 
TYR H2   H  N N 349 
TYR HA   H  N N 350 
TYR HB2  H  N N 351 
TYR HB3  H  N N 352 
TYR HD1  H  N N 353 
TYR HD2  H  N N 354 
TYR HE1  H  N N 355 
TYR HE2  H  N N 356 
TYR HH   H  N N 357 
TYR HXT  H  N N 358 
VAL N    N  N N 359 
VAL CA   C  N S 360 
VAL C    C  N N 361 
VAL O    O  N N 362 
VAL CB   C  N N 363 
VAL CG1  C  N N 364 
VAL CG2  C  N N 365 
VAL OXT  O  N N 366 
VAL H    H  N N 367 
VAL H2   H  N N 368 
VAL HA   H  N N 369 
VAL HB   H  N N 370 
VAL HG11 H  N N 371 
VAL HG12 H  N N 372 
VAL HG13 H  N N 373 
VAL HG21 H  N N 374 
VAL HG22 H  N N 375 
VAL HG23 H  N N 376 
VAL HXT  H  N N 377 
ZN  ZN   ZN N N 378 
# 
loop_
_chem_comp_bond.comp_id 
_chem_comp_bond.atom_id_1 
_chem_comp_bond.atom_id_2 
_chem_comp_bond.value_order 
_chem_comp_bond.pdbx_aromatic_flag 
_chem_comp_bond.pdbx_stereo_config 
_chem_comp_bond.pdbx_ordinal 
ALA N   CA   sing N N 1   
ALA N   H    sing N N 2   
ALA N   H2   sing N N 3   
ALA CA  C    sing N N 4   
ALA CA  CB   sing N N 5   
ALA CA  HA   sing N N 6   
ALA C   O    doub N N 7   
ALA C   OXT  sing N N 8   
ALA CB  HB1  sing N N 9   
ALA CB  HB2  sing N N 10  
ALA CB  HB3  sing N N 11  
ALA OXT HXT  sing N N 12  
ARG N   CA   sing N N 13  
ARG N   H    sing N N 14  
ARG N   H2   sing N N 15  
ARG CA  C    sing N N 16  
ARG CA  CB   sing N N 17  
ARG CA  HA   sing N N 18  
ARG C   O    doub N N 19  
ARG C   OXT  sing N N 20  
ARG CB  CG   sing N N 21  
ARG CB  HB2  sing N N 22  
ARG CB  HB3  sing N N 23  
ARG CG  CD   sing N N 24  
ARG CG  HG2  sing N N 25  
ARG CG  HG3  sing N N 26  
ARG CD  NE   sing N N 27  
ARG CD  HD2  sing N N 28  
ARG CD  HD3  sing N N 29  
ARG NE  CZ   sing N N 30  
ARG NE  HE   sing N N 31  
ARG CZ  NH1  sing N N 32  
ARG CZ  NH2  doub N N 33  
ARG NH1 HH11 sing N N 34  
ARG NH1 HH12 sing N N 35  
ARG NH2 HH21 sing N N 36  
ARG NH2 HH22 sing N N 37  
ARG OXT HXT  sing N N 38  
ASN N   CA   sing N N 39  
ASN N   H    sing N N 40  
ASN N   H2   sing N N 41  
ASN CA  C    sing N N 42  
ASN CA  CB   sing N N 43  
ASN CA  HA   sing N N 44  
ASN C   O    doub N N 45  
ASN C   OXT  sing N N 46  
ASN CB  CG   sing N N 47  
ASN CB  HB2  sing N N 48  
ASN CB  HB3  sing N N 49  
ASN CG  OD1  doub N N 50  
ASN CG  ND2  sing N N 51  
ASN ND2 HD21 sing N N 52  
ASN ND2 HD22 sing N N 53  
ASN OXT HXT  sing N N 54  
ASP N   CA   sing N N 55  
ASP N   H    sing N N 56  
ASP N   H2   sing N N 57  
ASP CA  C    sing N N 58  
ASP CA  CB   sing N N 59  
ASP CA  HA   sing N N 60  
ASP C   O    doub N N 61  
ASP C   OXT  sing N N 62  
ASP CB  CG   sing N N 63  
ASP CB  HB2  sing N N 64  
ASP CB  HB3  sing N N 65  
ASP CG  OD1  doub N N 66  
ASP CG  OD2  sing N N 67  
ASP OD2 HD2  sing N N 68  
ASP OXT HXT  sing N N 69  
GLN N   CA   sing N N 70  
GLN N   H    sing N N 71  
GLN N   H2   sing N N 72  
GLN CA  C    sing N N 73  
GLN CA  CB   sing N N 74  
GLN CA  HA   sing N N 75  
GLN C   O    doub N N 76  
GLN C   OXT  sing N N 77  
GLN CB  CG   sing N N 78  
GLN CB  HB2  sing N N 79  
GLN CB  HB3  sing N N 80  
GLN CG  CD   sing N N 81  
GLN CG  HG2  sing N N 82  
GLN CG  HG3  sing N N 83  
GLN CD  OE1  doub N N 84  
GLN CD  NE2  sing N N 85  
GLN NE2 HE21 sing N N 86  
GLN NE2 HE22 sing N N 87  
GLN OXT HXT  sing N N 88  
GLU N   CA   sing N N 89  
GLU N   H    sing N N 90  
GLU N   H2   sing N N 91  
GLU CA  C    sing N N 92  
GLU CA  CB   sing N N 93  
GLU CA  HA   sing N N 94  
GLU C   O    doub N N 95  
GLU C   OXT  sing N N 96  
GLU CB  CG   sing N N 97  
GLU CB  HB2  sing N N 98  
GLU CB  HB3  sing N N 99  
GLU CG  CD   sing N N 100 
GLU CG  HG2  sing N N 101 
GLU CG  HG3  sing N N 102 
GLU CD  OE1  doub N N 103 
GLU CD  OE2  sing N N 104 
GLU OE2 HE2  sing N N 105 
GLU OXT HXT  sing N N 106 
GLY N   CA   sing N N 107 
GLY N   H    sing N N 108 
GLY N   H2   sing N N 109 
GLY CA  C    sing N N 110 
GLY CA  HA2  sing N N 111 
GLY CA  HA3  sing N N 112 
GLY C   O    doub N N 113 
GLY C   OXT  sing N N 114 
GLY OXT HXT  sing N N 115 
HIS N   CA   sing N N 116 
HIS N   H    sing N N 117 
HIS N   H2   sing N N 118 
HIS CA  C    sing N N 119 
HIS CA  CB   sing N N 120 
HIS CA  HA   sing N N 121 
HIS C   O    doub N N 122 
HIS C   OXT  sing N N 123 
HIS CB  CG   sing N N 124 
HIS CB  HB2  sing N N 125 
HIS CB  HB3  sing N N 126 
HIS CG  ND1  sing Y N 127 
HIS CG  CD2  doub Y N 128 
HIS ND1 CE1  doub Y N 129 
HIS ND1 HD1  sing N N 130 
HIS CD2 NE2  sing Y N 131 
HIS CD2 HD2  sing N N 132 
HIS CE1 NE2  sing Y N 133 
HIS CE1 HE1  sing N N 134 
HIS NE2 HE2  sing N N 135 
HIS OXT HXT  sing N N 136 
HOH O   H1   sing N N 137 
HOH O   H2   sing N N 138 
ILE N   CA   sing N N 139 
ILE N   H    sing N N 140 
ILE N   H2   sing N N 141 
ILE CA  C    sing N N 142 
ILE CA  CB   sing N N 143 
ILE CA  HA   sing N N 144 
ILE C   O    doub N N 145 
ILE C   OXT  sing N N 146 
ILE CB  CG1  sing N N 147 
ILE CB  CG2  sing N N 148 
ILE CB  HB   sing N N 149 
ILE CG1 CD1  sing N N 150 
ILE CG1 HG12 sing N N 151 
ILE CG1 HG13 sing N N 152 
ILE CG2 HG21 sing N N 153 
ILE CG2 HG22 sing N N 154 
ILE CG2 HG23 sing N N 155 
ILE CD1 HD11 sing N N 156 
ILE CD1 HD12 sing N N 157 
ILE CD1 HD13 sing N N 158 
ILE OXT HXT  sing N N 159 
LEU N   CA   sing N N 160 
LEU N   H    sing N N 161 
LEU N   H2   sing N N 162 
LEU CA  C    sing N N 163 
LEU CA  CB   sing N N 164 
LEU CA  HA   sing N N 165 
LEU C   O    doub N N 166 
LEU C   OXT  sing N N 167 
LEU CB  CG   sing N N 168 
LEU CB  HB2  sing N N 169 
LEU CB  HB3  sing N N 170 
LEU CG  CD1  sing N N 171 
LEU CG  CD2  sing N N 172 
LEU CG  HG   sing N N 173 
LEU CD1 HD11 sing N N 174 
LEU CD1 HD12 sing N N 175 
LEU CD1 HD13 sing N N 176 
LEU CD2 HD21 sing N N 177 
LEU CD2 HD22 sing N N 178 
LEU CD2 HD23 sing N N 179 
LEU OXT HXT  sing N N 180 
LYS N   CA   sing N N 181 
LYS N   H    sing N N 182 
LYS N   H2   sing N N 183 
LYS CA  C    sing N N 184 
LYS CA  CB   sing N N 185 
LYS CA  HA   sing N N 186 
LYS C   O    doub N N 187 
LYS C   OXT  sing N N 188 
LYS CB  CG   sing N N 189 
LYS CB  HB2  sing N N 190 
LYS CB  HB3  sing N N 191 
LYS CG  CD   sing N N 192 
LYS CG  HG2  sing N N 193 
LYS CG  HG3  sing N N 194 
LYS CD  CE   sing N N 195 
LYS CD  HD2  sing N N 196 
LYS CD  HD3  sing N N 197 
LYS CE  NZ   sing N N 198 
LYS CE  HE2  sing N N 199 
LYS CE  HE3  sing N N 200 
LYS NZ  HZ1  sing N N 201 
LYS NZ  HZ2  sing N N 202 
LYS NZ  HZ3  sing N N 203 
LYS OXT HXT  sing N N 204 
MET N   CA   sing N N 205 
MET N   H    sing N N 206 
MET N   H2   sing N N 207 
MET CA  C    sing N N 208 
MET CA  CB   sing N N 209 
MET CA  HA   sing N N 210 
MET C   O    doub N N 211 
MET C   OXT  sing N N 212 
MET CB  CG   sing N N 213 
MET CB  HB2  sing N N 214 
MET CB  HB3  sing N N 215 
MET CG  SD   sing N N 216 
MET CG  HG2  sing N N 217 
MET CG  HG3  sing N N 218 
MET SD  CE   sing N N 219 
MET CE  HE1  sing N N 220 
MET CE  HE2  sing N N 221 
MET CE  HE3  sing N N 222 
MET OXT HXT  sing N N 223 
PHE N   CA   sing N N 224 
PHE N   H    sing N N 225 
PHE N   H2   sing N N 226 
PHE CA  C    sing N N 227 
PHE CA  CB   sing N N 228 
PHE CA  HA   sing N N 229 
PHE C   O    doub N N 230 
PHE C   OXT  sing N N 231 
PHE CB  CG   sing N N 232 
PHE CB  HB2  sing N N 233 
PHE CB  HB3  sing N N 234 
PHE CG  CD1  doub Y N 235 
PHE CG  CD2  sing Y N 236 
PHE CD1 CE1  sing Y N 237 
PHE CD1 HD1  sing N N 238 
PHE CD2 CE2  doub Y N 239 
PHE CD2 HD2  sing N N 240 
PHE CE1 CZ   doub Y N 241 
PHE CE1 HE1  sing N N 242 
PHE CE2 CZ   sing Y N 243 
PHE CE2 HE2  sing N N 244 
PHE CZ  HZ   sing N N 245 
PHE OXT HXT  sing N N 246 
PRO N   CA   sing N N 247 
PRO N   CD   sing N N 248 
PRO N   H    sing N N 249 
PRO CA  C    sing N N 250 
PRO CA  CB   sing N N 251 
PRO CA  HA   sing N N 252 
PRO C   O    doub N N 253 
PRO C   OXT  sing N N 254 
PRO CB  CG   sing N N 255 
PRO CB  HB2  sing N N 256 
PRO CB  HB3  sing N N 257 
PRO CG  CD   sing N N 258 
PRO CG  HG2  sing N N 259 
PRO CG  HG3  sing N N 260 
PRO CD  HD2  sing N N 261 
PRO CD  HD3  sing N N 262 
PRO OXT HXT  sing N N 263 
SER N   CA   sing N N 264 
SER N   H    sing N N 265 
SER N   H2   sing N N 266 
SER CA  C    sing N N 267 
SER CA  CB   sing N N 268 
SER CA  HA   sing N N 269 
SER C   O    doub N N 270 
SER C   OXT  sing N N 271 
SER CB  OG   sing N N 272 
SER CB  HB2  sing N N 273 
SER CB  HB3  sing N N 274 
SER OG  HG   sing N N 275 
SER OXT HXT  sing N N 276 
THR N   CA   sing N N 277 
THR N   H    sing N N 278 
THR N   H2   sing N N 279 
THR CA  C    sing N N 280 
THR CA  CB   sing N N 281 
THR CA  HA   sing N N 282 
THR C   O    doub N N 283 
THR C   OXT  sing N N 284 
THR CB  OG1  sing N N 285 
THR CB  CG2  sing N N 286 
THR CB  HB   sing N N 287 
THR OG1 HG1  sing N N 288 
THR CG2 HG21 sing N N 289 
THR CG2 HG22 sing N N 290 
THR CG2 HG23 sing N N 291 
THR OXT HXT  sing N N 292 
TRP N   CA   sing N N 293 
TRP N   H    sing N N 294 
TRP N   H2   sing N N 295 
TRP CA  C    sing N N 296 
TRP CA  CB   sing N N 297 
TRP CA  HA   sing N N 298 
TRP C   O    doub N N 299 
TRP C   OXT  sing N N 300 
TRP CB  CG   sing N N 301 
TRP CB  HB2  sing N N 302 
TRP CB  HB3  sing N N 303 
TRP CG  CD1  doub Y N 304 
TRP CG  CD2  sing Y N 305 
TRP CD1 NE1  sing Y N 306 
TRP CD1 HD1  sing N N 307 
TRP CD2 CE2  doub Y N 308 
TRP CD2 CE3  sing Y N 309 
TRP NE1 CE2  sing Y N 310 
TRP NE1 HE1  sing N N 311 
TRP CE2 CZ2  sing Y N 312 
TRP CE3 CZ3  doub Y N 313 
TRP CE3 HE3  sing N N 314 
TRP CZ2 CH2  doub Y N 315 
TRP CZ2 HZ2  sing N N 316 
TRP CZ3 CH2  sing Y N 317 
TRP CZ3 HZ3  sing N N 318 
TRP CH2 HH2  sing N N 319 
TRP OXT HXT  sing N N 320 
TYR N   CA   sing N N 321 
TYR N   H    sing N N 322 
TYR N   H2   sing N N 323 
TYR CA  C    sing N N 324 
TYR CA  CB   sing N N 325 
TYR CA  HA   sing N N 326 
TYR C   O    doub N N 327 
TYR C   OXT  sing N N 328 
TYR CB  CG   sing N N 329 
TYR CB  HB2  sing N N 330 
TYR CB  HB3  sing N N 331 
TYR CG  CD1  doub Y N 332 
TYR CG  CD2  sing Y N 333 
TYR CD1 CE1  sing Y N 334 
TYR CD1 HD1  sing N N 335 
TYR CD2 CE2  doub Y N 336 
TYR CD2 HD2  sing N N 337 
TYR CE1 CZ   doub Y N 338 
TYR CE1 HE1  sing N N 339 
TYR CE2 CZ   sing Y N 340 
TYR CE2 HE2  sing N N 341 
TYR CZ  OH   sing N N 342 
TYR OH  HH   sing N N 343 
TYR OXT HXT  sing N N 344 
VAL N   CA   sing N N 345 
VAL N   H    sing N N 346 
VAL N   H2   sing N N 347 
VAL CA  C    sing N N 348 
VAL CA  CB   sing N N 349 
VAL CA  HA   sing N N 350 
VAL C   O    doub N N 351 
VAL C   OXT  sing N N 352 
VAL CB  CG1  sing N N 353 
VAL CB  CG2  sing N N 354 
VAL CB  HB   sing N N 355 
VAL CG1 HG11 sing N N 356 
VAL CG1 HG12 sing N N 357 
VAL CG1 HG13 sing N N 358 
VAL CG2 HG21 sing N N 359 
VAL CG2 HG22 sing N N 360 
VAL CG2 HG23 sing N N 361 
VAL OXT HXT  sing N N 362 
# 
_atom_sites.entry_id                    1QIB 
_atom_sites.fract_transf_matrix[1][1]   0.00145977 
_atom_sites.fract_transf_matrix[1][2]   0.01159278 
_atom_sites.fract_transf_matrix[1][3]   -0.00155994 
_atom_sites.fract_transf_matrix[2][1]   -0.00367117 
_atom_sites.fract_transf_matrix[2][2]   -0.00103856 
_atom_sites.fract_transf_matrix[2][3]   -0.01115351 
_atom_sites.fract_transf_matrix[3][1]   -0.01627213 
_atom_sites.fract_transf_matrix[3][2]   0.00273543 
_atom_sites.fract_transf_matrix[3][3]   0.00510125 
_atom_sites.fract_transf_vector[1]      0.857727 
_atom_sites.fract_transf_vector[2]      0.319334 
_atom_sites.fract_transf_vector[3]      0.357113 
# 
loop_
_atom_type.symbol 
C  
CA 
N  
O  
S  
ZN 
# 
loop_
_atom_site.group_PDB 
_atom_site.id 
_atom_site.type_symbol 
_atom_site.label_atom_id 
_atom_site.label_alt_id 
_atom_site.label_comp_id 
_atom_site.label_asym_id 
_atom_site.label_entity_id 
_atom_site.label_seq_id 
_atom_site.pdbx_PDB_ins_code 
_atom_site.Cartn_x 
_atom_site.Cartn_y 
_atom_site.Cartn_z 
_atom_site.occupancy 
_atom_site.B_iso_or_equiv 
_atom_site.pdbx_formal_charge 
_atom_site.auth_seq_id 
_atom_site.auth_comp_id 
_atom_site.auth_asym_id 
_atom_site.auth_atom_id 
_atom_site.pdbx_PDB_model_num 
ATOM   1    N  N   . ARG A 1 1   ? 14.648  -9.712  14.890  1.00 25.54 ? 88  ARG A N   1 
ATOM   2    C  CA  . ARG A 1 1   ? 13.677  -10.771 14.449  1.00 26.02 ? 88  ARG A CA  1 
ATOM   3    C  C   . ARG A 1 1   ? 12.939  -10.486 13.114  1.00 25.93 ? 88  ARG A C   1 
ATOM   4    O  O   . ARG A 1 1   ? 12.495  -11.416 12.447  1.00 28.18 ? 88  ARG A O   1 
ATOM   5    C  CB  . ARG A 1 1   ? 12.650  -11.041 15.568  1.00 25.64 ? 88  ARG A CB  1 
ATOM   6    C  CG  . ARG A 1 1   ? 12.209  -12.507 15.675  1.00 27.37 ? 88  ARG A CG  1 
ATOM   7    C  CD  . ARG A 1 1   ? 11.096  -12.734 16.701  1.00 27.40 ? 88  ARG A CD  1 
ATOM   8    N  NE  . ARG A 1 1   ? 11.397  -12.134 18.008  1.00 28.77 ? 88  ARG A NE  1 
ATOM   9    C  CZ  . ARG A 1 1   ? 10.527  -12.088 19.016  1.00 30.51 ? 88  ARG A CZ  1 
ATOM   10   N  NH1 . ARG A 1 1   ? 9.320   -12.624 18.865  1.00 32.15 ? 88  ARG A NH1 1 
ATOM   11   N  NH2 . ARG A 1 1   ? 10.794  -11.392 20.119  1.00 31.50 ? 88  ARG A NH2 1 
ATOM   12   N  N   . LYS A 1 2   ? 12.845  -9.221  12.707  1.00 26.06 ? 89  LYS A N   1 
ATOM   13   C  CA  . LYS A 1 2   ? 12.134  -8.839  11.472  1.00 26.63 ? 89  LYS A CA  1 
ATOM   14   C  C   . LYS A 1 2   ? 13.010  -8.066  10.468  1.00 25.21 ? 89  LYS A C   1 
ATOM   15   O  O   . LYS A 1 2   ? 14.017  -7.450  10.853  1.00 26.80 ? 89  LYS A O   1 
ATOM   16   C  CB  . LYS A 1 2   ? 10.960  -7.899  11.820  1.00 29.98 ? 89  LYS A CB  1 
ATOM   17   C  CG  . LYS A 1 2   ? 9.982   -8.370  12.885  1.00 32.17 ? 89  LYS A CG  1 
ATOM   18   C  CD  . LYS A 1 2   ? 9.095   -9.482  12.354  1.00 35.93 ? 89  LYS A CD  1 
ATOM   19   C  CE  . LYS A 1 2   ? 7.965   -9.842  13.336  1.00 37.88 ? 89  LYS A CE  1 
ATOM   20   N  NZ  . LYS A 1 2   ? 7.087   -10.949 12.791  1.00 38.26 ? 89  LYS A NZ  1 
ATOM   21   N  N   . PRO A 1 3   ? 12.624  -8.071  9.172   1.00 23.28 ? 90  PRO A N   1 
ATOM   22   C  CA  . PRO A 1 3   ? 13.369  -7.352  8.124   1.00 21.20 ? 90  PRO A CA  1 
ATOM   23   C  C   . PRO A 1 3   ? 12.782  -5.954  7.867   1.00 19.34 ? 90  PRO A C   1 
ATOM   24   O  O   . PRO A 1 3   ? 11.563  -5.788  7.791   1.00 20.12 ? 90  PRO A O   1 
ATOM   25   C  CB  . PRO A 1 3   ? 13.187  -8.253  6.902   1.00 19.10 ? 90  PRO A CB  1 
ATOM   26   C  CG  . PRO A 1 3   ? 11.811  -8.772  7.083   1.00 19.82 ? 90  PRO A CG  1 
ATOM   27   C  CD  . PRO A 1 3   ? 11.725  -9.081  8.573   1.00 21.96 ? 90  PRO A CD  1 
ATOM   28   N  N   . LYS A 1 4   ? 13.648  -4.950  7.752   1.00 17.95 ? 91  LYS A N   1 
ATOM   29   C  CA  . LYS A 1 4   ? 13.222  -3.578  7.475   1.00 15.11 ? 91  LYS A CA  1 
ATOM   30   C  C   . LYS A 1 4   ? 14.208  -2.953  6.486   1.00 15.49 ? 91  LYS A C   1 
ATOM   31   O  O   . LYS A 1 4   ? 15.220  -3.564  6.142   1.00 16.35 ? 91  LYS A O   1 
ATOM   32   C  CB  . LYS A 1 4   ? 13.180  -2.746  8.755   1.00 13.99 ? 91  LYS A CB  1 
ATOM   33   C  CG  . LYS A 1 4   ? 14.545  -2.328  9.288   1.00 14.03 ? 91  LYS A CG  1 
ATOM   34   C  CD  . LYS A 1 4   ? 14.381  -1.388  10.466  1.00 14.98 ? 91  LYS A CD  1 
ATOM   35   C  CE  . LYS A 1 4   ? 15.711  -0.957  11.061  1.00 16.07 ? 91  LYS A CE  1 
ATOM   36   N  NZ  . LYS A 1 4   ? 15.522  -0.062  12.260  1.00 19.28 ? 91  LYS A NZ  1 
ATOM   37   N  N   . TRP A 1 5   ? 13.918  -1.741  6.021   1.00 14.38 ? 92  TRP A N   1 
ATOM   38   C  CA  . TRP A 1 5   ? 14.813  -1.084  5.079   1.00 13.51 ? 92  TRP A CA  1 
ATOM   39   C  C   . TRP A 1 5   ? 16.055  -0.506  5.773   1.00 13.41 ? 92  TRP A C   1 
ATOM   40   O  O   . TRP A 1 5   ? 15.992  -0.077  6.923   1.00 14.09 ? 92  TRP A O   1 
ATOM   41   C  CB  . TRP A 1 5   ? 14.073  0.008   4.286   1.00 13.20 ? 92  TRP A CB  1 
ATOM   42   C  CG  . TRP A 1 5   ? 12.951  -0.499  3.398   1.00 11.51 ? 92  TRP A CG  1 
ATOM   43   C  CD1 . TRP A 1 5   ? 11.608  -0.373  3.626   1.00 10.73 ? 92  TRP A CD1 1 
ATOM   44   C  CD2 . TRP A 1 5   ? 13.079  -1.237  2.171   1.00 11.54 ? 92  TRP A CD2 1 
ATOM   45   N  NE1 . TRP A 1 5   ? 10.895  -0.987  2.626   1.00 9.73  ? 92  TRP A NE1 1 
ATOM   46   C  CE2 . TRP A 1 5   ? 11.769  -1.529  1.720   1.00 12.35 ? 92  TRP A CE2 1 
ATOM   47   C  CE3 . TRP A 1 5   ? 14.169  -1.685  1.409   1.00 9.10  ? 92  TRP A CE3 1 
ATOM   48   C  CZ2 . TRP A 1 5   ? 11.519  -2.262  0.543   1.00 10.83 ? 92  TRP A CZ2 1 
ATOM   49   C  CZ3 . TRP A 1 5   ? 13.914  -2.417  0.233   1.00 7.54  ? 92  TRP A CZ3 1 
ATOM   50   C  CH2 . TRP A 1 5   ? 12.601  -2.693  -0.182  1.00 7.05  ? 92  TRP A CH2 1 
ATOM   51   N  N   . ASP A 1 6   ? 17.183  -0.520  5.070   1.00 14.68 ? 93  ASP A N   1 
ATOM   52   C  CA  . ASP A 1 6   ? 18.456  -0.003  5.588   1.00 17.17 ? 93  ASP A CA  1 
ATOM   53   C  C   . ASP A 1 6   ? 18.557  1.510   5.850   1.00 16.06 ? 93  ASP A C   1 
ATOM   54   O  O   . ASP A 1 6   ? 19.226  1.921   6.795   1.00 17.45 ? 93  ASP A O   1 
ATOM   55   C  CB  . ASP A 1 6   ? 19.613  -0.467  4.703   1.00 18.10 ? 93  ASP A CB  1 
ATOM   56   C  CG  . ASP A 1 6   ? 19.445  -0.064  3.253   1.00 19.97 ? 93  ASP A CG  1 
ATOM   57   O  OD1 . ASP A 1 6   ? 18.326  0.300   2.827   1.00 23.00 ? 93  ASP A OD1 1 
ATOM   58   O  OD2 . ASP A 1 6   ? 20.452  -0.115  2.519   1.00 23.44 ? 93  ASP A OD2 1 
ATOM   59   N  N   . LYS A 1 7   ? 17.946  2.328   4.994   1.00 15.12 ? 94  LYS A N   1 
ATOM   60   C  CA  . LYS A 1 7   ? 17.935  3.789   5.164   1.00 13.89 ? 94  LYS A CA  1 
ATOM   61   C  C   . LYS A 1 7   ? 16.486  4.262   4.997   1.00 12.61 ? 94  LYS A C   1 
ATOM   62   O  O   . LYS A 1 7   ? 15.641  3.514   4.510   1.00 10.45 ? 94  LYS A O   1 
ATOM   63   C  CB  . LYS A 1 7   ? 18.824  4.486   4.134   1.00 13.34 ? 94  LYS A CB  1 
ATOM   64   C  CG  . LYS A 1 7   ? 20.231  3.938   4.025   1.00 15.32 ? 94  LYS A CG  1 
ATOM   65   C  CD  . LYS A 1 7   ? 20.650  3.899   2.547   1.00 20.14 ? 94  LYS A CD  1 
ATOM   66   C  CE  . LYS A 1 7   ? 19.673  3.050   1.672   1.00 20.47 ? 94  LYS A CE  1 
ATOM   67   N  NZ  . LYS A 1 7   ? 19.706  3.376   0.205   1.00 18.41 ? 94  LYS A NZ  1 
ATOM   68   N  N   . ASN A 1 8   ? 16.209  5.505   5.372   1.00 13.96 ? 95  ASN A N   1 
ATOM   69   C  CA  . ASN A 1 8   ? 14.855  6.053   5.286   1.00 14.63 ? 95  ASN A CA  1 
ATOM   70   C  C   . ASN A 1 8   ? 14.460  6.668   3.947   1.00 16.71 ? 95  ASN A C   1 
ATOM   71   O  O   . ASN A 1 8   ? 13.369  7.240   3.823   1.00 16.42 ? 95  ASN A O   1 
ATOM   72   C  CB  . ASN A 1 8   ? 14.641  7.075   6.394   1.00 14.16 ? 95  ASN A CB  1 
ATOM   73   C  CG  . ASN A 1 8   ? 14.976  6.522   7.752   1.00 17.51 ? 95  ASN A CG  1 
ATOM   74   O  OD1 . ASN A 1 8   ? 14.803  5.331   8.005   1.00 19.22 ? 95  ASN A OD1 1 
ATOM   75   N  ND2 . ASN A 1 8   ? 15.495  7.369   8.629   1.00 19.46 ? 95  ASN A ND2 1 
ATOM   76   N  N   . GLN A 1 9   ? 15.342  6.563   2.956   1.00 17.54 ? 96  GLN A N   1 
ATOM   77   C  CA  . GLN A 1 9   ? 15.081  7.101   1.617   1.00 18.26 ? 96  GLN A CA  1 
ATOM   78   C  C   . GLN A 1 9   ? 14.636  5.970   0.689   1.00 16.68 ? 96  GLN A C   1 
ATOM   79   O  O   . GLN A 1 9   ? 15.459  5.153   0.253   1.00 17.17 ? 96  GLN A O   1 
ATOM   80   C  CB  . GLN A 1 9   ? 16.349  7.752   1.068   1.00 23.04 ? 96  GLN A CB  1 
ATOM   81   C  CG  . GLN A 1 9   ? 16.891  8.858   1.949   1.00 30.52 ? 96  GLN A CG  1 
ATOM   82   C  CD  . GLN A 1 9   ? 15.989  10.079  1.919   1.00 36.25 ? 96  GLN A CD  1 
ATOM   83   O  OE1 . GLN A 1 9   ? 15.094  10.176  1.058   1.00 38.05 ? 96  GLN A OE1 1 
ATOM   84   N  NE2 . GLN A 1 9   ? 16.225  11.034  2.834   1.00 36.05 ? 96  GLN A NE2 1 
ATOM   85   N  N   . ILE A 1 10  ? 13.343  5.940   0.378   1.00 13.64 ? 97  ILE A N   1 
ATOM   86   C  CA  . ILE A 1 10  ? 12.759  4.901   -0.471  1.00 12.61 ? 97  ILE A CA  1 
ATOM   87   C  C   . ILE A 1 10  ? 12.158  5.502   -1.750  1.00 13.03 ? 97  ILE A C   1 
ATOM   88   O  O   . ILE A 1 10  ? 11.528  6.568   -1.702  1.00 12.83 ? 97  ILE A O   1 
ATOM   89   C  CB  . ILE A 1 10  ? 11.602  4.160   0.280   1.00 11.85 ? 97  ILE A CB  1 
ATOM   90   C  CG1 . ILE A 1 10  ? 11.905  4.004   1.780   1.00 9.55  ? 97  ILE A CG1 1 
ATOM   91   C  CG2 . ILE A 1 10  ? 11.319  2.822   -0.362  1.00 9.91  ? 97  ILE A CG2 1 
ATOM   92   C  CD1 . ILE A 1 10  ? 13.102  3.155   2.112   1.00 8.21  ? 97  ILE A CD1 1 
ATOM   93   N  N   . THR A 1 11  ? 12.356  4.830   -2.885  1.00 13.26 ? 98  THR A N   1 
ATOM   94   C  CA  . THR A 1 11  ? 11.783  5.295   -4.162  1.00 13.69 ? 98  THR A CA  1 
ATOM   95   C  C   . THR A 1 11  ? 10.622  4.407   -4.617  1.00 12.76 ? 98  THR A C   1 
ATOM   96   O  O   . THR A 1 11  ? 10.531  3.238   -4.242  1.00 13.00 ? 98  THR A O   1 
ATOM   97   C  CB  . THR A 1 11  ? 12.822  5.339   -5.330  1.00 12.02 ? 98  THR A CB  1 
ATOM   98   O  OG1 . THR A 1 11  ? 13.421  4.045   -5.514  1.00 12.24 ? 98  THR A OG1 1 
ATOM   99   C  CG2 . THR A 1 11  ? 13.879  6.389   -5.079  1.00 5.74  ? 98  THR A CG2 1 
ATOM   100  N  N   . TYR A 1 12  ? 9.739   4.960   -5.435  1.00 13.09 ? 99  TYR A N   1 
ATOM   101  C  CA  . TYR A 1 12  ? 8.621   4.183   -5.952  1.00 15.16 ? 99  TYR A CA  1 
ATOM   102  C  C   . TYR A 1 12  ? 8.238   4.637   -7.357  1.00 15.36 ? 99  TYR A C   1 
ATOM   103  O  O   . TYR A 1 12  ? 8.494   5.779   -7.747  1.00 13.69 ? 99  TYR A O   1 
ATOM   104  C  CB  . TYR A 1 12  ? 7.413   4.242   -5.009  1.00 13.82 ? 99  TYR A CB  1 
ATOM   105  C  CG  . TYR A 1 12  ? 6.670   5.546   -5.041  1.00 15.66 ? 99  TYR A CG  1 
ATOM   106  C  CD1 . TYR A 1 12  ? 5.691   5.789   -6.010  1.00 18.18 ? 99  TYR A CD1 1 
ATOM   107  C  CD2 . TYR A 1 12  ? 6.956   6.556   -4.119  1.00 14.84 ? 99  TYR A CD2 1 
ATOM   108  C  CE1 . TYR A 1 12  ? 5.015   7.006   -6.065  1.00 18.08 ? 99  TYR A CE1 1 
ATOM   109  C  CE2 . TYR A 1 12  ? 6.284   7.779   -4.163  1.00 16.53 ? 99  TYR A CE2 1 
ATOM   110  C  CZ  . TYR A 1 12  ? 5.315   7.997   -5.141  1.00 18.38 ? 99  TYR A CZ  1 
ATOM   111  O  OH  . TYR A 1 12  ? 4.648   9.206   -5.207  1.00 20.97 ? 99  TYR A OH  1 
ATOM   112  N  N   . ARG A 1 13  ? 7.633   3.726   -8.113  1.00 16.34 ? 100 ARG A N   1 
ATOM   113  C  CA  . ARG A 1 13  ? 7.213   4.018   -9.479  1.00 16.14 ? 100 ARG A CA  1 
ATOM   114  C  C   . ARG A 1 13  ? 5.930   3.282   -9.823  1.00 15.15 ? 100 ARG A C   1 
ATOM   115  O  O   . ARG A 1 13  ? 5.782   2.099   -9.512  1.00 15.24 ? 100 ARG A O   1 
ATOM   116  C  CB  . ARG A 1 13  ? 8.314   3.632   -10.483 1.00 16.57 ? 100 ARG A CB  1 
ATOM   117  C  CG  . ARG A 1 13  ? 7.897   3.775   -11.925 1.00 15.62 ? 100 ARG A CG  1 
ATOM   118  C  CD  . ARG A 1 13  ? 8.973   3.350   -12.901 1.00 15.83 ? 100 ARG A CD  1 
ATOM   119  N  NE  . ARG A 1 13  ? 8.490   3.529   -14.276 1.00 20.92 ? 100 ARG A NE  1 
ATOM   120  C  CZ  . ARG A 1 13  ? 9.245   3.471   -15.370 1.00 18.77 ? 100 ARG A CZ  1 
ATOM   121  N  NH1 . ARG A 1 13  ? 10.546  3.233   -15.270 1.00 21.52 ? 100 ARG A NH1 1 
ATOM   122  N  NH2 . ARG A 1 13  ? 8.695   3.631   -16.568 1.00 16.36 ? 100 ARG A NH2 1 
ATOM   123  N  N   . ILE A 1 14  ? 4.995   4.001   -10.435 1.00 13.52 ? 101 ILE A N   1 
ATOM   124  C  CA  . ILE A 1 14  ? 3.727   3.419   -10.861 1.00 13.91 ? 101 ILE A CA  1 
ATOM   125  C  C   . ILE A 1 14  ? 3.952   2.944   -12.292 1.00 14.67 ? 101 ILE A C   1 
ATOM   126  O  O   . ILE A 1 14  ? 3.883   3.736   -13.226 1.00 15.45 ? 101 ILE A O   1 
ATOM   127  C  CB  . ILE A 1 14  ? 2.602   4.464   -10.816 1.00 11.21 ? 101 ILE A CB  1 
ATOM   128  C  CG1 . ILE A 1 14  ? 2.515   5.061   -9.409  1.00 11.15 ? 101 ILE A CG1 1 
ATOM   129  C  CG2 . ILE A 1 14  ? 1.281   3.824   -11.161 1.00 9.93  ? 101 ILE A CG2 1 
ATOM   130  C  CD1 . ILE A 1 14  ? 1.801   6.391   -9.356  1.00 10.11 ? 101 ILE A CD1 1 
ATOM   131  N  N   . ILE A 1 15  ? 4.228   1.653   -12.463 1.00 15.83 ? 102 ILE A N   1 
ATOM   132  C  CA  . ILE A 1 15  ? 4.515   1.119   -13.794 1.00 16.10 ? 102 ILE A CA  1 
ATOM   133  C  C   . ILE A 1 15  ? 3.316   0.607   -14.587 1.00 16.89 ? 102 ILE A C   1 
ATOM   134  O  O   . ILE A 1 15  ? 3.430   0.336   -15.790 1.00 16.72 ? 102 ILE A O   1 
ATOM   135  C  CB  . ILE A 1 15  ? 5.637   0.050   -13.747 1.00 16.04 ? 102 ILE A CB  1 
ATOM   136  C  CG1 . ILE A 1 15  ? 6.281   -0.085  -15.126 1.00 14.53 ? 102 ILE A CG1 1 
ATOM   137  C  CG2 . ILE A 1 15  ? 5.092   -1.277  -13.266 1.00 14.31 ? 102 ILE A CG2 1 
ATOM   138  C  CD1 . ILE A 1 15  ? 7.767   -0.278  -15.086 1.00 17.18 ? 102 ILE A CD1 1 
ATOM   139  N  N   . GLY A 1 16  ? 2.164   0.528   -13.926 1.00 17.35 ? 103 GLY A N   1 
ATOM   140  C  CA  . GLY A 1 16  ? 0.954   0.072   -14.583 1.00 16.51 ? 103 GLY A CA  1 
ATOM   141  C  C   . GLY A 1 16  ? -0.227  0.821   -14.004 1.00 17.17 ? 103 GLY A C   1 
ATOM   142  O  O   . GLY A 1 16  ? -0.247  1.116   -12.807 1.00 14.83 ? 103 GLY A O   1 
ATOM   143  N  N   . TYR A 1 17  ? -1.212  1.128   -14.842 1.00 17.72 ? 104 TYR A N   1 
ATOM   144  C  CA  . TYR A 1 17  ? -2.400  1.861   -14.404 1.00 15.84 ? 104 TYR A CA  1 
ATOM   145  C  C   . TYR A 1 17  ? -3.673  1.067   -14.628 1.00 16.04 ? 104 TYR A C   1 
ATOM   146  O  O   . TYR A 1 17  ? -3.668  0.041   -15.306 1.00 17.73 ? 104 TYR A O   1 
ATOM   147  C  CB  . TYR A 1 17  ? -2.512  3.197   -15.145 1.00 13.51 ? 104 TYR A CB  1 
ATOM   148  C  CG  . TYR A 1 17  ? -1.581  4.273   -14.642 1.00 9.61  ? 104 TYR A CG  1 
ATOM   149  C  CD1 . TYR A 1 17  ? -0.287  4.384   -15.130 1.00 8.88  ? 104 TYR A CD1 1 
ATOM   150  C  CD2 . TYR A 1 17  ? -2.007  5.199   -13.700 1.00 11.35 ? 104 TYR A CD2 1 
ATOM   151  C  CE1 . TYR A 1 17  ? 0.557   5.386   -14.696 1.00 8.59  ? 104 TYR A CE1 1 
ATOM   152  C  CE2 . TYR A 1 17  ? -1.166  6.210   -13.258 1.00 11.49 ? 104 TYR A CE2 1 
ATOM   153  C  CZ  . TYR A 1 17  ? 0.114   6.296   -13.763 1.00 8.98  ? 104 TYR A CZ  1 
ATOM   154  O  OH  . TYR A 1 17  ? 0.950   7.296   -13.338 1.00 10.16 ? 104 TYR A OH  1 
ATOM   155  N  N   . THR A 1 18  ? -4.761  1.554   -14.046 1.00 15.92 ? 105 THR A N   1 
ATOM   156  C  CA  . THR A 1 18  ? -6.063  0.922   -14.176 1.00 16.42 ? 105 THR A CA  1 
ATOM   157  C  C   . THR A 1 18  ? -6.947  1.816   -15.050 1.00 17.34 ? 105 THR A C   1 
ATOM   158  O  O   . THR A 1 18  ? -6.720  3.028   -15.145 1.00 18.10 ? 105 THR A O   1 
ATOM   159  C  CB  . THR A 1 18  ? -6.721  0.730   -12.788 1.00 16.58 ? 105 THR A CB  1 
ATOM   160  O  OG1 . THR A 1 18  ? -8.041  0.189   -12.943 1.00 16.58 ? 105 THR A OG1 1 
ATOM   161  C  CG2 . THR A 1 18  ? -6.804  2.059   -12.043 1.00 14.98 ? 105 THR A CG2 1 
ATOM   162  N  N   . PRO A 1 19  ? -7.921  1.216   -15.758 1.00 17.47 ? 106 PRO A N   1 
ATOM   163  C  CA  . PRO A 1 19  ? -8.842  1.944   -16.632 1.00 16.38 ? 106 PRO A CA  1 
ATOM   164  C  C   . PRO A 1 19  ? -9.934  2.678   -15.859 1.00 16.64 ? 106 PRO A C   1 
ATOM   165  O  O   . PRO A 1 19  ? -10.557 3.593   -16.394 1.00 17.41 ? 106 PRO A O   1 
ATOM   166  C  CB  . PRO A 1 19  ? -9.469  0.824   -17.460 1.00 13.64 ? 106 PRO A CB  1 
ATOM   167  C  CG  . PRO A 1 19  ? -8.479  -0.260  -17.398 1.00 13.85 ? 106 PRO A CG  1 
ATOM   168  C  CD  . PRO A 1 19  ? -8.037  -0.229  -15.991 1.00 15.89 ? 106 PRO A CD  1 
ATOM   169  N  N   . ASP A 1 20  ? -10.143 2.289   -14.600 1.00 16.47 ? 107 ASP A N   1 
ATOM   170  C  CA  . ASP A 1 20  ? -11.206 2.863   -13.766 1.00 15.30 ? 107 ASP A CA  1 
ATOM   171  C  C   . ASP A 1 20  ? -11.107 4.291   -13.284 1.00 14.50 ? 107 ASP A C   1 
ATOM   172  O  O   . ASP A 1 20  ? -12.124 4.848   -12.906 1.00 17.33 ? 107 ASP A O   1 
ATOM   173  C  CB  . ASP A 1 20  ? -11.456 2.004   -12.526 1.00 15.31 ? 107 ASP A CB  1 
ATOM   174  C  CG  . ASP A 1 20  ? -11.461 0.538   -12.823 1.00 15.71 ? 107 ASP A CG  1 
ATOM   175  O  OD1 . ASP A 1 20  ? -11.920 0.128   -13.916 1.00 18.62 ? 107 ASP A OD1 1 
ATOM   176  O  OD2 . ASP A 1 20  ? -10.998 -0.197  -11.943 1.00 13.48 ? 107 ASP A OD2 1 
ATOM   177  N  N   . LEU A 1 21  ? -9.908  4.869   -13.230 1.00 15.13 ? 108 LEU A N   1 
ATOM   178  C  CA  . LEU A 1 21  ? -9.735  6.243   -12.721 1.00 14.47 ? 108 LEU A CA  1 
ATOM   179  C  C   . LEU A 1 21  ? -8.772  7.064   -13.585 1.00 15.71 ? 108 LEU A C   1 
ATOM   180  O  O   . LEU A 1 21  ? -7.944  6.494   -14.300 1.00 19.43 ? 108 LEU A O   1 
ATOM   181  C  CB  . LEU A 1 21  ? -9.185  6.201   -11.285 1.00 10.91 ? 108 LEU A CB  1 
ATOM   182  C  CG  . LEU A 1 21  ? -10.064 5.949   -10.057 1.00 8.38  ? 108 LEU A CG  1 
ATOM   183  C  CD1 . LEU A 1 21  ? -9.214  5.685   -8.849  1.00 7.33  ? 108 LEU A CD1 1 
ATOM   184  C  CD2 . LEU A 1 21  ? -10.934 7.139   -9.788  1.00 8.30  ? 108 LEU A CD2 1 
ATOM   185  N  N   . ASP A 1 22  ? -8.893  8.392   -13.540 1.00 15.23 ? 109 ASP A N   1 
ATOM   186  C  CA  . ASP A 1 22  ? -7.991  9.261   -14.289 1.00 15.05 ? 109 ASP A CA  1 
ATOM   187  C  C   . ASP A 1 22  ? -6.570  9.080   -13.714 1.00 13.71 ? 109 ASP A C   1 
ATOM   188  O  O   . ASP A 1 22  ? -6.395  8.932   -12.505 1.00 11.26 ? 109 ASP A O   1 
ATOM   189  C  CB  . ASP A 1 22  ? -8.458  10.720  -14.203 1.00 17.65 ? 109 ASP A CB  1 
ATOM   190  C  CG  . ASP A 1 22  ? -7.305  11.720  -14.324 1.00 25.68 ? 109 ASP A CG  1 
ATOM   191  O  OD1 . ASP A 1 22  ? -6.679  11.985  -13.276 1.00 31.27 ? 109 ASP A OD1 1 
ATOM   192  O  OD2 . ASP A 1 22  ? -7.001  12.235  -15.435 1.00 25.93 ? 109 ASP A OD2 1 
ATOM   193  N  N   . PRO A 1 23  ? -5.543  9.081   -14.581 1.00 13.50 ? 110 PRO A N   1 
ATOM   194  C  CA  . PRO A 1 23  ? -4.147  8.908   -14.153 1.00 14.20 ? 110 PRO A CA  1 
ATOM   195  C  C   . PRO A 1 23  ? -3.679  9.885   -13.078 1.00 14.76 ? 110 PRO A C   1 
ATOM   196  O  O   . PRO A 1 23  ? -2.897  9.519   -12.207 1.00 15.76 ? 110 PRO A O   1 
ATOM   197  C  CB  . PRO A 1 23  ? -3.368  9.096   -15.451 1.00 13.16 ? 110 PRO A CB  1 
ATOM   198  C  CG  . PRO A 1 23  ? -4.342  8.654   -16.496 1.00 13.09 ? 110 PRO A CG  1 
ATOM   199  C  CD  . PRO A 1 23  ? -5.621  9.262   -16.041 1.00 12.05 ? 110 PRO A CD  1 
ATOM   200  N  N   . GLU A 1 24  ? -4.137  11.129  -13.148 1.00 15.89 ? 111 GLU A N   1 
ATOM   201  C  CA  . GLU A 1 24  ? -3.744  12.127  -12.163 1.00 18.23 ? 111 GLU A CA  1 
ATOM   202  C  C   . GLU A 1 24  ? -4.339  11.847  -10.778 1.00 17.49 ? 111 GLU A C   1 
ATOM   203  O  O   . GLU A 1 24  ? -3.699  12.117  -9.760  1.00 16.39 ? 111 GLU A O   1 
ATOM   204  C  CB  . GLU A 1 24  ? -4.111  13.533  -12.638 1.00 21.89 ? 111 GLU A CB  1 
ATOM   205  C  CG  . GLU A 1 24  ? -3.792  14.614  -11.615 1.00 30.84 ? 111 GLU A CG  1 
ATOM   206  C  CD  . GLU A 1 24  ? -3.969  16.029  -12.148 1.00 35.65 ? 111 GLU A CD  1 
ATOM   207  O  OE1 . GLU A 1 24  ? -4.876  16.247  -12.994 1.00 38.52 ? 111 GLU A OE1 1 
ATOM   208  O  OE2 . GLU A 1 24  ? -3.195  16.925  -11.717 1.00 39.34 ? 111 GLU A OE2 1 
ATOM   209  N  N   . THR A 1 25  ? -5.558  11.306  -10.748 1.00 17.73 ? 112 THR A N   1 
ATOM   210  C  CA  . THR A 1 25  ? -6.234  10.951  -9.497  1.00 17.58 ? 112 THR A CA  1 
ATOM   211  C  C   . THR A 1 25  ? -5.554  9.731   -8.856  1.00 17.92 ? 112 THR A C   1 
ATOM   212  O  O   . THR A 1 25  ? -5.428  9.647   -7.626  1.00 18.27 ? 112 THR A O   1 
ATOM   213  C  CB  . THR A 1 25  ? -7.734  10.638  -9.725  1.00 17.39 ? 112 THR A CB  1 
ATOM   214  O  OG1 . THR A 1 25  ? -8.408  11.825  -10.162 1.00 19.01 ? 112 THR A OG1 1 
ATOM   215  C  CG2 . THR A 1 25  ? -8.388  10.154  -8.441  1.00 14.19 ? 112 THR A CG2 1 
ATOM   216  N  N   . VAL A 1 26  ? -5.109  8.797   -9.698  1.00 15.39 ? 113 VAL A N   1 
ATOM   217  C  CA  . VAL A 1 26  ? -4.422  7.603   -9.235  1.00 13.40 ? 113 VAL A CA  1 
ATOM   218  C  C   . VAL A 1 26  ? -3.112  8.003   -8.554  1.00 13.14 ? 113 VAL A C   1 
ATOM   219  O  O   . VAL A 1 26  ? -2.799  7.538   -7.457  1.00 12.14 ? 113 VAL A O   1 
ATOM   220  C  CB  . VAL A 1 26  ? -4.120  6.642   -10.411 1.00 11.98 ? 113 VAL A CB  1 
ATOM   221  C  CG1 . VAL A 1 26  ? -3.314  5.455   -9.935  1.00 8.08  ? 113 VAL A CG1 1 
ATOM   222  C  CG2 . VAL A 1 26  ? -5.414  6.157   -11.031 1.00 12.24 ? 113 VAL A CG2 1 
ATOM   223  N  N   . ASP A 1 27  ? -2.373  8.892   -9.199  1.00 12.09 ? 114 ASP A N   1 
ATOM   224  C  CA  . ASP A 1 27  ? -1.099  9.358   -8.677  1.00 12.10 ? 114 ASP A CA  1 
ATOM   225  C  C   . ASP A 1 27  ? -1.281  10.039  -7.327  1.00 12.71 ? 114 ASP A C   1 
ATOM   226  O  O   . ASP A 1 27  ? -0.444  9.920   -6.431  1.00 12.63 ? 114 ASP A O   1 
ATOM   227  C  CB  . ASP A 1 27  ? -0.448  10.309  -9.686  1.00 13.55 ? 114 ASP A CB  1 
ATOM   228  C  CG  . ASP A 1 27  ? -0.065  9.611   -11.001 1.00 15.95 ? 114 ASP A CG  1 
ATOM   229  O  OD1 . ASP A 1 27  ? -0.031  8.365   -11.045 1.00 18.43 ? 114 ASP A OD1 1 
ATOM   230  O  OD2 . ASP A 1 27  ? 0.215   10.303  -11.994 1.00 12.31 ? 114 ASP A OD2 1 
ATOM   231  N  N   . ASP A 1 28  ? -2.422  10.686  -7.163  1.00 12.13 ? 115 ASP A N   1 
ATOM   232  C  CA  . ASP A 1 28  ? -2.735  11.385  -5.930  1.00 11.17 ? 115 ASP A CA  1 
ATOM   233  C  C   . ASP A 1 28  ? -3.133  10.451  -4.792  1.00 11.09 ? 115 ASP A C   1 
ATOM   234  O  O   . ASP A 1 28  ? -2.776  10.671  -3.644  1.00 10.13 ? 115 ASP A O   1 
ATOM   235  C  CB  . ASP A 1 28  ? -3.860  12.378  -6.175  1.00 12.38 ? 115 ASP A CB  1 
ATOM   236  C  CG  . ASP A 1 28  ? -4.009  13.356  -5.046  1.00 13.26 ? 115 ASP A CG  1 
ATOM   237  O  OD1 . ASP A 1 28  ? -3.030  14.099  -4.802  1.00 14.19 ? 115 ASP A OD1 1 
ATOM   238  O  OD2 . ASP A 1 28  ? -5.085  13.370  -4.404  1.00 12.16 ? 115 ASP A OD2 1 
ATOM   239  N  N   . ALA A 1 29  ? -3.920  9.433   -5.114  1.00 10.87 ? 116 ALA A N   1 
ATOM   240  C  CA  . ALA A 1 29  ? -4.373  8.477   -4.122  1.00 9.37  ? 116 ALA A CA  1 
ATOM   241  C  C   . ALA A 1 29  ? -3.206  7.651   -3.596  1.00 9.47  ? 116 ALA A C   1 
ATOM   242  O  O   . ALA A 1 29  ? -3.247  7.145   -2.482  1.00 9.78  ? 116 ALA A O   1 
ATOM   243  C  CB  . ALA A 1 29  ? -5.426  7.574   -4.735  1.00 9.07  ? 116 ALA A CB  1 
ATOM   244  N  N   . PHE A 1 30  ? -2.171  7.505   -4.416  1.00 10.51 ? 117 PHE A N   1 
ATOM   245  C  CA  . PHE A 1 30  ? -0.993  6.733   -4.046  1.00 12.56 ? 117 PHE A CA  1 
ATOM   246  C  C   . PHE A 1 30  ? -0.030  7.553   -3.193  1.00 14.10 ? 117 PHE A C   1 
ATOM   247  O  O   . PHE A 1 30  ? 0.619   7.024   -2.285  1.00 13.39 ? 117 PHE A O   1 
ATOM   248  C  CB  . PHE A 1 30  ? -0.268  6.226   -5.295  1.00 11.37 ? 117 PHE A CB  1 
ATOM   249  C  CG  . PHE A 1 30  ? -0.866  4.986   -5.895  1.00 8.65  ? 117 PHE A CG  1 
ATOM   250  C  CD1 . PHE A 1 30  ? -1.247  3.916   -5.091  1.00 10.09 ? 117 PHE A CD1 1 
ATOM   251  C  CD2 . PHE A 1 30  ? -1.003  4.867   -7.274  1.00 10.52 ? 117 PHE A CD2 1 
ATOM   252  C  CE1 . PHE A 1 30  ? -1.755  2.739   -5.654  1.00 8.72  ? 117 PHE A CE1 1 
ATOM   253  C  CE2 . PHE A 1 30  ? -1.509  3.695   -7.847  1.00 11.73 ? 117 PHE A CE2 1 
ATOM   254  C  CZ  . PHE A 1 30  ? -1.883  2.631   -7.034  1.00 10.35 ? 117 PHE A CZ  1 
ATOM   255  N  N   . ALA A 1 31  ? 0.096   8.837   -3.516  1.00 13.53 ? 118 ALA A N   1 
ATOM   256  C  CA  . ALA A 1 31  ? 0.979   9.708   -2.761  1.00 12.12 ? 118 ALA A CA  1 
ATOM   257  C  C   . ALA A 1 31  ? 0.377   9.943   -1.387  1.00 12.98 ? 118 ALA A C   1 
ATOM   258  O  O   . ALA A 1 31  ? 1.086   9.924   -0.379  1.00 14.66 ? 118 ALA A O   1 
ATOM   259  C  CB  . ALA A 1 31  ? 1.182   11.019  -3.482  1.00 7.78  ? 118 ALA A CB  1 
ATOM   260  N  N   . ARG A 1 32  ? -0.938  10.137  -1.341  1.00 11.80 ? 119 ARG A N   1 
ATOM   261  C  CA  . ARG A 1 32  ? -1.620  10.364  -0.073  1.00 11.80 ? 119 ARG A CA  1 
ATOM   262  C  C   . ARG A 1 32  ? -1.487  9.145   0.844   1.00 11.92 ? 119 ARG A C   1 
ATOM   263  O  O   . ARG A 1 32  ? -1.383  9.287   2.056   1.00 12.82 ? 119 ARG A O   1 
ATOM   264  C  CB  . ARG A 1 32  ? -3.086  10.736  -0.319  1.00 10.34 ? 119 ARG A CB  1 
ATOM   265  C  CG  . ARG A 1 32  ? -3.306  12.221  -0.592  1.00 6.88  ? 119 ARG A CG  1 
ATOM   266  C  CD  . ARG A 1 32  ? -4.613  12.469  -1.313  1.00 6.98  ? 119 ARG A CD  1 
ATOM   267  N  NE  . ARG A 1 32  ? -5.728  11.739  -0.714  1.00 12.10 ? 119 ARG A NE  1 
ATOM   268  C  CZ  . ARG A 1 32  ? -6.574  10.965  -1.394  1.00 12.06 ? 119 ARG A CZ  1 
ATOM   269  N  NH1 . ARG A 1 32  ? -6.443  10.809  -2.706  1.00 9.34  ? 119 ARG A NH1 1 
ATOM   270  N  NH2 . ARG A 1 32  ? -7.553  10.338  -0.757  1.00 13.62 ? 119 ARG A NH2 1 
ATOM   271  N  N   . ALA A 1 33  ? -1.435  7.956   0.240   1.00 13.27 ? 120 ALA A N   1 
ATOM   272  C  CA  . ALA A 1 33  ? -1.284  6.692   0.958   1.00 12.11 ? 120 ALA A CA  1 
ATOM   273  C  C   . ALA A 1 33  ? 0.097   6.571   1.614   1.00 13.38 ? 120 ALA A C   1 
ATOM   274  O  O   . ALA A 1 33  ? 0.219   6.008   2.698   1.00 14.97 ? 120 ALA A O   1 
ATOM   275  C  CB  . ALA A 1 33  ? -1.529  5.531   0.017   1.00 9.31  ? 120 ALA A CB  1 
ATOM   276  N  N   . PHE A 1 34  ? 1.134   7.098   0.955   1.00 13.05 ? 121 PHE A N   1 
ATOM   277  C  CA  . PHE A 1 34  ? 2.505   7.079   1.479   1.00 12.15 ? 121 PHE A CA  1 
ATOM   278  C  C   . PHE A 1 34  ? 2.692   8.040   2.647   1.00 12.52 ? 121 PHE A C   1 
ATOM   279  O  O   . PHE A 1 34  ? 3.444   7.761   3.584   1.00 12.25 ? 121 PHE A O   1 
ATOM   280  C  CB  . PHE A 1 34  ? 3.512   7.478   0.395   1.00 10.48 ? 121 PHE A CB  1 
ATOM   281  C  CG  . PHE A 1 34  ? 3.980   6.338   -0.445  1.00 12.75 ? 121 PHE A CG  1 
ATOM   282  C  CD1 . PHE A 1 34  ? 4.575   5.235   0.139   1.00 14.04 ? 121 PHE A CD1 1 
ATOM   283  C  CD2 . PHE A 1 34  ? 3.786   6.346   -1.827  1.00 14.52 ? 121 PHE A CD2 1 
ATOM   284  C  CE1 . PHE A 1 34  ? 4.968   4.145   -0.637  1.00 14.46 ? 121 PHE A CE1 1 
ATOM   285  C  CE2 . PHE A 1 34  ? 4.174   5.261   -2.616  1.00 13.23 ? 121 PHE A CE2 1 
ATOM   286  C  CZ  . PHE A 1 34  ? 4.766   4.160   -2.021  1.00 13.56 ? 121 PHE A CZ  1 
ATOM   287  N  N   . GLN A 1 35  ? 2.032   9.192   2.552   1.00 11.93 ? 122 GLN A N   1 
ATOM   288  C  CA  . GLN A 1 35  ? 2.116   10.244  3.554   1.00 10.50 ? 122 GLN A CA  1 
ATOM   289  C  C   . GLN A 1 35  ? 1.596   9.859   4.924   1.00 12.12 ? 122 GLN A C   1 
ATOM   290  O  O   . GLN A 1 35  ? 2.099   10.337  5.945   1.00 10.69 ? 122 GLN A O   1 
ATOM   291  C  CB  . GLN A 1 35  ? 1.372   11.468  3.061   1.00 9.49  ? 122 GLN A CB  1 
ATOM   292  C  CG  . GLN A 1 35  ? 1.565   12.658  3.941   1.00 14.02 ? 122 GLN A CG  1 
ATOM   293  C  CD  . GLN A 1 35  ? 0.701   13.826  3.540   1.00 15.98 ? 122 GLN A CD  1 
ATOM   294  O  OE1 . GLN A 1 35  ? 0.096   13.832  2.462   1.00 17.74 ? 122 GLN A OE1 1 
ATOM   295  N  NE2 . GLN A 1 35  ? 0.637   14.833  4.408   1.00 14.64 ? 122 GLN A NE2 1 
ATOM   296  N  N   . VAL A 1 36  ? 0.582   8.999   4.947   1.00 13.67 ? 123 VAL A N   1 
ATOM   297  C  CA  . VAL A 1 36  ? 0.014   8.548   6.208   1.00 16.10 ? 123 VAL A CA  1 
ATOM   298  C  C   . VAL A 1 36  ? 1.094   7.908   7.089   1.00 14.62 ? 123 VAL A C   1 
ATOM   299  O  O   . VAL A 1 36  ? 0.995   7.947   8.311   1.00 17.12 ? 123 VAL A O   1 
ATOM   300  C  CB  . VAL A 1 36  ? -1.170  7.553   6.003   1.00 17.41 ? 123 VAL A CB  1 
ATOM   301  C  CG1 . VAL A 1 36  ? -2.204  8.145   5.072   1.00 17.18 ? 123 VAL A CG1 1 
ATOM   302  C  CG2 . VAL A 1 36  ? -0.683  6.216   5.488   1.00 18.77 ? 123 VAL A CG2 1 
ATOM   303  N  N   . TRP A 1 37  ? 2.130   7.356   6.457   1.00 11.92 ? 124 TRP A N   1 
ATOM   304  C  CA  . TRP A 1 37  ? 3.246   6.722   7.163   1.00 13.28 ? 124 TRP A CA  1 
ATOM   305  C  C   . TRP A 1 37  ? 4.421   7.679   7.400   1.00 14.42 ? 124 TRP A C   1 
ATOM   306  O  O   . TRP A 1 37  ? 5.109   7.582   8.410   1.00 14.18 ? 124 TRP A O   1 
ATOM   307  C  CB  . TRP A 1 37  ? 3.767   5.502   6.389   1.00 13.13 ? 124 TRP A CB  1 
ATOM   308  C  CG  . TRP A 1 37  ? 2.773   4.410   6.194   1.00 11.00 ? 124 TRP A CG  1 
ATOM   309  C  CD1 . TRP A 1 37  ? 2.293   3.940   5.004   1.00 10.70 ? 124 TRP A CD1 1 
ATOM   310  C  CD2 . TRP A 1 37  ? 2.126   3.651   7.218   1.00 11.95 ? 124 TRP A CD2 1 
ATOM   311  N  NE1 . TRP A 1 37  ? 1.381   2.939   5.225   1.00 12.38 ? 124 TRP A NE1 1 
ATOM   312  C  CE2 . TRP A 1 37  ? 1.259   2.741   6.577   1.00 12.56 ? 124 TRP A CE2 1 
ATOM   313  C  CE3 . TRP A 1 37  ? 2.187   3.659   8.619   1.00 13.78 ? 124 TRP A CE3 1 
ATOM   314  C  CZ2 . TRP A 1 37  ? 0.459   1.840   7.292   1.00 12.13 ? 124 TRP A CZ2 1 
ATOM   315  C  CZ3 . TRP A 1 37  ? 1.390   2.764   9.331   1.00 12.73 ? 124 TRP A CZ3 1 
ATOM   316  C  CH2 . TRP A 1 37  ? 0.536   1.868   8.662   1.00 12.65 ? 124 TRP A CH2 1 
ATOM   317  N  N   . SER A 1 38  ? 4.662   8.576   6.449   1.00 15.24 ? 125 SER A N   1 
ATOM   318  C  CA  . SER A 1 38  ? 5.753   9.536   6.559   1.00 15.70 ? 125 SER A CA  1 
ATOM   319  C  C   . SER A 1 38  ? 5.482   10.652  7.568   1.00 16.93 ? 125 SER A C   1 
ATOM   320  O  O   . SER A 1 38  ? 6.409   11.350  7.986   1.00 19.23 ? 125 SER A O   1 
ATOM   321  C  CB  . SER A 1 38  ? 6.100   10.119  5.185   1.00 14.77 ? 125 SER A CB  1 
ATOM   322  O  OG  . SER A 1 38  ? 4.987   10.780  4.606   1.00 15.21 ? 125 SER A OG  1 
ATOM   323  N  N   . ASP A 1 39  ? 4.217   10.830  7.942   1.00 17.34 ? 126 ASP A N   1 
ATOM   324  C  CA  . ASP A 1 39  ? 3.842   11.851  8.915   1.00 18.57 ? 126 ASP A CA  1 
ATOM   325  C  C   . ASP A 1 39  ? 4.171   11.447  10.345  1.00 19.90 ? 126 ASP A C   1 
ATOM   326  O  O   . ASP A 1 39  ? 4.286   12.307  11.226  1.00 21.49 ? 126 ASP A O   1 
ATOM   327  C  CB  . ASP A 1 39  ? 2.352   12.164  8.836   1.00 18.00 ? 126 ASP A CB  1 
ATOM   328  C  CG  . ASP A 1 39  ? 1.994   13.052  7.660   1.00 19.91 ? 126 ASP A CG  1 
ATOM   329  O  OD1 . ASP A 1 39  ? 2.891   13.723  7.083   1.00 17.79 ? 126 ASP A OD1 1 
ATOM   330  O  OD2 . ASP A 1 39  ? 0.791   13.080  7.319   1.00 19.52 ? 126 ASP A OD2 1 
ATOM   331  N  N   . VAL A 1 40  ? 4.312   10.142  10.578  1.00 20.35 ? 127 VAL A N   1 
ATOM   332  C  CA  . VAL A 1 40  ? 4.620   9.627   11.913  1.00 20.07 ? 127 VAL A CA  1 
ATOM   333  C  C   . VAL A 1 40  ? 5.976   8.919   12.020  1.00 20.04 ? 127 VAL A C   1 
ATOM   334  O  O   . VAL A 1 40  ? 6.241   8.250   13.019  1.00 18.88 ? 127 VAL A O   1 
ATOM   335  C  CB  . VAL A 1 40  ? 3.508   8.661   12.427  1.00 18.97 ? 127 VAL A CB  1 
ATOM   336  C  CG1 . VAL A 1 40  ? 2.202   9.403   12.617  1.00 18.35 ? 127 VAL A CG1 1 
ATOM   337  C  CG2 . VAL A 1 40  ? 3.313   7.504   11.459  1.00 17.15 ? 127 VAL A CG2 1 
ATOM   338  N  N   . THR A 1 41  ? 6.817   9.052   10.992  1.00 20.37 ? 128 THR A N   1 
ATOM   339  C  CA  . THR A 1 41  ? 8.152   8.420   10.970  1.00 21.32 ? 128 THR A CA  1 
ATOM   340  C  C   . THR A 1 41  ? 9.150   9.290   10.196  1.00 20.37 ? 128 THR A C   1 
ATOM   341  O  O   . THR A 1 41  ? 8.762   10.275  9.563   1.00 20.18 ? 128 THR A O   1 
ATOM   342  C  CB  . THR A 1 41  ? 8.133   7.043   10.258  1.00 21.90 ? 128 THR A CB  1 
ATOM   343  O  OG1 . THR A 1 41  ? 7.705   7.214   8.895   1.00 22.05 ? 128 THR A OG1 1 
ATOM   344  C  CG2 . THR A 1 41  ? 7.241   6.042   10.989  1.00 21.14 ? 128 THR A CG2 1 
ATOM   345  N  N   . PRO A 1 42  ? 10.451  8.920   10.211  1.00 19.65 ? 129 PRO A N   1 
ATOM   346  C  CA  . PRO A 1 42  ? 11.424  9.733   9.468   1.00 19.33 ? 129 PRO A CA  1 
ATOM   347  C  C   . PRO A 1 42  ? 11.499  9.341   7.992   1.00 20.33 ? 129 PRO A C   1 
ATOM   348  O  O   . PRO A 1 42  ? 12.280  9.917   7.233   1.00 23.16 ? 129 PRO A O   1 
ATOM   349  C  CB  . PRO A 1 42  ? 12.752  9.427   10.176  1.00 19.89 ? 129 PRO A CB  1 
ATOM   350  C  CG  . PRO A 1 42  ? 12.386  8.575   11.389  1.00 20.22 ? 129 PRO A CG  1 
ATOM   351  C  CD  . PRO A 1 42  ? 11.132  7.877   10.987  1.00 19.21 ? 129 PRO A CD  1 
ATOM   352  N  N   . LEU A 1 43  ? 10.671  8.376   7.584   1.00 19.62 ? 130 LEU A N   1 
ATOM   353  C  CA  . LEU A 1 43  ? 10.629  7.887   6.199   1.00 19.18 ? 130 LEU A CA  1 
ATOM   354  C  C   . LEU A 1 43  ? 10.399  8.952   5.123   1.00 20.04 ? 130 LEU A C   1 
ATOM   355  O  O   . LEU A 1 43  ? 9.679   9.928   5.341   1.00 21.92 ? 130 LEU A O   1 
ATOM   356  C  CB  . LEU A 1 43  ? 9.578   6.778   6.075   1.00 16.32 ? 130 LEU A CB  1 
ATOM   357  C  CG  . LEU A 1 43  ? 10.118  5.351   6.254   1.00 17.10 ? 130 LEU A CG  1 
ATOM   358  C  CD1 . LEU A 1 43  ? 11.281  5.317   7.213   1.00 19.75 ? 130 LEU A CD1 1 
ATOM   359  C  CD2 . LEU A 1 43  ? 9.019   4.418   6.714   1.00 18.94 ? 130 LEU A CD2 1 
ATOM   360  N  N   . ARG A 1 44  ? 11.054  8.780   3.977   1.00 20.91 ? 131 ARG A N   1 
ATOM   361  C  CA  . ARG A 1 44  ? 10.907  9.710   2.858   1.00 21.75 ? 131 ARG A CA  1 
ATOM   362  C  C   . ARG A 1 44  ? 10.671  8.919   1.594   1.00 19.98 ? 131 ARG A C   1 
ATOM   363  O  O   . ARG A 1 44  ? 11.331  7.907   1.368   1.00 21.81 ? 131 ARG A O   1 
ATOM   364  C  CB  . ARG A 1 44  ? 12.149  10.595  2.704   1.00 25.45 ? 131 ARG A CB  1 
ATOM   365  C  CG  . ARG A 1 44  ? 12.351  11.589  3.858   1.00 32.26 ? 131 ARG A CG  1 
ATOM   366  C  CD  . ARG A 1 44  ? 11.110  12.465  4.073   1.00 39.19 ? 131 ARG A CD  1 
ATOM   367  N  NE  . ARG A 1 44  ? 11.252  13.362  5.218   1.00 45.36 ? 131 ARG A NE  1 
ATOM   368  C  CZ  . ARG A 1 44  ? 10.445  14.392  5.484   1.00 49.20 ? 131 ARG A CZ  1 
ATOM   369  N  NH1 . ARG A 1 44  ? 9.404   14.672  4.691   1.00 49.94 ? 131 ARG A NH1 1 
ATOM   370  N  NH2 . ARG A 1 44  ? 10.727  15.194  6.515   1.00 50.66 ? 131 ARG A NH2 1 
ATOM   371  N  N   . PHE A 1 45  ? 9.684   9.347   0.807   1.00 18.73 ? 132 PHE A N   1 
ATOM   372  C  CA  . PHE A 1 45  ? 9.326   8.673   -0.449  1.00 16.01 ? 132 PHE A CA  1 
ATOM   373  C  C   . PHE A 1 45  ? 9.488   9.576   -1.664  1.00 15.85 ? 132 PHE A C   1 
ATOM   374  O  O   . PHE A 1 45  ? 8.889   10.654  -1.731  1.00 14.39 ? 132 PHE A O   1 
ATOM   375  C  CB  . PHE A 1 45  ? 7.885   8.153   -0.387  1.00 11.86 ? 132 PHE A CB  1 
ATOM   376  C  CG  . PHE A 1 45  ? 7.645   7.180   0.723   1.00 11.99 ? 132 PHE A CG  1 
ATOM   377  C  CD1 . PHE A 1 45  ? 8.244   5.926   0.704   1.00 12.02 ? 132 PHE A CD1 1 
ATOM   378  C  CD2 . PHE A 1 45  ? 6.885   7.542   1.830   1.00 13.62 ? 132 PHE A CD2 1 
ATOM   379  C  CE1 . PHE A 1 45  ? 8.099   5.050   1.775   1.00 12.93 ? 132 PHE A CE1 1 
ATOM   380  C  CE2 . PHE A 1 45  ? 6.734   6.668   2.912   1.00 13.70 ? 132 PHE A CE2 1 
ATOM   381  C  CZ  . PHE A 1 45  ? 7.345   5.420   2.882   1.00 12.48 ? 132 PHE A CZ  1 
ATOM   382  N  N   . SER A 1 46  ? 10.290  9.124   -2.624  1.00 17.83 ? 133 SER A N   1 
ATOM   383  C  CA  . SER A 1 46  ? 10.533  9.883   -3.850  1.00 18.46 ? 133 SER A CA  1 
ATOM   384  C  C   . SER A 1 46  ? 10.101  9.113   -5.092  1.00 17.52 ? 133 SER A C   1 
ATOM   385  O  O   . SER A 1 46  ? 10.555  8.000   -5.328  1.00 17.39 ? 133 SER A O   1 
ATOM   386  C  CB  . SER A 1 46  ? 12.016  10.228  -3.969  1.00 18.47 ? 133 SER A CB  1 
ATOM   387  O  OG  . SER A 1 46  ? 12.472  10.852  -2.781  1.00 22.58 ? 133 SER A OG  1 
ATOM   388  N  N   . ARG A 1 47  ? 9.236   9.721   -5.891  1.00 17.59 ? 134 ARG A N   1 
ATOM   389  C  CA  . ARG A 1 47  ? 8.751   9.096   -7.114  1.00 18.79 ? 134 ARG A CA  1 
ATOM   390  C  C   . ARG A 1 47  ? 9.689   9.299   -8.312  1.00 19.05 ? 134 ARG A C   1 
ATOM   391  O  O   . ARG A 1 47  ? 10.165  10.413  -8.563  1.00 18.46 ? 134 ARG A O   1 
ATOM   392  C  CB  . ARG A 1 47  ? 7.355   9.628   -7.439  1.00 18.80 ? 134 ARG A CB  1 
ATOM   393  C  CG  . ARG A 1 47  ? 6.788   9.183   -8.766  1.00 19.64 ? 134 ARG A CG  1 
ATOM   394  C  CD  . ARG A 1 47  ? 5.399   9.739   -8.963  1.00 21.47 ? 134 ARG A CD  1 
ATOM   395  N  NE  . ARG A 1 47  ? 4.974   9.617   -10.353 1.00 27.77 ? 134 ARG A NE  1 
ATOM   396  C  CZ  . ARG A 1 47  ? 3.772   9.968   -10.806 1.00 29.11 ? 134 ARG A CZ  1 
ATOM   397  N  NH1 . ARG A 1 47  ? 2.864   10.470  -9.971  1.00 30.15 ? 134 ARG A NH1 1 
ATOM   398  N  NH2 . ARG A 1 47  ? 3.481   9.835   -12.098 1.00 26.36 ? 134 ARG A NH2 1 
ATOM   399  N  N   . ILE A 1 48  ? 9.992   8.204   -9.012  1.00 20.17 ? 135 ILE A N   1 
ATOM   400  C  CA  . ILE A 1 48  ? 10.845  8.256   -10.201 1.00 19.62 ? 135 ILE A CA  1 
ATOM   401  C  C   . ILE A 1 48  ? 10.058  7.797   -11.443 1.00 21.45 ? 135 ILE A C   1 
ATOM   402  O  O   . ILE A 1 48  ? 9.105   7.009   -11.345 1.00 18.86 ? 135 ILE A O   1 
ATOM   403  C  CB  . ILE A 1 48  ? 12.157  7.431   -10.045 1.00 18.40 ? 135 ILE A CB  1 
ATOM   404  C  CG1 . ILE A 1 48  ? 11.870  5.930   -10.078 1.00 17.61 ? 135 ILE A CG1 1 
ATOM   405  C  CG2 . ILE A 1 48  ? 12.873  7.812   -8.752  1.00 13.52 ? 135 ILE A CG2 1 
ATOM   406  C  CD1 . ILE A 1 48  ? 13.126  5.086   -10.111 1.00 17.57 ? 135 ILE A CD1 1 
ATOM   407  N  N   . HIS A 1 49  ? 10.483  8.282   -12.606 1.00 22.69 ? 136 HIS A N   1 
ATOM   408  C  CA  . HIS A 1 49  ? 9.815   7.984   -13.868 1.00 24.94 ? 136 HIS A CA  1 
ATOM   409  C  C   . HIS A 1 49  ? 10.610  7.146   -14.873 1.00 26.04 ? 136 HIS A C   1 
ATOM   410  O  O   . HIS A 1 49  ? 10.143  6.909   -15.994 1.00 26.68 ? 136 HIS A O   1 
ATOM   411  C  CB  . HIS A 1 49  ? 9.390   9.297   -14.523 1.00 28.17 ? 136 HIS A CB  1 
ATOM   412  C  CG  . HIS A 1 49  ? 8.527   10.150  -13.654 1.00 33.49 ? 136 HIS A CG  1 
ATOM   413  N  ND1 . HIS A 1 49  ? 7.144   10.066  -13.663 1.00 37.14 ? 136 HIS A ND1 1 
ATOM   414  C  CD2 . HIS A 1 49  ? 8.831   11.090  -12.723 1.00 33.91 ? 136 HIS A CD2 1 
ATOM   415  C  CE1 . HIS A 1 49  ? 6.643   10.909  -12.782 1.00 37.35 ? 136 HIS A CE1 1 
ATOM   416  N  NE2 . HIS A 1 49  ? 7.648   11.547  -12.193 1.00 36.73 ? 136 HIS A NE2 1 
ATOM   417  N  N   . ASP A 1 50  ? 11.809  6.712   -14.498 1.00 25.13 ? 137 ASP A N   1 
ATOM   418  C  CA  . ASP A 1 50  ? 12.620  5.906   -15.402 1.00 25.08 ? 137 ASP A CA  1 
ATOM   419  C  C   . ASP A 1 50  ? 13.462  4.929   -14.596 1.00 24.16 ? 137 ASP A C   1 
ATOM   420  O  O   . ASP A 1 50  ? 13.988  5.281   -13.545 1.00 26.63 ? 137 ASP A O   1 
ATOM   421  C  CB  . ASP A 1 50  ? 13.506  6.806   -16.273 1.00 27.06 ? 137 ASP A CB  1 
ATOM   422  C  CG  . ASP A 1 50  ? 14.198  6.044   -17.413 1.00 30.92 ? 137 ASP A CG  1 
ATOM   423  O  OD1 . ASP A 1 50  ? 13.719  4.949   -17.819 1.00 30.89 ? 137 ASP A OD1 1 
ATOM   424  O  OD2 . ASP A 1 50  ? 15.228  6.558   -17.909 1.00 31.12 ? 137 ASP A OD2 1 
ATOM   425  N  N   . GLY A 1 51  ? 13.558  3.691   -15.073 1.00 22.51 ? 138 GLY A N   1 
ATOM   426  C  CA  . GLY A 1 51  ? 14.327  2.683   -14.368 1.00 18.41 ? 138 GLY A CA  1 
ATOM   427  C  C   . GLY A 1 51  ? 13.483  1.974   -13.331 1.00 17.78 ? 138 GLY A C   1 
ATOM   428  O  O   . GLY A 1 51  ? 12.283  2.232   -13.213 1.00 16.53 ? 138 GLY A O   1 
ATOM   429  N  N   . GLU A 1 52  ? 14.113  1.059   -12.595 1.00 18.29 ? 139 GLU A N   1 
ATOM   430  C  CA  . GLU A 1 52  ? 13.441  0.285   -11.553 1.00 17.56 ? 139 GLU A CA  1 
ATOM   431  C  C   . GLU A 1 52  ? 13.478  1.014   -10.210 1.00 15.90 ? 139 GLU A C   1 
ATOM   432  O  O   . GLU A 1 52  ? 14.445  1.704   -9.901  1.00 16.25 ? 139 GLU A O   1 
ATOM   433  C  CB  . GLU A 1 52  ? 14.070  -1.109  -11.427 1.00 17.40 ? 139 GLU A CB  1 
ATOM   434  C  CG  . GLU A 1 52  ? 13.158  -2.109  -10.737 1.00 21.59 ? 139 GLU A CG  1 
ATOM   435  C  CD  . GLU A 1 52  ? 13.790  -3.478  -10.577 1.00 25.77 ? 139 GLU A CD  1 
ATOM   436  O  OE1 . GLU A 1 52  ? 14.448  -3.943  -11.534 1.00 29.23 ? 139 GLU A OE1 1 
ATOM   437  O  OE2 . GLU A 1 52  ? 13.620  -4.098  -9.496  1.00 25.27 ? 139 GLU A OE2 1 
ATOM   438  N  N   . ALA A 1 53  ? 12.404  0.885   -9.436  1.00 13.84 ? 140 ALA A N   1 
ATOM   439  C  CA  . ALA A 1 53  ? 12.306  1.537   -8.136  1.00 12.33 ? 140 ALA A CA  1 
ATOM   440  C  C   . ALA A 1 53  ? 12.218  0.523   -7.013  1.00 11.65 ? 140 ALA A C   1 
ATOM   441  O  O   . ALA A 1 53  ? 11.963  -0.655  -7.242  1.00 9.92  ? 140 ALA A O   1 
ATOM   442  C  CB  . ALA A 1 53  ? 11.093  2.447   -8.105  1.00 12.35 ? 140 ALA A CB  1 
ATOM   443  N  N   . ASP A 1 54  ? 12.413  0.992   -5.789  1.00 11.71 ? 141 ASP A N   1 
ATOM   444  C  CA  . ASP A 1 54  ? 12.345  0.112   -4.637  1.00 12.37 ? 141 ASP A CA  1 
ATOM   445  C  C   . ASP A 1 54  ? 10.974  -0.521  -4.498  1.00 13.40 ? 141 ASP A C   1 
ATOM   446  O  O   . ASP A 1 54  ? 10.861  -1.691  -4.135  1.00 11.91 ? 141 ASP A O   1 
ATOM   447  C  CB  . ASP A 1 54  ? 12.727  0.856   -3.363  1.00 11.86 ? 141 ASP A CB  1 
ATOM   448  C  CG  . ASP A 1 54  ? 14.194  1.245   -3.339  1.00 15.18 ? 141 ASP A CG  1 
ATOM   449  O  OD1 . ASP A 1 54  ? 15.043  0.410   -3.741  1.00 13.26 ? 141 ASP A OD1 1 
ATOM   450  O  OD2 . ASP A 1 54  ? 14.493  2.391   -2.922  1.00 18.61 ? 141 ASP A OD2 1 
ATOM   451  N  N   . ILE A 1 55  ? 9.934   0.247   -4.807  1.00 15.12 ? 142 ILE A N   1 
ATOM   452  C  CA  . ILE A 1 55  ? 8.566   -0.257  -4.724  1.00 15.34 ? 142 ILE A CA  1 
ATOM   453  C  C   . ILE A 1 55  ? 7.866   -0.059  -6.063  1.00 15.66 ? 142 ILE A C   1 
ATOM   454  O  O   . ILE A 1 55  ? 7.564   1.065   -6.477  1.00 17.77 ? 142 ILE A O   1 
ATOM   455  C  CB  . ILE A 1 55  ? 7.776   0.421   -3.566  1.00 16.29 ? 142 ILE A CB  1 
ATOM   456  C  CG1 . ILE A 1 55  ? 8.420   0.060   -2.216  1.00 14.86 ? 142 ILE A CG1 1 
ATOM   457  C  CG2 . ILE A 1 55  ? 6.323   -0.026  -3.585  1.00 14.45 ? 142 ILE A CG2 1 
ATOM   458  C  CD1 . ILE A 1 55  ? 7.866   0.795   -1.042  1.00 10.31 ? 142 ILE A CD1 1 
ATOM   459  N  N   . MET A 1 56  ? 7.676   -1.168  -6.768  1.00 14.82 ? 143 MET A N   1 
ATOM   460  C  CA  . MET A 1 56  ? 7.029   -1.154  -8.069  1.00 12.93 ? 143 MET A CA  1 
ATOM   461  C  C   . MET A 1 56  ? 5.540   -1.381  -7.870  1.00 13.34 ? 143 MET A C   1 
ATOM   462  O  O   . MET A 1 56  ? 5.145   -2.384  -7.268  1.00 13.25 ? 143 MET A O   1 
ATOM   463  C  CB  . MET A 1 56  ? 7.615   -2.253  -8.950  1.00 13.07 ? 143 MET A CB  1 
ATOM   464  C  CG  . MET A 1 56  ? 9.097   -2.101  -9.234  1.00 13.32 ? 143 MET A CG  1 
ATOM   465  S  SD  . MET A 1 56  ? 9.467   -0.656  -10.265 1.00 16.79 ? 143 MET A SD  1 
ATOM   466  C  CE  . MET A 1 56  ? 9.444   -1.420  -11.952 1.00 12.87 ? 143 MET A CE  1 
ATOM   467  N  N   . ILE A 1 57  ? 4.730   -0.437  -8.360  1.00 13.55 ? 144 ILE A N   1 
ATOM   468  C  CA  . ILE A 1 57  ? 3.269   -0.491  -8.247  1.00 13.34 ? 144 ILE A CA  1 
ATOM   469  C  C   . ILE A 1 57  ? 2.634   -1.045  -9.523  1.00 13.57 ? 144 ILE A C   1 
ATOM   470  O  O   . ILE A 1 57  ? 2.998   -0.633  -10.623 1.00 14.18 ? 144 ILE A O   1 
ATOM   471  C  CB  . ILE A 1 57  ? 2.673   0.916   -7.985  1.00 13.57 ? 144 ILE A CB  1 
ATOM   472  C  CG1 . ILE A 1 57  ? 3.450   1.636   -6.877  1.00 13.84 ? 144 ILE A CG1 1 
ATOM   473  C  CG2 . ILE A 1 57  ? 1.210   0.806   -7.580  1.00 13.13 ? 144 ILE A CG2 1 
ATOM   474  C  CD1 . ILE A 1 57  ? 3.456   0.929   -5.550  1.00 10.88 ? 144 ILE A CD1 1 
ATOM   475  N  N   . ASN A 1 58  ? 1.653   -1.940  -9.370  1.00 14.68 ? 145 ASN A N   1 
ATOM   476  C  CA  . ASN A 1 58  ? 0.975   -2.545  -10.520 1.00 14.10 ? 145 ASN A CA  1 
ATOM   477  C  C   . ASN A 1 58  ? -0.437  -3.083  -10.300 1.00 14.28 ? 145 ASN A C   1 
ATOM   478  O  O   . ASN A 1 58  ? -0.895  -3.219  -9.167  1.00 13.42 ? 145 ASN A O   1 
ATOM   479  C  CB  . ASN A 1 58  ? 1.822   -3.673  -11.087 1.00 14.20 ? 145 ASN A CB  1 
ATOM   480  C  CG  . ASN A 1 58  ? 1.958   -3.585  -12.578 1.00 16.44 ? 145 ASN A CG  1 
ATOM   481  O  OD1 . ASN A 1 58  ? 1.073   -3.072  -13.272 1.00 20.91 ? 145 ASN A OD1 1 
ATOM   482  N  ND2 . ASN A 1 58  ? 3.083   -4.064  -13.092 1.00 17.32 ? 145 ASN A ND2 1 
ATOM   483  N  N   . PHE A 1 59  ? -1.110  -3.372  -11.419 1.00 14.21 ? 146 PHE A N   1 
ATOM   484  C  CA  . PHE A 1 59  ? -2.465  -3.927  -11.436 1.00 13.64 ? 146 PHE A CA  1 
ATOM   485  C  C   . PHE A 1 59  ? -2.431  -5.262  -12.183 1.00 14.54 ? 146 PHE A C   1 
ATOM   486  O  O   . PHE A 1 59  ? -1.577  -5.482  -13.040 1.00 15.75 ? 146 PHE A O   1 
ATOM   487  C  CB  . PHE A 1 59  ? -3.442  -2.962  -12.122 1.00 12.30 ? 146 PHE A CB  1 
ATOM   488  C  CG  . PHE A 1 59  ? -3.687  -1.706  -11.343 1.00 13.55 ? 146 PHE A CG  1 
ATOM   489  C  CD1 . PHE A 1 59  ? -2.821  -0.616  -11.459 1.00 14.50 ? 146 PHE A CD1 1 
ATOM   490  C  CD2 . PHE A 1 59  ? -4.736  -1.629  -10.439 1.00 12.79 ? 146 PHE A CD2 1 
ATOM   491  C  CE1 . PHE A 1 59  ? -2.994  0.533   -10.672 1.00 12.13 ? 146 PHE A CE1 1 
ATOM   492  C  CE2 . PHE A 1 59  ? -4.915  -0.479  -9.647  1.00 15.34 ? 146 PHE A CE2 1 
ATOM   493  C  CZ  . PHE A 1 59  ? -4.041  0.600   -9.765  1.00 10.06 ? 146 PHE A CZ  1 
ATOM   494  N  N   . GLY A 1 60  ? -3.334  -6.166  -11.829 1.00 15.18 ? 147 GLY A N   1 
ATOM   495  C  CA  . GLY A 1 60  ? -3.376  -7.457  -12.489 1.00 15.51 ? 147 GLY A CA  1 
ATOM   496  C  C   . GLY A 1 60  ? -4.624  -8.248  -12.157 1.00 17.49 ? 147 GLY A C   1 
ATOM   497  O  O   . GLY A 1 60  ? -5.415  -7.853  -11.302 1.00 17.27 ? 147 GLY A O   1 
ATOM   498  N  N   . ARG A 1 61  ? -4.804  -9.364  -12.848 1.00 19.36 ? 148 ARG A N   1 
ATOM   499  C  CA  . ARG A 1 61  ? -5.946  -10.241 -12.630 1.00 21.12 ? 148 ARG A CA  1 
ATOM   500  C  C   . ARG A 1 61  ? -5.431  -11.677 -12.628 1.00 20.74 ? 148 ARG A C   1 
ATOM   501  O  O   . ARG A 1 61  ? -4.482  -11.997 -13.358 1.00 22.67 ? 148 ARG A O   1 
ATOM   502  C  CB  . ARG A 1 61  ? -6.975  -10.056 -13.755 1.00 23.14 ? 148 ARG A CB  1 
ATOM   503  C  CG  . ARG A 1 61  ? -6.433  -10.368 -15.153 1.00 27.82 ? 148 ARG A CG  1 
ATOM   504  C  CD  . ARG A 1 61  ? -7.485  -10.152 -16.241 1.00 33.53 ? 148 ARG A CD  1 
ATOM   505  N  NE  . ARG A 1 61  ? -8.673  -10.971 -16.008 1.00 38.96 ? 148 ARG A NE  1 
ATOM   506  C  CZ  . ARG A 1 61  ? -9.864  -10.755 -16.564 1.00 41.15 ? 148 ARG A CZ  1 
ATOM   507  N  NH1 . ARG A 1 61  ? -10.046 -9.746  -17.417 1.00 41.64 ? 148 ARG A NH1 1 
ATOM   508  N  NH2 . ARG A 1 61  ? -10.912 -11.488 -16.178 1.00 42.62 ? 148 ARG A NH2 1 
ATOM   509  N  N   . TRP A 1 62  ? -6.041  -12.530 -11.803 1.00 19.25 ? 149 TRP A N   1 
ATOM   510  C  CA  . TRP A 1 62  ? -5.660  -13.947 -11.695 1.00 16.50 ? 149 TRP A CA  1 
ATOM   511  C  C   . TRP A 1 62  ? -4.138  -14.062 -11.628 1.00 15.02 ? 149 TRP A C   1 
ATOM   512  O  O   . TRP A 1 62  ? -3.496  -13.198 -11.047 1.00 14.90 ? 149 TRP A O   1 
ATOM   513  C  CB  . TRP A 1 62  ? -6.252  -14.735 -12.873 1.00 15.74 ? 149 TRP A CB  1 
ATOM   514  C  CG  . TRP A 1 62  ? -7.749  -14.566 -12.978 1.00 15.83 ? 149 TRP A CG  1 
ATOM   515  C  CD1 . TRP A 1 62  ? -8.428  -13.706 -13.812 1.00 17.28 ? 149 TRP A CD1 1 
ATOM   516  C  CD2 . TRP A 1 62  ? -8.748  -15.208 -12.169 1.00 15.42 ? 149 TRP A CD2 1 
ATOM   517  N  NE1 . TRP A 1 62  ? -9.780  -13.768 -13.556 1.00 18.16 ? 149 TRP A NE1 1 
ATOM   518  C  CE2 . TRP A 1 62  ? -10.005 -14.679 -12.555 1.00 14.74 ? 149 TRP A CE2 1 
ATOM   519  C  CE3 . TRP A 1 62  ? -8.704  -16.174 -11.151 1.00 15.16 ? 149 TRP A CE3 1 
ATOM   520  C  CZ2 . TRP A 1 62  ? -11.201 -15.083 -11.959 1.00 12.73 ? 149 TRP A CZ2 1 
ATOM   521  C  CZ3 . TRP A 1 62  ? -9.897  -16.575 -10.558 1.00 12.57 ? 149 TRP A CZ3 1 
ATOM   522  C  CH2 . TRP A 1 62  ? -11.128 -16.027 -10.965 1.00 13.22 ? 149 TRP A CH2 1 
ATOM   523  N  N   . GLU A 1 63  ? -3.554  -15.109 -12.199 1.00 14.21 ? 150 GLU A N   1 
ATOM   524  C  CA  . GLU A 1 63  ? -2.101  -15.230 -12.174 1.00 14.47 ? 150 GLU A CA  1 
ATOM   525  C  C   . GLU A 1 63  ? -1.498  -14.111 -13.001 1.00 15.41 ? 150 GLU A C   1 
ATOM   526  O  O   . GLU A 1 63  ? -1.813  -13.965 -14.178 1.00 17.05 ? 150 GLU A O   1 
ATOM   527  C  CB  . GLU A 1 63  ? -1.614  -16.578 -12.704 1.00 10.34 ? 150 GLU A CB  1 
ATOM   528  C  CG  . GLU A 1 63  ? -0.887  -17.410 -11.657 1.00 12.60 ? 150 GLU A CG  1 
ATOM   529  C  CD  . GLU A 1 63  ? 0.232   -16.657 -10.932 1.00 13.12 ? 150 GLU A CD  1 
ATOM   530  O  OE1 . GLU A 1 63  ? -0.050  -15.976 -9.917  1.00 17.24 ? 150 GLU A OE1 1 
ATOM   531  O  OE2 . GLU A 1 63  ? 1.397   -16.754 -11.366 1.00 10.74 ? 150 GLU A OE2 1 
ATOM   532  N  N   . HIS A 1 64  ? -0.625  -13.332 -12.376 1.00 17.48 ? 151 HIS A N   1 
ATOM   533  C  CA  . HIS A 1 64  ? 0.028   -12.211 -13.041 1.00 18.93 ? 151 HIS A CA  1 
ATOM   534  C  C   . HIS A 1 64  ? 1.543   -12.323 -13.009 1.00 20.55 ? 151 HIS A C   1 
ATOM   535  O  O   . HIS A 1 64  ? 2.258   -11.312 -13.121 1.00 22.80 ? 151 HIS A O   1 
ATOM   536  C  CB  . HIS A 1 64  ? -0.437  -10.894 -12.432 1.00 18.43 ? 151 HIS A CB  1 
ATOM   537  C  CG  . HIS A 1 64  ? -0.502  -10.913 -10.935 1.00 17.84 ? 151 HIS A CG  1 
ATOM   538  N  ND1 . HIS A 1 64  ? -1.097  -11.918 -10.203 1.00 20.24 ? 151 HIS A ND1 1 
ATOM   539  C  CD2 . HIS A 1 64  ? -0.086  -9.994  -10.023 1.00 16.07 ? 151 HIS A CD2 1 
ATOM   540  C  CE1 . HIS A 1 64  ? -1.036  -11.580 -8.909  1.00 19.19 ? 151 HIS A CE1 1 
ATOM   541  N  NE2 . HIS A 1 64  ? -0.434  -10.428 -8.760  1.00 16.38 ? 151 HIS A NE2 1 
ATOM   542  N  N   . GLY A 1 65  ? 2.039   -13.544 -12.836 1.00 18.66 ? 152 GLY A N   1 
ATOM   543  C  CA  . GLY A 1 65  ? 3.461   -13.798 -12.840 1.00 16.87 ? 152 GLY A CA  1 
ATOM   544  C  C   . GLY A 1 65  ? 4.210   -13.769 -11.532 1.00 17.50 ? 152 GLY A C   1 
ATOM   545  O  O   . GLY A 1 65  ? 5.358   -13.344 -11.504 1.00 19.42 ? 152 GLY A O   1 
ATOM   546  N  N   . ASP A 1 66  ? 3.613   -14.263 -10.446 1.00 19.20 ? 153 ASP A N   1 
ATOM   547  C  CA  . ASP A 1 66  ? 4.319   -14.251 -9.156  1.00 19.20 ? 153 ASP A CA  1 
ATOM   548  C  C   . ASP A 1 66  ? 3.939   -15.367 -8.184  1.00 18.26 ? 153 ASP A C   1 
ATOM   549  O  O   . ASP A 1 66  ? 4.342   -15.322 -7.025  1.00 18.94 ? 153 ASP A O   1 
ATOM   550  C  CB  . ASP A 1 66  ? 4.173   -12.891 -8.458  1.00 21.74 ? 153 ASP A CB  1 
ATOM   551  C  CG  . ASP A 1 66  ? 2.847   -12.741 -7.744  1.00 23.21 ? 153 ASP A CG  1 
ATOM   552  O  OD1 . ASP A 1 66  ? 1.785   -13.101 -8.309  1.00 25.35 ? 153 ASP A OD1 1 
ATOM   553  O  OD2 . ASP A 1 66  ? 2.880   -12.306 -6.585  1.00 23.94 ? 153 ASP A OD2 1 
ATOM   554  N  N   . GLY A 1 67  ? 3.174   -16.345 -8.648  1.00 16.32 ? 154 GLY A N   1 
ATOM   555  C  CA  . GLY A 1 67  ? 2.805   -17.455 -7.801  1.00 15.68 ? 154 GLY A CA  1 
ATOM   556  C  C   . GLY A 1 67  ? 1.632   -17.209 -6.880  1.00 17.36 ? 154 GLY A C   1 
ATOM   557  O  O   . GLY A 1 67  ? 1.024   -18.168 -6.421  1.00 19.58 ? 154 GLY A O   1 
ATOM   558  N  N   . TYR A 1 68  ? 1.290   -15.939 -6.642  1.00 18.77 ? 155 TYR A N   1 
ATOM   559  C  CA  . TYR A 1 68  ? 0.187   -15.584 -5.765  1.00 19.12 ? 155 TYR A CA  1 
ATOM   560  C  C   . TYR A 1 68  ? -0.923  -14.925 -6.560  1.00 19.84 ? 155 TYR A C   1 
ATOM   561  O  O   . TYR A 1 68  ? -0.938  -13.691 -6.688  1.00 22.19 ? 155 TYR A O   1 
ATOM   562  C  CB  . TYR A 1 68  ? 0.686   -14.646 -4.671  1.00 18.83 ? 155 TYR A CB  1 
ATOM   563  C  CG  . TYR A 1 68  ? 1.726   -15.284 -3.783  1.00 20.39 ? 155 TYR A CG  1 
ATOM   564  C  CD1 . TYR A 1 68  ? 3.073   -15.329 -4.162  1.00 20.40 ? 155 TYR A CD1 1 
ATOM   565  C  CD2 . TYR A 1 68  ? 1.365   -15.863 -2.570  1.00 21.78 ? 155 TYR A CD2 1 
ATOM   566  C  CE1 . TYR A 1 68  ? 4.029   -15.939 -3.351  1.00 21.12 ? 155 TYR A CE1 1 
ATOM   567  C  CE2 . TYR A 1 68  ? 2.311   -16.476 -1.754  1.00 22.67 ? 155 TYR A CE2 1 
ATOM   568  C  CZ  . TYR A 1 68  ? 3.641   -16.514 -2.148  1.00 22.82 ? 155 TYR A CZ  1 
ATOM   569  O  OH  . TYR A 1 68  ? 4.569   -17.155 -1.353  1.00 23.20 ? 155 TYR A OH  1 
ATOM   570  N  N   . PRO A 1 69  ? -1.898  -15.721 -7.044  1.00 20.52 ? 156 PRO A N   1 
ATOM   571  C  CA  . PRO A 1 69  ? -3.074  -15.338 -7.849  1.00 20.85 ? 156 PRO A CA  1 
ATOM   572  C  C   . PRO A 1 69  ? -4.128  -14.470 -7.182  1.00 19.20 ? 156 PRO A C   1 
ATOM   573  O  O   . PRO A 1 69  ? -4.243  -14.436 -5.960  1.00 18.39 ? 156 PRO A O   1 
ATOM   574  C  CB  . PRO A 1 69  ? -3.703  -16.694 -8.224  1.00 20.14 ? 156 PRO A CB  1 
ATOM   575  C  CG  . PRO A 1 69  ? -2.612  -17.695 -8.008  1.00 21.78 ? 156 PRO A CG  1 
ATOM   576  C  CD  . PRO A 1 69  ? -1.924  -17.171 -6.780  1.00 20.90 ? 156 PRO A CD  1 
ATOM   577  N  N   . PHE A 1 70  ? -4.896  -13.786 -8.026  1.00 18.57 ? 157 PHE A N   1 
ATOM   578  C  CA  . PHE A 1 70  ? -6.010  -12.955 -7.576  1.00 17.81 ? 157 PHE A CA  1 
ATOM   579  C  C   . PHE A 1 70  ? -7.274  -13.772 -7.846  1.00 17.74 ? 157 PHE A C   1 
ATOM   580  O  O   . PHE A 1 70  ? -7.169  -14.926 -8.285  1.00 18.40 ? 157 PHE A O   1 
ATOM   581  C  CB  . PHE A 1 70  ? -6.044  -11.597 -8.280  1.00 14.66 ? 157 PHE A CB  1 
ATOM   582  C  CG  . PHE A 1 70  ? -5.037  -10.619 -7.738  1.00 12.47 ? 157 PHE A CG  1 
ATOM   583  C  CD1 . PHE A 1 70  ? -4.834  -10.510 -6.364  1.00 10.09 ? 157 PHE A CD1 1 
ATOM   584  C  CD2 . PHE A 1 70  ? -4.276  -9.818  -8.592  1.00 10.44 ? 157 PHE A CD2 1 
ATOM   585  C  CE1 . PHE A 1 70  ? -3.893  -9.632  -5.845  1.00 8.40  ? 157 PHE A CE1 1 
ATOM   586  C  CE2 . PHE A 1 70  ? -3.327  -8.930  -8.081  1.00 8.24  ? 157 PHE A CE2 1 
ATOM   587  C  CZ  . PHE A 1 70  ? -3.138  -8.839  -6.704  1.00 10.97 ? 157 PHE A CZ  1 
ATOM   588  N  N   . ASP A 1 71  ? -8.458  -13.201 -7.636  1.00 17.29 ? 158 ASP A N   1 
ATOM   589  C  CA  . ASP A 1 71  ? -9.681  -13.977 -7.813  1.00 17.13 ? 158 ASP A CA  1 
ATOM   590  C  C   . ASP A 1 71  ? -10.956 -13.315 -8.371  1.00 16.62 ? 158 ASP A C   1 
ATOM   591  O  O   . ASP A 1 71  ? -12.056 -13.582 -7.880  1.00 17.07 ? 158 ASP A O   1 
ATOM   592  C  CB  . ASP A 1 71  ? -10.002 -14.679 -6.481  1.00 16.96 ? 158 ASP A CB  1 
ATOM   593  C  CG  . ASP A 1 71  ? -10.063 -13.711 -5.297  1.00 18.48 ? 158 ASP A CG  1 
ATOM   594  O  OD1 . ASP A 1 71  ? -9.263  -12.754 -5.250  1.00 18.43 ? 158 ASP A OD1 1 
ATOM   595  O  OD2 . ASP A 1 71  ? -10.910 -13.902 -4.402  1.00 20.43 ? 158 ASP A OD2 1 
ATOM   596  N  N   . GLY A 1 72  ? -10.842 -12.508 -9.419  1.00 15.60 ? 159 GLY A N   1 
ATOM   597  C  CA  . GLY A 1 72  ? -12.033 -11.880 -9.972  1.00 14.90 ? 159 GLY A CA  1 
ATOM   598  C  C   . GLY A 1 72  ? -12.653 -10.819 -9.076  1.00 15.61 ? 159 GLY A C   1 
ATOM   599  O  O   . GLY A 1 72  ? -11.990 -10.260 -8.221  1.00 15.11 ? 159 GLY A O   1 
ATOM   600  N  N   . LYS A 1 73  ? -13.944 -10.568 -9.244  1.00 15.58 ? 160 LYS A N   1 
ATOM   601  C  CA  . LYS A 1 73  ? -14.637 -9.552  -8.462  1.00 15.76 ? 160 LYS A CA  1 
ATOM   602  C  C   . LYS A 1 73  ? -14.731 -9.928  -6.981  1.00 15.88 ? 160 LYS A C   1 
ATOM   603  O  O   . LYS A 1 73  ? -14.975 -11.084 -6.642  1.00 15.39 ? 160 LYS A O   1 
ATOM   604  C  CB  . LYS A 1 73  ? -16.017 -9.303  -9.068  1.00 16.76 ? 160 LYS A CB  1 
ATOM   605  C  CG  . LYS A 1 73  ? -16.763 -8.120  -8.511  1.00 19.09 ? 160 LYS A CG  1 
ATOM   606  C  CD  . LYS A 1 73  ? -17.933 -7.757  -9.416  1.00 21.58 ? 160 LYS A CD  1 
ATOM   607  C  CE  . LYS A 1 73  ? -18.827 -6.695  -8.791  1.00 24.20 ? 160 LYS A CE  1 
ATOM   608  N  NZ  . LYS A 1 73  ? -19.472 -7.214  -7.539  1.00 23.16 ? 160 LYS A NZ  1 
ATOM   609  N  N   . ASP A 1 74  ? -14.507 -8.939  -6.112  1.00 16.07 ? 161 ASP A N   1 
ATOM   610  C  CA  . ASP A 1 74  ? -14.545 -9.114  -4.660  1.00 16.96 ? 161 ASP A CA  1 
ATOM   611  C  C   . ASP A 1 74  ? -13.561 -10.161 -4.156  1.00 17.56 ? 161 ASP A C   1 
ATOM   612  O  O   . ASP A 1 74  ? -12.764 -10.673 -4.930  1.00 19.73 ? 161 ASP A O   1 
ATOM   613  C  CB  . ASP A 1 74  ? -15.952 -9.469  -4.202  1.00 18.44 ? 161 ASP A CB  1 
ATOM   614  C  CG  . ASP A 1 74  ? -16.938 -8.373  -4.484  1.00 19.46 ? 161 ASP A CG  1 
ATOM   615  O  OD1 . ASP A 1 74  ? -16.631 -7.207  -4.169  1.00 16.35 ? 161 ASP A OD1 1 
ATOM   616  O  OD2 . ASP A 1 74  ? -18.020 -8.683  -5.024  1.00 22.49 ? 161 ASP A OD2 1 
ATOM   617  N  N   . GLY A 1 75  ? -13.637 -10.498 -2.869  1.00 16.45 ? 162 GLY A N   1 
ATOM   618  C  CA  . GLY A 1 75  ? -12.729 -11.483 -2.302  1.00 15.91 ? 162 GLY A CA  1 
ATOM   619  C  C   . GLY A 1 75  ? -11.414 -10.825 -1.959  1.00 16.89 ? 162 GLY A C   1 
ATOM   620  O  O   . GLY A 1 75  ? -11.395 -9.898  -1.158  1.00 18.42 ? 162 GLY A O   1 
ATOM   621  N  N   . LEU A 1 76  ? -10.308 -11.315 -2.511  1.00 16.84 ? 163 LEU A N   1 
ATOM   622  C  CA  . LEU A 1 76  ? -9.011  -10.686 -2.252  1.00 15.74 ? 163 LEU A CA  1 
ATOM   623  C  C   . LEU A 1 76  ? -8.981  -9.321  -2.957  1.00 14.71 ? 163 LEU A C   1 
ATOM   624  O  O   . LEU A 1 76  ? -9.602  -9.154  -4.003  1.00 16.90 ? 163 LEU A O   1 
ATOM   625  C  CB  . LEU A 1 76  ? -7.882  -11.551 -2.793  1.00 15.29 ? 163 LEU A CB  1 
ATOM   626  C  CG  . LEU A 1 76  ? -7.023  -12.266 -1.758  1.00 17.62 ? 163 LEU A CG  1 
ATOM   627  C  CD1 . LEU A 1 76  ? -7.509  -13.704 -1.563  1.00 18.77 ? 163 LEU A CD1 1 
ATOM   628  C  CD2 . LEU A 1 76  ? -5.594  -12.249 -2.253  1.00 15.39 ? 163 LEU A CD2 1 
ATOM   629  N  N   . LEU A 1 77  ? -8.289  -8.339  -2.389  1.00 11.54 ? 164 LEU A N   1 
ATOM   630  C  CA  . LEU A 1 77  ? -8.236  -7.027  -3.022  1.00 9.88  ? 164 LEU A CA  1 
ATOM   631  C  C   . LEU A 1 77  ? -6.864  -6.668  -3.561  1.00 10.93 ? 164 LEU A C   1 
ATOM   632  O  O   . LEU A 1 77  ? -6.739  -6.166  -4.684  1.00 12.54 ? 164 LEU A O   1 
ATOM   633  C  CB  . LEU A 1 77  ? -8.723  -5.941  -2.061  1.00 10.60 ? 164 LEU A CB  1 
ATOM   634  C  CG  . LEU A 1 77  ? -10.191 -6.018  -1.632  1.00 12.35 ? 164 LEU A CG  1 
ATOM   635  C  CD1 . LEU A 1 77  ? -10.571 -4.748  -0.878  1.00 13.43 ? 164 LEU A CD1 1 
ATOM   636  C  CD2 . LEU A 1 77  ? -11.096 -6.208  -2.850  1.00 10.69 ? 164 LEU A CD2 1 
ATOM   637  N  N   . ALA A 1 78  ? -5.838  -6.910  -2.750  1.00 11.70 ? 165 ALA A N   1 
ATOM   638  C  CA  . ALA A 1 78  ? -4.463  -6.616  -3.129  1.00 11.15 ? 165 ALA A CA  1 
ATOM   639  C  C   . ALA A 1 78  ? -3.499  -7.321  -2.180  1.00 12.48 ? 165 ALA A C   1 
ATOM   640  O  O   . ALA A 1 78  ? -3.928  -7.964  -1.220  1.00 10.15 ? 165 ALA A O   1 
ATOM   641  C  CB  . ALA A 1 78  ? -4.232  -5.121  -3.081  1.00 10.86 ? 165 ALA A CB  1 
ATOM   642  N  N   . HIS A 1 79  ? -2.202  -7.227  -2.481  1.00 13.22 ? 166 HIS A N   1 
ATOM   643  C  CA  . HIS A 1 79  ? -1.148  -7.807  -1.639  1.00 12.96 ? 166 HIS A CA  1 
ATOM   644  C  C   . HIS A 1 79  ? 0.203   -7.131  -1.872  1.00 13.21 ? 166 HIS A C   1 
ATOM   645  O  O   . HIS A 1 79  ? 0.421   -6.536  -2.926  1.00 15.39 ? 166 HIS A O   1 
ATOM   646  C  CB  . HIS A 1 79  ? -1.033  -9.336  -1.800  1.00 11.17 ? 166 HIS A CB  1 
ATOM   647  C  CG  . HIS A 1 79  ? -0.670  -9.794  -3.180  1.00 13.38 ? 166 HIS A CG  1 
ATOM   648  N  ND1 . HIS A 1 79  ? -1.130  -10.964 -3.743  1.00 15.09 ? 166 HIS A ND1 1 
ATOM   649  C  CD2 . HIS A 1 79  ? 0.098   -9.205  -4.133  1.00 13.60 ? 166 HIS A CD2 1 
ATOM   650  C  CE1 . HIS A 1 79  ? -0.652  -11.041 -4.994  1.00 13.62 ? 166 HIS A CE1 1 
ATOM   651  N  NE2 . HIS A 1 79  ? 0.096   -9.997  -5.272  1.00 14.04 ? 166 HIS A NE2 1 
ATOM   652  N  N   . ALA A 1 80  ? 1.085   -7.193  -0.872  1.00 13.25 ? 167 ALA A N   1 
ATOM   653  C  CA  . ALA A 1 80  ? 2.425   -6.606  -0.961  1.00 12.35 ? 167 ALA A CA  1 
ATOM   654  C  C   . ALA A 1 80  ? 3.492   -7.482  -0.294  1.00 11.73 ? 167 ALA A C   1 
ATOM   655  O  O   . ALA A 1 80  ? 3.185   -8.265  0.594   1.00 12.09 ? 167 ALA A O   1 
ATOM   656  C  CB  . ALA A 1 80  ? 2.424   -5.220  -0.354  1.00 12.68 ? 167 ALA A CB  1 
ATOM   657  N  N   . PHE A 1 81  ? 4.745   -7.348  -0.721  1.00 12.60 ? 168 PHE A N   1 
ATOM   658  C  CA  . PHE A 1 81  ? 5.837   -8.135  -0.152  1.00 13.50 ? 168 PHE A CA  1 
ATOM   659  C  C   . PHE A 1 81  ? 6.668   -7.376  0.897   1.00 14.49 ? 168 PHE A C   1 
ATOM   660  O  O   . PHE A 1 81  ? 6.743   -6.148  0.879   1.00 14.23 ? 168 PHE A O   1 
ATOM   661  C  CB  . PHE A 1 81  ? 6.727   -8.655  -1.274  1.00 14.96 ? 168 PHE A CB  1 
ATOM   662  C  CG  . PHE A 1 81  ? 5.992   -9.495  -2.278  1.00 18.88 ? 168 PHE A CG  1 
ATOM   663  C  CD1 . PHE A 1 81  ? 5.121   -8.904  -3.205  1.00 18.97 ? 168 PHE A CD1 1 
ATOM   664  C  CD2 . PHE A 1 81  ? 6.155   -10.881 -2.299  1.00 19.83 ? 168 PHE A CD2 1 
ATOM   665  C  CE1 . PHE A 1 81  ? 4.420   -9.678  -4.140  1.00 16.73 ? 168 PHE A CE1 1 
ATOM   666  C  CE2 . PHE A 1 81  ? 5.457   -11.672 -3.233  1.00 20.25 ? 168 PHE A CE2 1 
ATOM   667  C  CZ  . PHE A 1 81  ? 4.588   -11.064 -4.154  1.00 19.86 ? 168 PHE A CZ  1 
ATOM   668  N  N   . ALA A 1 82  ? 7.281   -8.110  1.824   1.00 13.68 ? 169 ALA A N   1 
ATOM   669  C  CA  . ALA A 1 82  ? 8.086   -7.495  2.885   1.00 14.14 ? 169 ALA A CA  1 
ATOM   670  C  C   . ALA A 1 82  ? 9.354   -6.808  2.346   1.00 14.29 ? 169 ALA A C   1 
ATOM   671  O  O   . ALA A 1 82  ? 9.705   -6.973  1.173   1.00 13.76 ? 169 ALA A O   1 
ATOM   672  C  CB  . ALA A 1 82  ? 8.447   -8.540  3.941   1.00 7.26  ? 169 ALA A CB  1 
ATOM   673  N  N   . PRO A 1 83  ? 10.013  -5.975  3.178   1.00 14.00 ? 170 PRO A N   1 
ATOM   674  C  CA  . PRO A 1 83  ? 11.231  -5.283  2.752   1.00 13.78 ? 170 PRO A CA  1 
ATOM   675  C  C   . PRO A 1 83  ? 12.252  -6.282  2.245   1.00 13.87 ? 170 PRO A C   1 
ATOM   676  O  O   . PRO A 1 83  ? 12.631  -7.190  2.969   1.00 15.21 ? 170 PRO A O   1 
ATOM   677  C  CB  . PRO A 1 83  ? 11.714  -4.627  4.039   1.00 12.43 ? 170 PRO A CB  1 
ATOM   678  C  CG  . PRO A 1 83  ? 10.454  -4.294  4.717   1.00 13.53 ? 170 PRO A CG  1 
ATOM   679  C  CD  . PRO A 1 83  ? 9.620   -5.538  4.527   1.00 13.78 ? 170 PRO A CD  1 
ATOM   680  N  N   . GLY A 1 84  ? 12.657  -6.130  0.988   1.00 15.53 ? 171 GLY A N   1 
ATOM   681  C  CA  . GLY A 1 84  ? 13.639  -7.021  0.389   1.00 14.82 ? 171 GLY A CA  1 
ATOM   682  C  C   . GLY A 1 84  ? 14.052  -6.546  -0.996  1.00 15.22 ? 171 GLY A C   1 
ATOM   683  O  O   . GLY A 1 84  ? 13.486  -5.587  -1.520  1.00 15.55 ? 171 GLY A O   1 
ATOM   684  N  N   . THR A 1 85  ? 15.050  -7.192  -1.587  1.00 14.49 ? 172 THR A N   1 
ATOM   685  C  CA  . THR A 1 85  ? 15.505  -6.796  -2.914  1.00 14.17 ? 172 THR A CA  1 
ATOM   686  C  C   . THR A 1 85  ? 14.635  -7.435  -3.992  1.00 15.12 ? 172 THR A C   1 
ATOM   687  O  O   . THR A 1 85  ? 13.822  -8.321  -3.703  1.00 14.23 ? 172 THR A O   1 
ATOM   688  C  CB  . THR A 1 85  ? 17.005  -7.141  -3.160  1.00 15.04 ? 172 THR A CB  1 
ATOM   689  O  OG1 . THR A 1 85  ? 17.213  -8.561  -3.083  1.00 14.02 ? 172 THR A OG1 1 
ATOM   690  C  CG2 . THR A 1 85  ? 17.884  -6.440  -2.150  1.00 10.46 ? 172 THR A CG2 1 
ATOM   691  N  N   . GLY A 1 86  ? 14.775  -6.949  -5.220  1.00 14.53 ? 173 GLY A N   1 
ATOM   692  C  CA  . GLY A 1 86  ? 13.995  -7.492  -6.313  1.00 13.93 ? 173 GLY A CA  1 
ATOM   693  C  C   . GLY A 1 86  ? 12.511  -7.234  -6.167  1.00 14.56 ? 173 GLY A C   1 
ATOM   694  O  O   . GLY A 1 86  ? 12.062  -6.111  -6.313  1.00 15.90 ? 173 GLY A O   1 
ATOM   695  N  N   . VAL A 1 87  ? 11.756  -8.273  -5.847  1.00 16.09 ? 174 VAL A N   1 
ATOM   696  C  CA  . VAL A 1 87  ? 10.302  -8.173  -5.705  1.00 16.40 ? 174 VAL A CA  1 
ATOM   697  C  C   . VAL A 1 87  ? 9.866   -7.675  -4.337  1.00 15.29 ? 174 VAL A C   1 
ATOM   698  O  O   . VAL A 1 87  ? 8.762   -7.154  -4.190  1.00 15.64 ? 174 VAL A O   1 
ATOM   699  C  CB  . VAL A 1 87  ? 9.624   -9.536  -6.048  1.00 17.06 ? 174 VAL A CB  1 
ATOM   700  C  CG1 . VAL A 1 87  ? 8.214   -9.620  -5.502  1.00 17.82 ? 174 VAL A CG1 1 
ATOM   701  C  CG2 . VAL A 1 87  ? 9.590   -9.711  -7.554  1.00 18.81 ? 174 VAL A CG2 1 
ATOM   702  N  N   . GLY A 1 88  ? 10.728  -7.833  -3.339  1.00 13.64 ? 175 GLY A N   1 
ATOM   703  C  CA  . GLY A 1 88  ? 10.382  -7.366  -2.010  1.00 12.64 ? 175 GLY A CA  1 
ATOM   704  C  C   . GLY A 1 88  ? 9.945   -5.916  -2.094  1.00 13.75 ? 175 GLY A C   1 
ATOM   705  O  O   . GLY A 1 88  ? 10.546  -5.132  -2.826  1.00 12.70 ? 175 GLY A O   1 
ATOM   706  N  N   . GLY A 1 89  ? 8.861   -5.582  -1.406  1.00 14.28 ? 176 GLY A N   1 
ATOM   707  C  CA  . GLY A 1 89  ? 8.360   -4.220  -1.427  1.00 11.97 ? 176 GLY A CA  1 
ATOM   708  C  C   . GLY A 1 89  ? 7.304   -3.932  -2.482  1.00 10.05 ? 176 GLY A C   1 
ATOM   709  O  O   . GLY A 1 89  ? 6.550   -2.976  -2.338  1.00 8.50  ? 176 GLY A O   1 
ATOM   710  N  N   . ASP A 1 90  ? 7.246   -4.738  -3.537  1.00 9.82  ? 177 ASP A N   1 
ATOM   711  C  CA  . ASP A 1 90  ? 6.267   -4.540  -4.612  1.00 12.01 ? 177 ASP A CA  1 
ATOM   712  C  C   . ASP A 1 90  ? 4.805   -4.671  -4.133  1.00 14.18 ? 177 ASP A C   1 
ATOM   713  O  O   . ASP A 1 90  ? 4.486   -5.536  -3.314  1.00 12.91 ? 177 ASP A O   1 
ATOM   714  C  CB  . ASP A 1 90  ? 6.510   -5.537  -5.760  1.00 12.95 ? 177 ASP A CB  1 
ATOM   715  C  CG  . ASP A 1 90  ? 7.757   -5.223  -6.592  1.00 13.79 ? 177 ASP A CG  1 
ATOM   716  O  OD1 . ASP A 1 90  ? 8.631   -4.470  -6.141  1.00 10.03 ? 177 ASP A OD1 1 
ATOM   717  O  OD2 . ASP A 1 90  ? 7.865   -5.748  -7.718  1.00 12.01 ? 177 ASP A OD2 1 
ATOM   718  N  N   . SER A 1 91  ? 3.928   -3.819  -4.673  1.00 16.01 ? 178 SER A N   1 
ATOM   719  C  CA  . SER A 1 91  ? 2.500   -3.804  -4.329  1.00 15.21 ? 178 SER A CA  1 
ATOM   720  C  C   . SER A 1 91  ? 1.639   -3.999  -5.573  1.00 14.53 ? 178 SER A C   1 
ATOM   721  O  O   . SER A 1 91  ? 1.717   -3.212  -6.527  1.00 13.08 ? 178 SER A O   1 
ATOM   722  C  CB  . SER A 1 91  ? 2.120   -2.477  -3.672  1.00 16.14 ? 178 SER A CB  1 
ATOM   723  O  OG  . SER A 1 91  ? 3.010   -2.158  -2.621  1.00 19.06 ? 178 SER A OG  1 
ATOM   724  N  N   . HIS A 1 92  ? 0.806   -5.039  -5.550  1.00 12.91 ? 179 HIS A N   1 
ATOM   725  C  CA  . HIS A 1 92  ? -0.063  -5.358  -6.677  1.00 12.69 ? 179 HIS A CA  1 
ATOM   726  C  C   . HIS A 1 92  ? -1.533  -5.254  -6.303  1.00 12.31 ? 179 HIS A C   1 
ATOM   727  O  O   . HIS A 1 92  ? -1.938  -5.680  -5.223  1.00 11.29 ? 179 HIS A O   1 
ATOM   728  C  CB  . HIS A 1 92  ? 0.251   -6.758  -7.207  1.00 10.36 ? 179 HIS A CB  1 
ATOM   729  C  CG  . HIS A 1 92  ? 1.667   -6.925  -7.663  1.00 10.79 ? 179 HIS A CG  1 
ATOM   730  N  ND1 . HIS A 1 92  ? 2.246   -8.162  -7.770  1.00 11.77 ? 179 HIS A ND1 1 
ATOM   731  C  CD2 . HIS A 1 92  ? 2.583   -5.979  -7.986  1.00 11.19 ? 179 HIS A CD2 1 
ATOM   732  C  CE1 . HIS A 1 92  ? 3.492   -7.949  -8.146  1.00 10.54 ? 179 HIS A CE1 1 
ATOM   733  N  NE2 . HIS A 1 92  ? 3.742   -6.646  -8.288  1.00 13.28 ? 179 HIS A NE2 1 
ATOM   734  N  N   . PHE A 1 93  ? -2.321  -4.698  -7.222  1.00 13.60 ? 180 PHE A N   1 
ATOM   735  C  CA  . PHE A 1 93  ? -3.754  -4.501  -7.035  1.00 13.73 ? 180 PHE A CA  1 
ATOM   736  C  C   . PHE A 1 93  ? -4.576  -5.234  -8.095  1.00 15.30 ? 180 PHE A C   1 
ATOM   737  O  O   . PHE A 1 93  ? -4.267  -5.154  -9.284  1.00 15.01 ? 180 PHE A O   1 
ATOM   738  C  CB  . PHE A 1 93  ? -4.079  -3.012  -7.097  1.00 11.84 ? 180 PHE A CB  1 
ATOM   739  C  CG  . PHE A 1 93  ? -3.414  -2.206  -6.024  1.00 11.04 ? 180 PHE A CG  1 
ATOM   740  C  CD1 . PHE A 1 93  ? -2.090  -1.821  -6.148  1.00 10.73 ? 180 PHE A CD1 1 
ATOM   741  C  CD2 . PHE A 1 93  ? -4.119  -1.821  -4.893  1.00 10.19 ? 180 PHE A CD2 1 
ATOM   742  C  CE1 . PHE A 1 93  ? -1.472  -1.073  -5.159  1.00 11.87 ? 180 PHE A CE1 1 
ATOM   743  C  CE2 . PHE A 1 93  ? -3.510  -1.072  -3.896  1.00 12.35 ? 180 PHE A CE2 1 
ATOM   744  C  CZ  . PHE A 1 93  ? -2.183  -0.694  -4.031  1.00 12.56 ? 180 PHE A CZ  1 
ATOM   745  N  N   . ASP A 1 94  ? -5.648  -5.900  -7.659  1.00 16.12 ? 181 ASP A N   1 
ATOM   746  C  CA  . ASP A 1 94  ? -6.537  -6.661  -8.550  1.00 16.61 ? 181 ASP A CA  1 
ATOM   747  C  C   . ASP A 1 94  ? -7.471  -5.785  -9.384  1.00 14.86 ? 181 ASP A C   1 
ATOM   748  O  O   . ASP A 1 94  ? -8.351  -5.109  -8.846  1.00 13.50 ? 181 ASP A O   1 
ATOM   749  C  CB  . ASP A 1 94  ? -7.364  -7.672  -7.733  1.00 17.02 ? 181 ASP A CB  1 
ATOM   750  C  CG  . ASP A 1 94  ? -8.238  -8.586  -8.606  1.00 18.59 ? 181 ASP A CG  1 
ATOM   751  O  OD1 . ASP A 1 94  ? -8.099  -8.644  -9.854  1.00 19.90 ? 181 ASP A OD1 1 
ATOM   752  O  OD2 . ASP A 1 94  ? -9.082  -9.273  -8.028  1.00 17.12 ? 181 ASP A OD2 1 
ATOM   753  N  N   . ASP A 1 95  ? -7.326  -5.866  -10.704 1.00 14.64 ? 182 ASP A N   1 
ATOM   754  C  CA  . ASP A 1 95  ? -8.152  -5.069  -11.604 1.00 15.40 ? 182 ASP A CA  1 
ATOM   755  C  C   . ASP A 1 95  ? -9.517  -5.639  -12.006 1.00 15.20 ? 182 ASP A C   1 
ATOM   756  O  O   . ASP A 1 95  ? -10.145 -5.112  -12.915 1.00 15.90 ? 182 ASP A O   1 
ATOM   757  C  CB  . ASP A 1 95  ? -7.358  -4.642  -12.848 1.00 14.72 ? 182 ASP A CB  1 
ATOM   758  C  CG  . ASP A 1 95  ? -7.467  -3.140  -13.139 1.00 13.20 ? 182 ASP A CG  1 
ATOM   759  O  OD1 . ASP A 1 95  ? -8.352  -2.465  -12.583 1.00 10.91 ? 182 ASP A OD1 1 
ATOM   760  O  OD2 . ASP A 1 95  ? -6.648  -2.630  -13.929 1.00 14.16 ? 182 ASP A OD2 1 
ATOM   761  N  N   . ASP A 1 96  ? -9.982  -6.712  -11.372 1.00 15.11 ? 183 ASP A N   1 
ATOM   762  C  CA  . ASP A 1 96  ? -11.313 -7.212  -11.708 1.00 14.67 ? 183 ASP A CA  1 
ATOM   763  C  C   . ASP A 1 96  ? -12.278 -6.475  -10.777 1.00 16.89 ? 183 ASP A C   1 
ATOM   764  O  O   . ASP A 1 96  ? -13.498 -6.683  -10.810 1.00 17.73 ? 183 ASP A O   1 
ATOM   765  C  CB  . ASP A 1 96  ? -11.426 -8.717  -11.497 1.00 15.09 ? 183 ASP A CB  1 
ATOM   766  C  CG  . ASP A 1 96  ? -10.795 -9.526  -12.629 1.00 19.59 ? 183 ASP A CG  1 
ATOM   767  O  OD1 . ASP A 1 96  ? -10.989 -9.175  -13.811 1.00 21.14 ? 183 ASP A OD1 1 
ATOM   768  O  OD2 . ASP A 1 96  ? -10.104 -10.533 -12.347 1.00 21.47 ? 183 ASP A OD2 1 
ATOM   769  N  N   . GLU A 1 97  ? -11.699 -5.620  -9.935  1.00 16.90 ? 184 GLU A N   1 
ATOM   770  C  CA  . GLU A 1 97  ? -12.429 -4.809  -8.963  1.00 16.95 ? 184 GLU A CA  1 
ATOM   771  C  C   . GLU A 1 97  ? -12.691 -3.436  -9.579  1.00 16.06 ? 184 GLU A C   1 
ATOM   772  O  O   . GLU A 1 97  ? -12.020 -3.042  -10.535 1.00 13.06 ? 184 GLU A O   1 
ATOM   773  C  CB  . GLU A 1 97  ? -11.578 -4.611  -7.696  1.00 16.10 ? 184 GLU A CB  1 
ATOM   774  C  CG  . GLU A 1 97  ? -10.956 -5.878  -7.113  1.00 17.70 ? 184 GLU A CG  1 
ATOM   775  C  CD  . GLU A 1 97  ? -11.974 -6.820  -6.491  1.00 18.73 ? 184 GLU A CD  1 
ATOM   776  O  OE1 . GLU A 1 97  ? -13.168 -6.467  -6.430  1.00 20.55 ? 184 GLU A OE1 1 
ATOM   777  O  OE2 . GLU A 1 97  ? -11.581 -7.920  -6.058  1.00 15.52 ? 184 GLU A OE2 1 
ATOM   778  N  N   . LEU A 1 98  ? -13.679 -2.723  -9.038  1.00 16.12 ? 185 LEU A N   1 
ATOM   779  C  CA  . LEU A 1 98  ? -13.992 -1.372  -9.503  1.00 15.25 ? 185 LEU A CA  1 
ATOM   780  C  C   . LEU A 1 98  ? -13.360 -0.393  -8.513  1.00 15.27 ? 185 LEU A C   1 
ATOM   781  O  O   . LEU A 1 98  ? -13.789 -0.301  -7.359  1.00 14.55 ? 185 LEU A O   1 
ATOM   782  C  CB  . LEU A 1 98  ? -15.502 -1.133  -9.585  1.00 13.82 ? 185 LEU A CB  1 
ATOM   783  C  CG  . LEU A 1 98  ? -15.860 0.295   -10.017 1.00 13.80 ? 185 LEU A CG  1 
ATOM   784  C  CD1 . LEU A 1 98  ? -15.428 0.534   -11.469 1.00 11.60 ? 185 LEU A CD1 1 
ATOM   785  C  CD2 . LEU A 1 98  ? -17.351 0.539   -9.846  1.00 13.51 ? 185 LEU A CD2 1 
ATOM   786  N  N   . TRP A 1 99  ? -12.325 0.312   -8.958  1.00 14.03 ? 186 TRP A N   1 
ATOM   787  C  CA  . TRP A 1 99  ? -11.644 1.262   -8.093  1.00 14.94 ? 186 TRP A CA  1 
ATOM   788  C  C   . TRP A 1 99  ? -12.277 2.648   -8.138  1.00 16.13 ? 186 TRP A C   1 
ATOM   789  O  O   . TRP A 1 99  ? -12.601 3.173   -9.207  1.00 16.55 ? 186 TRP A O   1 
ATOM   790  C  CB  . TRP A 1 99  ? -10.159 1.336   -8.439  1.00 14.46 ? 186 TRP A CB  1 
ATOM   791  C  CG  . TRP A 1 99  ? -9.438  0.029   -8.216  1.00 14.61 ? 186 TRP A CG  1 
ATOM   792  C  CD1 . TRP A 1 99  ? -9.018  -0.850  -9.174  1.00 12.92 ? 186 TRP A CD1 1 
ATOM   793  C  CD2 . TRP A 1 99  ? -9.094  -0.556  -6.953  1.00 13.64 ? 186 TRP A CD2 1 
ATOM   794  N  NE1 . TRP A 1 99  ? -8.444  -1.950  -8.584  1.00 13.57 ? 186 TRP A NE1 1 
ATOM   795  C  CE2 . TRP A 1 99  ? -8.474  -1.796  -7.225  1.00 13.86 ? 186 TRP A CE2 1 
ATOM   796  C  CE3 . TRP A 1 99  ? -9.251  -0.154  -5.619  1.00 11.76 ? 186 TRP A CE3 1 
ATOM   797  C  CZ2 . TRP A 1 99  ? -8.009  -2.643  -6.209  1.00 13.69 ? 186 TRP A CZ2 1 
ATOM   798  C  CZ3 . TRP A 1 99  ? -8.789  -0.995  -4.606  1.00 11.28 ? 186 TRP A CZ3 1 
ATOM   799  C  CH2 . TRP A 1 99  ? -8.175  -2.226  -4.909  1.00 11.68 ? 186 TRP A CH2 1 
ATOM   800  N  N   . SER A 1 100 ? -12.496 3.207   -6.954  1.00 15.34 ? 187 SER A N   1 
ATOM   801  C  CA  . SER A 1 100 ? -13.086 4.528   -6.796  1.00 16.15 ? 187 SER A CA  1 
ATOM   802  C  C   . SER A 1 100 ? -12.495 5.120   -5.526  1.00 16.86 ? 187 SER A C   1 
ATOM   803  O  O   . SER A 1 100 ? -11.555 4.567   -4.958  1.00 17.74 ? 187 SER A O   1 
ATOM   804  C  CB  . SER A 1 100 ? -14.605 4.401   -6.670  1.00 15.25 ? 187 SER A CB  1 
ATOM   805  O  OG  . SER A 1 100 ? -14.965 3.487   -5.648  1.00 14.41 ? 187 SER A OG  1 
ATOM   806  N  N   . LEU A 1 101 ? -13.006 6.260   -5.087  1.00 18.92 ? 188 LEU A N   1 
ATOM   807  C  CA  . LEU A 1 101 ? -12.498 6.850   -3.852  1.00 20.45 ? 188 LEU A CA  1 
ATOM   808  C  C   . LEU A 1 101 ? -13.518 6.574   -2.745  1.00 24.64 ? 188 LEU A C   1 
ATOM   809  O  O   . LEU A 1 101 ? -13.674 7.375   -1.823  1.00 24.41 ? 188 LEU A O   1 
ATOM   810  C  CB  . LEU A 1 101 ? -12.253 8.349   -4.041  1.00 14.44 ? 188 LEU A CB  1 
ATOM   811  C  CG  . LEU A 1 101 ? -11.160 8.621   -5.085  1.00 14.53 ? 188 LEU A CG  1 
ATOM   812  C  CD1 . LEU A 1 101 ? -11.211 10.044  -5.583  1.00 7.98  ? 188 LEU A CD1 1 
ATOM   813  C  CD2 . LEU A 1 101 ? -9.770  8.259   -4.540  1.00 7.16  ? 188 LEU A CD2 1 
ATOM   814  N  N   . GLY A 1 102 ? -14.168 5.402   -2.838  1.00 29.46 ? 189 GLY A N   1 
ATOM   815  C  CA  . GLY A 1 102 ? -15.202 4.988   -1.894  1.00 34.70 ? 189 GLY A CA  1 
ATOM   816  C  C   . GLY A 1 102 ? -16.556 5.581   -2.278  1.00 38.85 ? 189 GLY A C   1 
ATOM   817  O  O   . GLY A 1 102 ? -16.644 6.395   -3.224  1.00 41.05 ? 189 GLY A O   1 
ATOM   818  N  N   . LYS A 1 103 ? -17.612 5.180   -1.561  1.00 41.51 ? 190 LYS A N   1 
ATOM   819  C  CA  . LYS A 1 103 ? -19.004 5.662   -1.788  1.00 44.88 ? 190 LYS A CA  1 
ATOM   820  C  C   . LYS A 1 103 ? -19.847 4.865   -2.810  1.00 44.67 ? 190 LYS A C   1 
ATOM   821  O  O   . LYS A 1 103 ? -20.080 3.663   -2.604  1.00 45.24 ? 190 LYS A O   1 
ATOM   822  C  CB  . LYS A 1 103 ? -19.036 7.178   -2.112  1.00 46.79 ? 190 LYS A CB  1 
ATOM   823  C  CG  . LYS A 1 103 ? -18.364 8.094   -1.068  1.00 48.53 ? 190 LYS A CG  1 
ATOM   824  C  CD  . LYS A 1 103 ? -19.055 8.017   0.323   1.00 50.51 ? 190 LYS A CD  1 
ATOM   825  C  CE  . LYS A 1 103 ? -20.494 8.562   0.287   1.00 51.30 ? 190 LYS A CE  1 
ATOM   826  N  NZ  . LYS A 1 103 ? -20.534 10.052  0.023   1.00 52.30 ? 190 LYS A NZ  1 
ATOM   827  N  N   . GLY A 1 104 A -20.279 5.525   -3.897  1.00 44.97 ? 190 GLY A N   1 
ATOM   828  C  CA  . GLY A 1 104 A -21.123 4.927   -4.943  1.00 44.32 ? 190 GLY A CA  1 
ATOM   829  C  C   . GLY A 1 104 A -21.131 3.410   -5.017  1.00 43.44 ? 190 GLY A C   1 
ATOM   830  O  O   . GLY A 1 104 A -22.149 2.760   -4.744  1.00 44.45 ? 190 GLY A O   1 
ATOM   831  N  N   . VAL A 1 105 ? -19.978 2.860   -5.380  1.00 41.86 ? 191 VAL A N   1 
ATOM   832  C  CA  . VAL A 1 105 ? -19.773 1.418   -5.478  1.00 40.64 ? 191 VAL A CA  1 
ATOM   833  C  C   . VAL A 1 105 ? -18.332 1.154   -5.966  1.00 39.43 ? 191 VAL A C   1 
ATOM   834  O  O   . VAL A 1 105 ? -17.892 1.673   -7.007  1.00 37.76 ? 191 VAL A O   1 
ATOM   835  C  CB  . VAL A 1 105 ? -20.834 0.708   -6.392  1.00 41.50 ? 191 VAL A CB  1 
ATOM   836  C  CG1 . VAL A 1 105 ? -20.830 1.304   -7.807  1.00 39.59 ? 191 VAL A CG1 1 
ATOM   837  C  CG2 . VAL A 1 105 ? -20.596 -0.821  -6.416  1.00 39.34 ? 191 VAL A CG2 1 
ATOM   838  N  N   . GLY A 1 106 ? -17.592 0.402   -5.152  1.00 37.10 ? 192 GLY A N   1 
ATOM   839  C  CA  . GLY A 1 106 ? -16.226 0.066   -5.480  1.00 33.62 ? 192 GLY A CA  1 
ATOM   840  C  C   . GLY A 1 106 ? -15.410 0.072   -4.210  1.00 31.11 ? 192 GLY A C   1 
ATOM   841  O  O   . GLY A 1 106 ? -15.962 0.110   -3.103  1.00 33.04 ? 192 GLY A O   1 
ATOM   842  N  N   . TYR A 1 107 ? -14.094 -0.007  -4.363  1.00 26.65 ? 193 TYR A N   1 
ATOM   843  C  CA  . TYR A 1 107 ? -13.206 0.007   -3.220  1.00 21.14 ? 193 TYR A CA  1 
ATOM   844  C  C   . TYR A 1 107 ? -12.293 1.211   -3.337  1.00 19.24 ? 193 TYR A C   1 
ATOM   845  O  O   . TYR A 1 107 ? -11.856 1.560   -4.432  1.00 20.76 ? 193 TYR A O   1 
ATOM   846  C  CB  . TYR A 1 107 ? -12.398 -1.286  -3.175  1.00 19.23 ? 193 TYR A CB  1 
ATOM   847  C  CG  . TYR A 1 107 ? -13.240 -2.507  -2.891  1.00 18.06 ? 193 TYR A CG  1 
ATOM   848  C  CD1 . TYR A 1 107 ? -13.869 -2.661  -1.663  1.00 17.92 ? 193 TYR A CD1 1 
ATOM   849  C  CD2 . TYR A 1 107 ? -13.393 -3.521  -3.840  1.00 17.06 ? 193 TYR A CD2 1 
ATOM   850  C  CE1 . TYR A 1 107 ? -14.622 -3.786  -1.378  1.00 16.12 ? 193 TYR A CE1 1 
ATOM   851  C  CE2 . TYR A 1 107 ? -14.150 -4.654  -3.562  1.00 14.50 ? 193 TYR A CE2 1 
ATOM   852  C  CZ  . TYR A 1 107 ? -14.758 -4.773  -2.326  1.00 14.73 ? 193 TYR A CZ  1 
ATOM   853  O  OH  . TYR A 1 107 ? -15.521 -5.869  -2.018  1.00 18.16 ? 193 TYR A OH  1 
ATOM   854  N  N   . SER A 1 108 ? -12.044 1.872   -2.214  1.00 16.62 ? 194 SER A N   1 
ATOM   855  C  CA  . SER A 1 108 ? -11.185 3.039   -2.204  1.00 14.28 ? 194 SER A CA  1 
ATOM   856  C  C   . SER A 1 108 ? -9.727  2.679   -2.431  1.00 14.88 ? 194 SER A C   1 
ATOM   857  O  O   . SER A 1 108 ? -9.105  2.011   -1.609  1.00 17.68 ? 194 SER A O   1 
ATOM   858  C  CB  . SER A 1 108 ? -11.325 3.790   -0.889  1.00 13.55 ? 194 SER A CB  1 
ATOM   859  O  OG  . SER A 1 108 ? -10.352 4.808   -0.803  1.00 16.44 ? 194 SER A OG  1 
ATOM   860  N  N   . LEU A 1 109 ? -9.185  3.118   -3.559  1.00 13.46 ? 195 LEU A N   1 
ATOM   861  C  CA  . LEU A 1 109 ? -7.796  2.868   -3.881  1.00 10.50 ? 195 LEU A CA  1 
ATOM   862  C  C   . LEU A 1 109 ? -6.868  3.472   -2.821  1.00 11.11 ? 195 LEU A C   1 
ATOM   863  O  O   . LEU A 1 109 ? -5.806  2.922   -2.545  1.00 10.14 ? 195 LEU A O   1 
ATOM   864  C  CB  . LEU A 1 109 ? -7.475  3.441   -5.257  1.00 10.86 ? 195 LEU A CB  1 
ATOM   865  C  CG  . LEU A 1 109 ? -6.066  3.172   -5.777  1.00 11.50 ? 195 LEU A CG  1 
ATOM   866  C  CD1 . LEU A 1 109 ? -5.789  1.675   -5.770  1.00 10.01 ? 195 LEU A CD1 1 
ATOM   867  C  CD2 . LEU A 1 109 ? -5.926  3.754   -7.164  1.00 11.81 ? 195 LEU A CD2 1 
ATOM   868  N  N   . PHE A 1 110 ? -7.269  4.598   -2.232  1.00 11.30 ? 196 PHE A N   1 
ATOM   869  C  CA  . PHE A 1 110 ? -6.470  5.257   -1.199  1.00 10.00 ? 196 PHE A CA  1 
ATOM   870  C  C   . PHE A 1 110 ? -6.386  4.417   0.073   1.00 10.41 ? 196 PHE A C   1 
ATOM   871  O  O   . PHE A 1 110 ? -5.335  4.342   0.704   1.00 11.78 ? 196 PHE A O   1 
ATOM   872  C  CB  . PHE A 1 110 ? -7.041  6.637   -0.875  1.00 7.07  ? 196 PHE A CB  1 
ATOM   873  C  CG  . PHE A 1 110 ? -6.531  7.218   0.414   1.00 7.25  ? 196 PHE A CG  1 
ATOM   874  C  CD1 . PHE A 1 110 ? -5.175  7.419   0.616   1.00 7.96  ? 196 PHE A CD1 1 
ATOM   875  C  CD2 . PHE A 1 110 ? -7.405  7.515   1.448   1.00 4.82  ? 196 PHE A CD2 1 
ATOM   876  C  CE1 . PHE A 1 110 ? -4.706  7.903   1.833   1.00 7.14  ? 196 PHE A CE1 1 
ATOM   877  C  CE2 . PHE A 1 110 ? -6.940  8.000   2.666   1.00 2.00  ? 196 PHE A CE2 1 
ATOM   878  C  CZ  . PHE A 1 110 ? -5.599  8.189   2.858   1.00 2.08  ? 196 PHE A CZ  1 
ATOM   879  N  N   . LEU A 1 111 ? -7.502  3.788   0.437   1.00 10.37 ? 197 LEU A N   1 
ATOM   880  C  CA  . LEU A 1 111 ? -7.577  2.955   1.629   1.00 11.59 ? 197 LEU A CA  1 
ATOM   881  C  C   . LEU A 1 111 ? -6.809  1.635   1.481   1.00 13.35 ? 197 LEU A C   1 
ATOM   882  O  O   . LEU A 1 111 ? -6.014  1.279   2.341   1.00 15.76 ? 197 LEU A O   1 
ATOM   883  C  CB  . LEU A 1 111 ? -9.045  2.698   1.980   1.00 12.24 ? 197 LEU A CB  1 
ATOM   884  C  CG  . LEU A 1 111 ? -9.632  3.278   3.277   1.00 12.35 ? 197 LEU A CG  1 
ATOM   885  C  CD1 . LEU A 1 111 ? -9.092  4.654   3.555   1.00 12.29 ? 197 LEU A CD1 1 
ATOM   886  C  CD2 . LEU A 1 111 ? -11.149 3.301   3.207   1.00 9.48  ? 197 LEU A CD2 1 
ATOM   887  N  N   . VAL A 1 112 ? -7.030  0.917   0.387   1.00 12.19 ? 198 VAL A N   1 
ATOM   888  C  CA  . VAL A 1 112 ? -6.337  -0.348  0.152   1.00 11.63 ? 198 VAL A CA  1 
ATOM   889  C  C   . VAL A 1 112 ? -4.816  -0.146  -0.021  1.00 12.46 ? 198 VAL A C   1 
ATOM   890  O  O   . VAL A 1 112 ? -4.015  -0.980  0.404   1.00 13.36 ? 198 VAL A O   1 
ATOM   891  C  CB  . VAL A 1 112 ? -6.953  -1.083  -1.077  1.00 10.66 ? 198 VAL A CB  1 
ATOM   892  C  CG1 . VAL A 1 112 ? -6.257  -2.417  -1.348  1.00 6.19  ? 198 VAL A CG1 1 
ATOM   893  C  CG2 . VAL A 1 112 ? -8.429  -1.297  -0.839  1.00 10.50 ? 198 VAL A CG2 1 
ATOM   894  N  N   . ALA A 1 113 ? -4.419  0.968   -0.626  1.00 12.10 ? 199 ALA A N   1 
ATOM   895  C  CA  . ALA A 1 113 ? -2.997  1.263   -0.832  1.00 12.22 ? 199 ALA A CA  1 
ATOM   896  C  C   . ALA A 1 113 ? -2.274  1.583   0.481   1.00 11.08 ? 199 ALA A C   1 
ATOM   897  O  O   . ALA A 1 113 ? -1.128  1.166   0.684   1.00 4.42  ? 199 ALA A O   1 
ATOM   898  C  CB  . ALA A 1 113 ? -2.821  2.424   -1.825  1.00 11.13 ? 199 ALA A CB  1 
ATOM   899  N  N   . ALA A 1 114 ? -2.933  2.336   1.363   1.00 10.32 ? 200 ALA A N   1 
ATOM   900  C  CA  . ALA A 1 114 ? -2.327  2.683   2.640   1.00 12.74 ? 200 ALA A CA  1 
ATOM   901  C  C   . ALA A 1 114 ? -2.009  1.393   3.414   1.00 13.69 ? 200 ALA A C   1 
ATOM   902  O  O   . ALA A 1 114 ? -0.949  1.270   4.048   1.00 14.28 ? 200 ALA A O   1 
ATOM   903  C  CB  . ALA A 1 114 ? -3.250  3.591   3.432   1.00 11.47 ? 200 ALA A CB  1 
ATOM   904  N  N   . HIS A 1 115 ? -2.901  0.410   3.276   1.00 12.46 ? 201 HIS A N   1 
ATOM   905  C  CA  . HIS A 1 115 ? -2.766  -0.891  3.913   1.00 9.71  ? 201 HIS A CA  1 
ATOM   906  C  C   . HIS A 1 115 ? -1.641  -1.739  3.309   1.00 9.44  ? 201 HIS A C   1 
ATOM   907  O  O   . HIS A 1 115 ? -0.871  -2.355  4.034   1.00 9.46  ? 201 HIS A O   1 
ATOM   908  C  CB  . HIS A 1 115 ? -4.102  -1.627  3.832   1.00 9.04  ? 201 HIS A CB  1 
ATOM   909  C  CG  . HIS A 1 115 ? -4.064  -3.022  4.365   1.00 9.69  ? 201 HIS A CG  1 
ATOM   910  N  ND1 . HIS A 1 115 ? -4.260  -3.352  5.686   1.00 9.02  ? 201 HIS A ND1 1 
ATOM   911  C  CD2 . HIS A 1 115 ? -3.875  -4.198  3.720   1.00 10.27 ? 201 HIS A CD2 1 
ATOM   912  C  CE1 . HIS A 1 115 ? -4.190  -4.678  5.789   1.00 8.04  ? 201 HIS A CE1 1 
ATOM   913  N  NE2 . HIS A 1 115 ? -3.958  -5.228  4.620   1.00 8.73  ? 201 HIS A NE2 1 
ATOM   914  N  N   . GLU A 1 116 ? -1.539  -1.781  1.988   1.00 10.10 ? 202 GLU A N   1 
ATOM   915  C  CA  . GLU A 1 116 ? -0.478  -2.566  1.369   1.00 10.71 ? 202 GLU A CA  1 
ATOM   916  C  C   . GLU A 1 116 ? 0.912   -1.962  1.646   1.00 12.35 ? 202 GLU A C   1 
ATOM   917  O  O   . GLU A 1 116 ? 1.880   -2.691  1.876   1.00 13.57 ? 202 GLU A O   1 
ATOM   918  C  CB  . GLU A 1 116 ? -0.719  -2.722  -0.136  1.00 8.93  ? 202 GLU A CB  1 
ATOM   919  C  CG  . GLU A 1 116 ? -2.106  -3.251  -0.500  1.00 11.49 ? 202 GLU A CG  1 
ATOM   920  C  CD  . GLU A 1 116 ? -2.475  -4.588  0.170   1.00 16.45 ? 202 GLU A CD  1 
ATOM   921  O  OE1 . GLU A 1 116 ? -1.577  -5.420  0.438   1.00 16.36 ? 202 GLU A OE1 1 
ATOM   922  O  OE2 . GLU A 1 116 ? -3.682  -4.817  0.423   1.00 14.98 ? 202 GLU A OE2 1 
ATOM   923  N  N   . PHE A 1 117 ? 1.001   -0.631  1.678   1.00 12.57 ? 203 PHE A N   1 
ATOM   924  C  CA  . PHE A 1 117 ? 2.275   0.042   1.930   1.00 11.72 ? 203 PHE A CA  1 
ATOM   925  C  C   . PHE A 1 117 ? 2.783   -0.207  3.345   1.00 12.83 ? 203 PHE A C   1 
ATOM   926  O  O   . PHE A 1 117 ? 3.968   -0.038  3.620   1.00 13.10 ? 203 PHE A O   1 
ATOM   927  C  CB  . PHE A 1 117 ? 2.192   1.541   1.630   1.00 10.65 ? 203 PHE A CB  1 
ATOM   928  C  CG  . PHE A 1 117 ? 1.910   1.860   0.185   1.00 9.39  ? 203 PHE A CG  1 
ATOM   929  C  CD1 . PHE A 1 117 ? 2.149   0.919   -0.819  1.00 10.36 ? 203 PHE A CD1 1 
ATOM   930  C  CD2 . PHE A 1 117 ? 1.373   3.088   -0.173  1.00 9.34  ? 203 PHE A CD2 1 
ATOM   931  C  CE1 . PHE A 1 117 ? 1.851   1.196   -2.154  1.00 7.90  ? 203 PHE A CE1 1 
ATOM   932  C  CE2 . PHE A 1 117 ? 1.072   3.377   -1.509  1.00 10.83 ? 203 PHE A CE2 1 
ATOM   933  C  CZ  . PHE A 1 117 ? 1.312   2.426   -2.500  1.00 8.28  ? 203 PHE A CZ  1 
ATOM   934  N  N   . GLY A 1 118 ? 1.884   -0.599  4.246   1.00 13.64 ? 204 GLY A N   1 
ATOM   935  C  CA  . GLY A 1 118 ? 2.299   -0.929  5.601   1.00 11.94 ? 204 GLY A CA  1 
ATOM   936  C  C   . GLY A 1 118 ? 3.074   -2.236  5.529   1.00 11.36 ? 204 GLY A C   1 
ATOM   937  O  O   . GLY A 1 118 ? 4.019   -2.452  6.269   1.00 8.36  ? 204 GLY A O   1 
ATOM   938  N  N   . HIS A 1 119 ? 2.683   -3.098  4.597   1.00 13.42 ? 205 HIS A N   1 
ATOM   939  C  CA  . HIS A 1 119 ? 3.350   -4.372  4.392   1.00 13.54 ? 205 HIS A CA  1 
ATOM   940  C  C   . HIS A 1 119 ? 4.736   -4.151  3.817   1.00 15.54 ? 205 HIS A C   1 
ATOM   941  O  O   . HIS A 1 119 ? 5.721   -4.699  4.319   1.00 17.26 ? 205 HIS A O   1 
ATOM   942  C  CB  . HIS A 1 119 ? 2.535   -5.242  3.441   1.00 13.08 ? 205 HIS A CB  1 
ATOM   943  C  CG  . HIS A 1 119 ? 1.392   -5.944  4.102   1.00 15.66 ? 205 HIS A CG  1 
ATOM   944  N  ND1 . HIS A 1 119 ? 1.542   -6.891  5.093   1.00 16.06 ? 205 HIS A ND1 1 
ATOM   945  C  CD2 . HIS A 1 119 ? 0.055   -5.824  3.901   1.00 16.39 ? 205 HIS A CD2 1 
ATOM   946  C  CE1 . HIS A 1 119 ? 0.327   -7.310  5.462   1.00 13.44 ? 205 HIS A CE1 1 
ATOM   947  N  NE2 . HIS A 1 119 ? -0.600  -6.689  4.767   1.00 14.72 ? 205 HIS A NE2 1 
ATOM   948  N  N   . ALA A 1 120 ? 4.806   -3.345  2.760   1.00 16.51 ? 206 ALA A N   1 
ATOM   949  C  CA  . ALA A 1 120 ? 6.075   -3.035  2.100   1.00 16.76 ? 206 ALA A CA  1 
ATOM   950  C  C   . ALA A 1 120 ? 7.123   -2.399  3.026   1.00 14.83 ? 206 ALA A C   1 
ATOM   951  O  O   . ALA A 1 120 ? 8.316   -2.411  2.710   1.00 14.17 ? 206 ALA A O   1 
ATOM   952  C  CB  . ALA A 1 120 ? 5.835   -2.157  0.882   1.00 16.44 ? 206 ALA A CB  1 
ATOM   953  N  N   . MET A 1 121 ? 6.672   -1.849  4.155   1.00 14.12 ? 207 MET A N   1 
ATOM   954  C  CA  . MET A 1 121 ? 7.574   -1.234  5.134   1.00 13.84 ? 207 MET A CA  1 
ATOM   955  C  C   . MET A 1 121 ? 8.021   -2.251  6.175   1.00 13.18 ? 207 MET A C   1 
ATOM   956  O  O   . MET A 1 121 ? 9.004   -2.038  6.875   1.00 13.02 ? 207 MET A O   1 
ATOM   957  C  CB  . MET A 1 121 ? 6.911   -0.035  5.816   1.00 13.00 ? 207 MET A CB  1 
ATOM   958  C  CG  . MET A 1 121 ? 7.379   1.311   5.287   1.00 16.52 ? 207 MET A CG  1 
ATOM   959  S  SD  . MET A 1 121 ? 7.423   1.379   3.474   1.00 19.83 ? 207 MET A SD  1 
ATOM   960  C  CE  . MET A 1 121 ? 9.133   1.788   3.208   1.00 20.88 ? 207 MET A CE  1 
ATOM   961  N  N   . GLY A 1 122 ? 7.290   -3.357  6.273   1.00 13.72 ? 208 GLY A N   1 
ATOM   962  C  CA  . GLY A 1 122 ? 7.651   -4.392  7.214   1.00 14.92 ? 208 GLY A CA  1 
ATOM   963  C  C   . GLY A 1 122 ? 6.615   -4.758  8.256   1.00 17.15 ? 208 GLY A C   1 
ATOM   964  O  O   . GLY A 1 122 ? 6.953   -5.490  9.187   1.00 20.24 ? 208 GLY A O   1 
ATOM   965  N  N   . LEU A 1 123 ? 5.373   -4.275  8.121   1.00 16.14 ? 209 LEU A N   1 
ATOM   966  C  CA  . LEU A 1 123 ? 4.311   -4.579  9.090   1.00 15.34 ? 209 LEU A CA  1 
ATOM   967  C  C   . LEU A 1 123 ? 3.477   -5.817  8.750   1.00 17.24 ? 209 LEU A C   1 
ATOM   968  O  O   . LEU A 1 123 ? 3.275   -6.141  7.582   1.00 19.03 ? 209 LEU A O   1 
ATOM   969  C  CB  . LEU A 1 123 ? 3.352   -3.394  9.239   1.00 13.85 ? 209 LEU A CB  1 
ATOM   970  C  CG  . LEU A 1 123 ? 3.810   -2.073  9.860   1.00 15.00 ? 209 LEU A CG  1 
ATOM   971  C  CD1 . LEU A 1 123 ? 2.686   -1.064  9.807   1.00 12.34 ? 209 LEU A CD1 1 
ATOM   972  C  CD2 . LEU A 1 123 ? 4.253   -2.290  11.279  1.00 15.20 ? 209 LEU A CD2 1 
ATOM   973  N  N   . GLU A 1 124 ? 3.000   -6.505  9.786   1.00 19.65 ? 210 GLU A N   1 
ATOM   974  C  CA  . GLU A 1 124 ? 2.150   -7.683  9.631   1.00 20.98 ? 210 GLU A CA  1 
ATOM   975  C  C   . GLU A 1 124 ? 0.722   -7.295  10.031  1.00 20.34 ? 210 GLU A C   1 
ATOM   976  O  O   . GLU A 1 124 ? 0.445   -6.123  10.276  1.00 18.79 ? 210 GLU A O   1 
ATOM   977  C  CB  . GLU A 1 124 ? 2.649   -8.833  10.513  1.00 26.00 ? 210 GLU A CB  1 
ATOM   978  C  CG  . GLU A 1 124 ? 3.939   -9.512  10.033  1.00 35.40 ? 210 GLU A CG  1 
ATOM   979  C  CD  . GLU A 1 124 ? 3.852   -10.007 8.579   1.00 42.30 ? 210 GLU A CD  1 
ATOM   980  O  OE1 . GLU A 1 124 ? 2.716   -10.304 8.104   1.00 44.88 ? 210 GLU A OE1 1 
ATOM   981  O  OE2 . GLU A 1 124 ? 4.920   -10.082 7.904   1.00 44.80 ? 210 GLU A OE2 1 
ATOM   982  N  N   . HIS A 1 125 ? -0.186  -8.267  10.095  1.00 21.14 ? 211 HIS A N   1 
ATOM   983  C  CA  . HIS A 1 125 ? -1.564  -7.966  10.467  1.00 21.56 ? 211 HIS A CA  1 
ATOM   984  C  C   . HIS A 1 125 ? -1.732  -7.708  11.947  1.00 21.50 ? 211 HIS A C   1 
ATOM   985  O  O   . HIS A 1 125 ? -0.908  -8.135  12.755  1.00 21.28 ? 211 HIS A O   1 
ATOM   986  C  CB  . HIS A 1 125 ? -2.509  -9.058  9.989   1.00 22.32 ? 211 HIS A CB  1 
ATOM   987  C  CG  . HIS A 1 125 ? -2.804  -8.987  8.526   1.00 24.02 ? 211 HIS A CG  1 
ATOM   988  N  ND1 . HIS A 1 125 ? -3.108  -10.080 7.743   1.00 26.02 ? 211 HIS A ND1 1 
ATOM   989  C  CD2 . HIS A 1 125 ? -2.840  -7.915  7.695   1.00 23.64 ? 211 HIS A CD2 1 
ATOM   990  C  CE1 . HIS A 1 125 ? -3.320  -9.650  6.486   1.00 22.63 ? 211 HIS A CE1 1 
ATOM   991  N  NE2 . HIS A 1 125 ? -3.168  -8.346  6.412   1.00 24.69 ? 211 HIS A NE2 1 
ATOM   992  N  N   . SER A 1 126 ? -2.793  -6.980  12.287  1.00 21.51 ? 212 SER A N   1 
ATOM   993  C  CA  . SER A 1 126 ? -3.085  -6.612  13.664  1.00 21.60 ? 212 SER A CA  1 
ATOM   994  C  C   . SER A 1 126 ? -4.388  -7.216  14.147  1.00 22.34 ? 212 SER A C   1 
ATOM   995  O  O   . SER A 1 126 ? -5.365  -7.300  13.388  1.00 21.26 ? 212 SER A O   1 
ATOM   996  C  CB  . SER A 1 126 ? -3.159  -5.082  13.793  1.00 22.38 ? 212 SER A CB  1 
ATOM   997  O  OG  . SER A 1 126 ? -3.777  -4.667  15.007  1.00 19.24 ? 212 SER A OG  1 
ATOM   998  N  N   . GLN A 1 127 ? -4.398  -7.604  15.421  1.00 22.65 ? 213 GLN A N   1 
ATOM   999  C  CA  . GLN A 1 127 ? -5.581  -8.181  16.059  1.00 25.07 ? 213 GLN A CA  1 
ATOM   1000 C  C   . GLN A 1 127 ? -6.599  -7.068  16.408  1.00 25.26 ? 213 GLN A C   1 
ATOM   1001 O  O   . GLN A 1 127 ? -7.748  -7.362  16.728  1.00 27.30 ? 213 GLN A O   1 
ATOM   1002 C  CB  . GLN A 1 127 ? -5.192  -8.921  17.345  1.00 28.04 ? 213 GLN A CB  1 
ATOM   1003 C  CG  . GLN A 1 127 ? -3.999  -9.867  17.239  1.00 33.73 ? 213 GLN A CG  1 
ATOM   1004 C  CD  . GLN A 1 127 ? -4.264  -11.084 16.369  1.00 37.14 ? 213 GLN A CD  1 
ATOM   1005 O  OE1 . GLN A 1 127 ? -3.491  -11.381 15.442  1.00 39.56 ? 213 GLN A OE1 1 
ATOM   1006 N  NE2 . GLN A 1 127 ? -5.351  -11.805 16.661  1.00 38.73 ? 213 GLN A NE2 1 
ATOM   1007 N  N   . ASP A 1 128 ? -6.163  -5.808  16.388  1.00 24.11 ? 214 ASP A N   1 
ATOM   1008 C  CA  . ASP A 1 128 ? -7.030  -4.661  16.685  1.00 24.97 ? 214 ASP A CA  1 
ATOM   1009 C  C   . ASP A 1 128 ? -8.030  -4.463  15.518  1.00 24.38 ? 214 ASP A C   1 
ATOM   1010 O  O   . ASP A 1 128 ? -7.623  -4.187  14.390  1.00 25.34 ? 214 ASP A O   1 
ATOM   1011 C  CB  . ASP A 1 128 ? -6.147  -3.410  16.875  1.00 27.03 ? 214 ASP A CB  1 
ATOM   1012 C  CG  . ASP A 1 128 ? -6.879  -2.238  17.555  1.00 29.30 ? 214 ASP A CG  1 
ATOM   1013 O  OD1 . ASP A 1 128 ? -8.123  -2.112  17.417  1.00 28.79 ? 214 ASP A OD1 1 
ATOM   1014 O  OD2 . ASP A 1 128 ? -6.177  -1.411  18.205  1.00 28.96 ? 214 ASP A OD2 1 
ATOM   1015 N  N   . PRO A 1 129 ? -9.344  -4.628  15.778  1.00 22.93 ? 215 PRO A N   1 
ATOM   1016 C  CA  . PRO A 1 129 ? -10.430 -4.481  14.797  1.00 20.33 ? 215 PRO A CA  1 
ATOM   1017 C  C   . PRO A 1 129 ? -10.468 -3.107  14.146  1.00 18.61 ? 215 PRO A C   1 
ATOM   1018 O  O   . PRO A 1 129 ? -10.879 -2.959  12.987  1.00 17.28 ? 215 PRO A O   1 
ATOM   1019 C  CB  . PRO A 1 129 ? -11.682 -4.703  15.642  1.00 20.31 ? 215 PRO A CB  1 
ATOM   1020 C  CG  . PRO A 1 129 ? -11.220 -5.619  16.705  1.00 22.24 ? 215 PRO A CG  1 
ATOM   1021 C  CD  . PRO A 1 129 ? -9.893  -5.020  17.090  1.00 23.58 ? 215 PRO A CD  1 
ATOM   1022 N  N   . GLY A 1 130 ? -10.033 -2.102  14.897  1.00 15.81 ? 216 GLY A N   1 
ATOM   1023 C  CA  . GLY A 1 130 ? -10.035 -0.749  14.376  1.00 15.04 ? 216 GLY A CA  1 
ATOM   1024 C  C   . GLY A 1 130 ? -8.778  -0.332  13.634  1.00 14.10 ? 216 GLY A C   1 
ATOM   1025 O  O   . GLY A 1 130 ? -8.709  0.785   13.116  1.00 14.42 ? 216 GLY A O   1 
ATOM   1026 N  N   . ALA A 1 131 ? -7.792  -1.220  13.564  1.00 12.09 ? 217 ALA A N   1 
ATOM   1027 C  CA  . ALA A 1 131 ? -6.531  -0.905  12.902  1.00 12.48 ? 217 ALA A CA  1 
ATOM   1028 C  C   . ALA A 1 131 ? -6.559  -0.947  11.380  1.00 13.03 ? 217 ALA A C   1 
ATOM   1029 O  O   . ALA A 1 131 ? -7.325  -1.700  10.782  1.00 12.79 ? 217 ALA A O   1 
ATOM   1030 C  CB  . ALA A 1 131 ? -5.428  -1.817  13.424  1.00 11.42 ? 217 ALA A CB  1 
ATOM   1031 N  N   . LEU A 1 132 ? -5.712  -0.118  10.769  1.00 14.45 ? 218 LEU A N   1 
ATOM   1032 C  CA  . LEU A 1 132 ? -5.566  -0.064  9.317   1.00 14.00 ? 218 LEU A CA  1 
ATOM   1033 C  C   . LEU A 1 132 ? -5.010  -1.411  8.848   1.00 14.63 ? 218 LEU A C   1 
ATOM   1034 O  O   . LEU A 1 132 ? -5.312  -1.862  7.749   1.00 13.91 ? 218 LEU A O   1 
ATOM   1035 C  CB  . LEU A 1 132 ? -4.591  1.048   8.897   1.00 12.59 ? 218 LEU A CB  1 
ATOM   1036 C  CG  . LEU A 1 132 ? -4.303  1.108   7.384   1.00 11.91 ? 218 LEU A CG  1 
ATOM   1037 C  CD1 . LEU A 1 132 ? -5.534  1.605   6.671   1.00 10.21 ? 218 LEU A CD1 1 
ATOM   1038 C  CD2 . LEU A 1 132 ? -3.123  1.995   7.047   1.00 6.94  ? 218 LEU A CD2 1 
ATOM   1039 N  N   . MET A 1 133 ? -4.193  -2.039  9.698   1.00 15.34 ? 219 MET A N   1 
ATOM   1040 C  CA  . MET A 1 133 ? -3.590  -3.329  9.382   1.00 14.74 ? 219 MET A CA  1 
ATOM   1041 C  C   . MET A 1 133 ? -4.456  -4.559  9.627   1.00 15.41 ? 219 MET A C   1 
ATOM   1042 O  O   . MET A 1 133 ? -3.962  -5.687  9.528   1.00 17.17 ? 219 MET A O   1 
ATOM   1043 C  CB  . MET A 1 133 ? -2.234  -3.494  10.075  1.00 13.48 ? 219 MET A CB  1 
ATOM   1044 C  CG  . MET A 1 133 ? -1.149  -2.562  9.563   1.00 14.12 ? 219 MET A CG  1 
ATOM   1045 S  SD  . MET A 1 133 ? -1.026  -2.508  7.754   1.00 14.26 ? 219 MET A SD  1 
ATOM   1046 C  CE  . MET A 1 133 ? -0.591  -4.184  7.377   1.00 13.86 ? 219 MET A CE  1 
ATOM   1047 N  N   . ALA A 1 134 ? -5.733  -4.355  9.961   1.00 15.22 ? 220 ALA A N   1 
ATOM   1048 C  CA  . ALA A 1 134 ? -6.662  -5.469  10.173  1.00 14.26 ? 220 ALA A CA  1 
ATOM   1049 C  C   . ALA A 1 134 ? -6.792  -6.180  8.813   1.00 15.29 ? 220 ALA A C   1 
ATOM   1050 O  O   . ALA A 1 134 ? -6.645  -5.550  7.762   1.00 15.73 ? 220 ALA A O   1 
ATOM   1051 C  CB  . ALA A 1 134 ? -7.998  -4.950  10.638  1.00 10.50 ? 220 ALA A CB  1 
ATOM   1052 N  N   . PRO A 1 135 ? -7.086  -7.492  8.804   1.00 16.47 ? 221 PRO A N   1 
ATOM   1053 C  CA  . PRO A 1 135 ? -7.206  -8.221  7.530   1.00 15.84 ? 221 PRO A CA  1 
ATOM   1054 C  C   . PRO A 1 135 ? -8.426  -7.924  6.646   1.00 16.48 ? 221 PRO A C   1 
ATOM   1055 O  O   . PRO A 1 135 ? -8.404  -8.225  5.459   1.00 15.96 ? 221 PRO A O   1 
ATOM   1056 C  CB  . PRO A 1 135 ? -7.211  -9.692  7.968   1.00 16.07 ? 221 PRO A CB  1 
ATOM   1057 C  CG  . PRO A 1 135 ? -6.842  -9.678  9.447   1.00 14.75 ? 221 PRO A CG  1 
ATOM   1058 C  CD  . PRO A 1 135 ? -7.383  -8.380  9.939   1.00 14.33 ? 221 PRO A CD  1 
ATOM   1059 N  N   . ILE A 1 136 ? -9.483  -7.360  7.231   1.00 16.98 ? 222 ILE A N   1 
ATOM   1060 C  CA  . ILE A 1 136 ? -10.726 -7.050  6.515   1.00 18.31 ? 222 ILE A CA  1 
ATOM   1061 C  C   . ILE A 1 136 ? -10.824 -5.594  6.051   1.00 19.09 ? 222 ILE A C   1 
ATOM   1062 O  O   . ILE A 1 136 ? -10.336 -4.695  6.723   1.00 21.84 ? 222 ILE A O   1 
ATOM   1063 C  CB  . ILE A 1 136 ? -11.960 -7.343  7.411   1.00 19.47 ? 222 ILE A CB  1 
ATOM   1064 C  CG1 . ILE A 1 136 ? -11.967 -8.812  7.850   1.00 18.38 ? 222 ILE A CG1 1 
ATOM   1065 C  CG2 . ILE A 1 136 ? -13.253 -7.004  6.682   1.00 19.55 ? 222 ILE A CG2 1 
ATOM   1066 C  CD1 . ILE A 1 136 ? -12.002 -9.797  6.715   1.00 17.39 ? 222 ILE A CD1 1 
ATOM   1067 N  N   . TYR A 1 137 ? -11.478 -5.370  4.914   1.00 18.86 ? 223 TYR A N   1 
ATOM   1068 C  CA  . TYR A 1 137 ? -11.658 -4.024  4.372   1.00 18.85 ? 223 TYR A CA  1 
ATOM   1069 C  C   . TYR A 1 137 ? -12.952 -3.414  4.891   1.00 18.31 ? 223 TYR A C   1 
ATOM   1070 O  O   . TYR A 1 137 ? -13.992 -4.060  4.891   1.00 18.35 ? 223 TYR A O   1 
ATOM   1071 C  CB  . TYR A 1 137 ? -11.681 -4.040  2.831   1.00 20.63 ? 223 TYR A CB  1 
ATOM   1072 C  CG  . TYR A 1 137 ? -12.083 -2.707  2.189   1.00 20.47 ? 223 TYR A CG  1 
ATOM   1073 C  CD1 . TYR A 1 137 ? -11.126 -1.727  1.918   1.00 19.65 ? 223 TYR A CD1 1 
ATOM   1074 C  CD2 . TYR A 1 137 ? -13.425 -2.419  1.884   1.00 17.76 ? 223 TYR A CD2 1 
ATOM   1075 C  CE1 . TYR A 1 137 ? -11.492 -0.489  1.368   1.00 19.30 ? 223 TYR A CE1 1 
ATOM   1076 C  CE2 . TYR A 1 137 ? -13.799 -1.190  1.336   1.00 15.83 ? 223 TYR A CE2 1 
ATOM   1077 C  CZ  . TYR A 1 137 ? -12.828 -0.227  1.083   1.00 18.37 ? 223 TYR A CZ  1 
ATOM   1078 O  OH  . TYR A 1 137 ? -13.182 1.006   0.576   1.00 15.58 ? 223 TYR A OH  1 
ATOM   1079 N  N   . THR A 1 138 ? -12.871 -2.157  5.312   1.00 20.02 ? 227 THR A N   1 
ATOM   1080 C  CA  . THR A 1 138 ? -14.018 -1.420  5.831   1.00 20.89 ? 227 THR A CA  1 
ATOM   1081 C  C   . THR A 1 138 ? -13.887 0.027   5.375   1.00 22.38 ? 227 THR A C   1 
ATOM   1082 O  O   . THR A 1 138 ? -12.829 0.644   5.533   1.00 23.88 ? 227 THR A O   1 
ATOM   1083 C  CB  . THR A 1 138 ? -14.047 -1.401  7.376   1.00 19.01 ? 227 THR A CB  1 
ATOM   1084 O  OG1 . THR A 1 138 ? -13.948 -2.740  7.876   1.00 16.90 ? 227 THR A OG1 1 
ATOM   1085 C  CG2 . THR A 1 138 ? -15.352 -0.764  7.873   1.00 17.49 ? 227 THR A CG2 1 
ATOM   1086 N  N   . TYR A 1 139 ? -14.954 0.580   4.813   1.00 21.95 ? 228 TYR A N   1 
ATOM   1087 C  CA  . TYR A 1 139 ? -14.879 1.956   4.370   1.00 22.97 ? 228 TYR A CA  1 
ATOM   1088 C  C   . TYR A 1 139 ? -15.246 2.963   5.470   1.00 24.77 ? 228 TYR A C   1 
ATOM   1089 O  O   . TYR A 1 139 ? -16.156 2.737   6.273   1.00 26.82 ? 228 TYR A O   1 
ATOM   1090 C  CB  . TYR A 1 139 ? -15.750 2.181   3.137   1.00 20.21 ? 228 TYR A CB  1 
ATOM   1091 C  CG  . TYR A 1 139 ? -15.754 3.625   2.694   1.00 19.95 ? 228 TYR A CG  1 
ATOM   1092 C  CD1 . TYR A 1 139 ? -14.635 4.191   2.079   1.00 18.92 ? 228 TYR A CD1 1 
ATOM   1093 C  CD2 . TYR A 1 139 ? -16.859 4.437   2.928   1.00 17.34 ? 228 TYR A CD2 1 
ATOM   1094 C  CE1 . TYR A 1 139 ? -14.620 5.531   1.711   1.00 17.26 ? 228 TYR A CE1 1 
ATOM   1095 C  CE2 . TYR A 1 139 ? -16.851 5.772   2.565   1.00 17.08 ? 228 TYR A CE2 1 
ATOM   1096 C  CZ  . TYR A 1 139 ? -15.736 6.315   1.959   1.00 17.98 ? 228 TYR A CZ  1 
ATOM   1097 O  OH  . TYR A 1 139 ? -15.751 7.640   1.595   1.00 18.56 ? 228 TYR A OH  1 
ATOM   1098 N  N   . THR A 1 140 ? -14.489 4.054   5.521   1.00 25.31 ? 229 THR A N   1 
ATOM   1099 C  CA  . THR A 1 140 ? -14.724 5.145   6.473   1.00 27.46 ? 229 THR A CA  1 
ATOM   1100 C  C   . THR A 1 140 ? -14.423 6.431   5.716   1.00 27.71 ? 229 THR A C   1 
ATOM   1101 O  O   . THR A 1 140 ? -13.422 6.505   4.993   1.00 27.65 ? 229 THR A O   1 
ATOM   1102 C  CB  . THR A 1 140 ? -13.815 5.056   7.740   1.00 27.47 ? 229 THR A CB  1 
ATOM   1103 O  OG1 . THR A 1 140 ? -12.449 4.905   7.346   1.00 23.81 ? 229 THR A OG1 1 
ATOM   1104 C  CG2 . THR A 1 140 ? -14.235 3.877   8.640   1.00 27.60 ? 229 THR A CG2 1 
ATOM   1105 N  N   . LYS A 1 141 ? -15.287 7.433   5.869   1.00 29.20 ? 230 LYS A N   1 
ATOM   1106 C  CA  . LYS A 1 141 ? -15.098 8.694   5.161   1.00 30.14 ? 230 LYS A CA  1 
ATOM   1107 C  C   . LYS A 1 141 ? -13.965 9.540   5.742   1.00 30.18 ? 230 LYS A C   1 
ATOM   1108 O  O   . LYS A 1 141 ? -13.153 10.075  4.990   1.00 30.61 ? 230 LYS A O   1 
ATOM   1109 C  CB  . LYS A 1 141 ? -16.411 9.491   5.105   1.00 32.41 ? 230 LYS A CB  1 
ATOM   1110 C  CG  . LYS A 1 141 ? -16.431 10.654  4.086   1.00 34.38 ? 230 LYS A CG  1 
ATOM   1111 C  CD  . LYS A 1 141 ? -17.686 11.537  4.280   1.00 37.89 ? 230 LYS A CD  1 
ATOM   1112 C  CE  . LYS A 1 141 ? -17.679 12.792  3.370   1.00 40.10 ? 230 LYS A CE  1 
ATOM   1113 N  NZ  . LYS A 1 141 ? -18.676 13.882  3.760   1.00 35.45 ? 230 LYS A NZ  1 
ATOM   1114 N  N   . ASN A 1 142 ? -13.877 9.635   7.067   1.00 28.98 ? 231 ASN A N   1 
ATOM   1115 C  CA  . ASN A 1 142 ? -12.809 10.427  7.665   1.00 27.29 ? 231 ASN A CA  1 
ATOM   1116 C  C   . ASN A 1 142 ? -11.738 9.529   8.277   1.00 25.66 ? 231 ASN A C   1 
ATOM   1117 O  O   . ASN A 1 142 ? -11.807 9.181   9.463   1.00 24.43 ? 231 ASN A O   1 
ATOM   1118 C  CB  . ASN A 1 142 ? -13.388 11.373  8.714   1.00 29.03 ? 231 ASN A CB  1 
ATOM   1119 C  CG  . ASN A 1 142 ? -14.302 12.421  8.108   1.00 28.60 ? 231 ASN A CG  1 
ATOM   1120 O  OD1 . ASN A 1 142 ? -13.886 13.210  7.273   1.00 27.53 ? 231 ASN A OD1 1 
ATOM   1121 N  ND2 . ASN A 1 142 ? -15.558 12.438  8.550   1.00 30.50 ? 231 ASN A ND2 1 
ATOM   1122 N  N   . PHE A 1 143 ? -10.721 9.212   7.484   1.00 24.08 ? 232 PHE A N   1 
ATOM   1123 C  CA  . PHE A 1 143 ? -9.637  8.342   7.923   1.00 24.46 ? 232 PHE A CA  1 
ATOM   1124 C  C   . PHE A 1 143 ? -8.620  8.950   8.889   1.00 24.30 ? 232 PHE A C   1 
ATOM   1125 O  O   . PHE A 1 143 ? -8.241  10.123  8.770   1.00 23.26 ? 232 PHE A O   1 
ATOM   1126 C  CB  . PHE A 1 143 ? -8.905  7.758   6.710   1.00 23.92 ? 232 PHE A CB  1 
ATOM   1127 C  CG  . PHE A 1 143 ? -7.731  6.897   7.072   1.00 23.09 ? 232 PHE A CG  1 
ATOM   1128 C  CD1 . PHE A 1 143 ? -7.930  5.608   7.557   1.00 21.82 ? 232 PHE A CD1 1 
ATOM   1129 C  CD2 . PHE A 1 143 ? -6.434  7.391   6.991   1.00 21.37 ? 232 PHE A CD2 1 
ATOM   1130 C  CE1 . PHE A 1 143 ? -6.855  4.829   7.972   1.00 22.39 ? 232 PHE A CE1 1 
ATOM   1131 C  CE2 . PHE A 1 143 ? -5.346  6.626   7.399   1.00 20.67 ? 232 PHE A CE2 1 
ATOM   1132 C  CZ  . PHE A 1 143 ? -5.557  5.333   7.893   1.00 21.39 ? 232 PHE A CZ  1 
ATOM   1133 N  N   . ARG A 1 144 ? -8.140  8.102   9.803   1.00 23.97 ? 233 ARG A N   1 
ATOM   1134 C  CA  . ARG A 1 144 ? -7.152  8.475   10.816  1.00 24.05 ? 233 ARG A CA  1 
ATOM   1135 C  C   . ARG A 1 144 ? -6.460  7.200   11.295  1.00 22.30 ? 233 ARG A C   1 
ATOM   1136 O  O   . ARG A 1 144 ? -7.101  6.159   11.433  1.00 22.56 ? 233 ARG A O   1 
ATOM   1137 C  CB  . ARG A 1 144 ? -7.832  9.196   11.993  1.00 27.23 ? 233 ARG A CB  1 
ATOM   1138 C  CG  . ARG A 1 144 ? -7.357  10.635  12.211  1.00 31.95 ? 233 ARG A CG  1 
ATOM   1139 C  CD  . ARG A 1 144 ? -8.002  11.288  13.463  1.00 37.80 ? 233 ARG A CD  1 
ATOM   1140 N  NE  . ARG A 1 144 ? -7.013  11.616  14.502  1.00 42.73 ? 233 ARG A NE  1 
ATOM   1141 C  CZ  . ARG A 1 144 ? -6.133  12.622  14.434  1.00 43.97 ? 233 ARG A CZ  1 
ATOM   1142 N  NH1 . ARG A 1 144 ? -6.109  13.426  13.373  1.00 46.68 ? 233 ARG A NH1 1 
ATOM   1143 N  NH2 . ARG A 1 144 ? -5.255  12.819  15.419  1.00 43.57 ? 233 ARG A NH2 1 
ATOM   1144 N  N   . LEU A 1 145 ? -5.149  7.268   11.503  1.00 20.40 ? 234 LEU A N   1 
ATOM   1145 C  CA  . LEU A 1 145 ? -4.380  6.112   11.979  1.00 18.77 ? 234 LEU A CA  1 
ATOM   1146 C  C   . LEU A 1 145 ? -4.640  5.812   13.453  1.00 18.07 ? 234 LEU A C   1 
ATOM   1147 O  O   . LEU A 1 145 ? -4.676  6.727   14.279  1.00 16.77 ? 234 LEU A O   1 
ATOM   1148 C  CB  . LEU A 1 145 ? -2.871  6.333   11.783  1.00 17.83 ? 234 LEU A CB  1 
ATOM   1149 C  CG  . LEU A 1 145 ? -2.190  5.792   10.522  1.00 17.32 ? 234 LEU A CG  1 
ATOM   1150 C  CD1 . LEU A 1 145 ? -0.677  6.033   10.579  1.00 15.28 ? 234 LEU A CD1 1 
ATOM   1151 C  CD2 . LEU A 1 145 ? -2.478  4.314   10.396  1.00 15.36 ? 234 LEU A CD2 1 
ATOM   1152 N  N   . SER A 1 146 ? -4.767  4.529   13.782  1.00 18.14 ? 235 SER A N   1 
ATOM   1153 C  CA  . SER A 1 146 ? -5.010  4.110   15.161  1.00 18.25 ? 235 SER A CA  1 
ATOM   1154 C  C   . SER A 1 146 ? -3.685  4.082   15.897  1.00 19.61 ? 235 SER A C   1 
ATOM   1155 O  O   . SER A 1 146 ? -2.620  4.056   15.274  1.00 19.25 ? 235 SER A O   1 
ATOM   1156 C  CB  . SER A 1 146 ? -5.650  2.722   15.206  1.00 17.12 ? 235 SER A CB  1 
ATOM   1157 O  OG  . SER A 1 146 ? -4.707  1.714   14.895  1.00 16.59 ? 235 SER A OG  1 
ATOM   1158 N  N   . GLN A 1 147 ? -3.753  4.117   17.224  1.00 21.78 ? 236 GLN A N   1 
ATOM   1159 C  CA  . GLN A 1 147 ? -2.542  4.086   18.040  1.00 23.79 ? 236 GLN A CA  1 
ATOM   1160 C  C   . GLN A 1 147 ? -1.762  2.827   17.716  1.00 22.41 ? 236 GLN A C   1 
ATOM   1161 O  O   . GLN A 1 147 ? -0.543  2.873   17.606  1.00 22.01 ? 236 GLN A O   1 
ATOM   1162 C  CB  . GLN A 1 147 ? -2.886  4.079   19.535  1.00 28.08 ? 236 GLN A CB  1 
ATOM   1163 C  CG  . GLN A 1 147 ? -3.501  5.372   20.050  1.00 33.61 ? 236 GLN A CG  1 
ATOM   1164 C  CD  . GLN A 1 147 ? -2.597  6.579   19.805  1.00 35.46 ? 236 GLN A CD  1 
ATOM   1165 O  OE1 . GLN A 1 147 ? -2.945  7.472   19.020  1.00 35.31 ? 236 GLN A OE1 1 
ATOM   1166 N  NE2 . GLN A 1 147 ? -1.424  6.606   20.469  1.00 33.27 ? 236 GLN A NE2 1 
ATOM   1167 N  N   . ASP A 1 148 ? -2.483  1.719   17.530  1.00 19.99 ? 237 ASP A N   1 
ATOM   1168 C  CA  . ASP A 1 148 ? -1.860  0.436   17.227  1.00 18.93 ? 237 ASP A CA  1 
ATOM   1169 C  C   . ASP A 1 148 ? -0.973  0.504   16.002  1.00 19.26 ? 237 ASP A C   1 
ATOM   1170 O  O   . ASP A 1 148 ? 0.108   -0.070  15.994  1.00 19.43 ? 237 ASP A O   1 
ATOM   1171 C  CB  . ASP A 1 148 ? -2.911  -0.658  17.036  1.00 19.83 ? 237 ASP A CB  1 
ATOM   1172 C  CG  . ASP A 1 148 ? -2.290  -2.050  16.930  1.00 22.30 ? 237 ASP A CG  1 
ATOM   1173 O  OD1 . ASP A 1 148 ? -1.759  -2.561  17.940  1.00 19.36 ? 237 ASP A OD1 1 
ATOM   1174 O  OD2 . ASP A 1 148 ? -2.328  -2.639  15.831  1.00 24.12 ? 237 ASP A OD2 1 
ATOM   1175 N  N   . ASP A 1 149 ? -1.428  1.200   14.964  1.00 19.30 ? 238 ASP A N   1 
ATOM   1176 C  CA  . ASP A 1 149 ? -0.631  1.325   13.751  1.00 18.45 ? 238 ASP A CA  1 
ATOM   1177 C  C   . ASP A 1 149 ? 0.584   2.225   13.970  1.00 17.63 ? 238 ASP A C   1 
ATOM   1178 O  O   . ASP A 1 149 ? 1.689   1.905   13.535  1.00 18.05 ? 238 ASP A O   1 
ATOM   1179 C  CB  . ASP A 1 149 ? -1.468  1.874   12.600  1.00 18.89 ? 238 ASP A CB  1 
ATOM   1180 C  CG  . ASP A 1 149 ? -2.633  0.979   12.238  1.00 20.13 ? 238 ASP A CG  1 
ATOM   1181 O  OD1 . ASP A 1 149 ? -2.445  -0.231  11.962  1.00 17.99 ? 238 ASP A OD1 1 
ATOM   1182 O  OD2 . ASP A 1 149 ? -3.755  1.515   12.212  1.00 19.21 ? 238 ASP A OD2 1 
ATOM   1183 N  N   . ILE A 1 150 ? 0.374   3.355   14.634  1.00 16.43 ? 239 ILE A N   1 
ATOM   1184 C  CA  . ILE A 1 150 ? 1.451   4.300   14.907  1.00 14.44 ? 239 ILE A CA  1 
ATOM   1185 C  C   . ILE A 1 150 ? 2.559   3.646   15.746  1.00 16.22 ? 239 ILE A C   1 
ATOM   1186 O  O   . ILE A 1 150 ? 3.748   3.803   15.461  1.00 15.55 ? 239 ILE A O   1 
ATOM   1187 C  CB  . ILE A 1 150 ? 0.919   5.525   15.663  1.00 11.93 ? 239 ILE A CB  1 
ATOM   1188 C  CG1 . ILE A 1 150 ? -0.188  6.204   14.855  1.00 9.64  ? 239 ILE A CG1 1 
ATOM   1189 C  CG2 . ILE A 1 150 ? 2.046   6.488   15.950  1.00 9.92  ? 239 ILE A CG2 1 
ATOM   1190 C  CD1 . ILE A 1 150 ? -0.795  7.392   15.540  1.00 6.55  ? 239 ILE A CD1 1 
ATOM   1191 N  N   . LYS A 1 151 ? 2.141   2.876   16.748  1.00 19.22 ? 240 LYS A N   1 
ATOM   1192 C  CA  . LYS A 1 151 ? 3.033   2.175   17.675  1.00 21.84 ? 240 LYS A CA  1 
ATOM   1193 C  C   . LYS A 1 151 ? 3.919   1.122   16.985  1.00 22.34 ? 240 LYS A C   1 
ATOM   1194 O  O   . LYS A 1 151 ? 5.071   0.894   17.380  1.00 21.95 ? 240 LYS A O   1 
ATOM   1195 C  CB  . LYS A 1 151 ? 2.182   1.513   18.767  1.00 24.10 ? 240 LYS A CB  1 
ATOM   1196 C  CG  . LYS A 1 151 ? 2.949   0.632   19.734  1.00 30.43 ? 240 LYS A CG  1 
ATOM   1197 C  CD  . LYS A 1 151 ? 2.018   -0.024  20.768  1.00 35.31 ? 240 LYS A CD  1 
ATOM   1198 C  CE  . LYS A 1 151 ? 2.835   -0.820  21.815  1.00 38.53 ? 240 LYS A CE  1 
ATOM   1199 N  NZ  . LYS A 1 151 ? 2.014   -1.320  22.977  1.00 38.71 ? 240 LYS A NZ  1 
ATOM   1200 N  N   . GLY A 1 152 ? 3.364   0.475   15.963  1.00 21.64 ? 241 GLY A N   1 
ATOM   1201 C  CA  . GLY A 1 152 ? 4.089   -0.543  15.233  1.00 18.24 ? 241 GLY A CA  1 
ATOM   1202 C  C   . GLY A 1 152 ? 5.090   -0.004  14.236  1.00 18.64 ? 241 GLY A C   1 
ATOM   1203 O  O   . GLY A 1 152 ? 6.187   -0.535  14.151  1.00 19.53 ? 241 GLY A O   1 
ATOM   1204 N  N   . ILE A 1 153 ? 4.730   1.035   13.481  1.00 17.40 ? 242 ILE A N   1 
ATOM   1205 C  CA  . ILE A 1 153 ? 5.643   1.585   12.480  1.00 18.53 ? 242 ILE A CA  1 
ATOM   1206 C  C   . ILE A 1 153 ? 6.780   2.375   13.121  1.00 19.92 ? 242 ILE A C   1 
ATOM   1207 O  O   . ILE A 1 153 ? 7.891   2.419   12.589  1.00 20.14 ? 242 ILE A O   1 
ATOM   1208 C  CB  . ILE A 1 153 ? 4.900   2.457   11.409  1.00 20.07 ? 242 ILE A CB  1 
ATOM   1209 C  CG1 . ILE A 1 153 ? 5.787   2.661   10.174  1.00 18.57 ? 242 ILE A CG1 1 
ATOM   1210 C  CG2 . ILE A 1 153 ? 4.498   3.815   11.977  1.00 19.28 ? 242 ILE A CG2 1 
ATOM   1211 C  CD1 . ILE A 1 153 ? 6.001   1.399   9.330   1.00 18.34 ? 242 ILE A CD1 1 
ATOM   1212 N  N   . GLN A 1 154 ? 6.502   3.001   14.262  1.00 20.04 ? 243 GLN A N   1 
ATOM   1213 C  CA  . GLN A 1 154 ? 7.530   3.761   14.954  1.00 20.73 ? 243 GLN A CA  1 
ATOM   1214 C  C   . GLN A 1 154 ? 8.499   2.813   15.648  1.00 20.63 ? 243 GLN A C   1 
ATOM   1215 O  O   . GLN A 1 154 ? 9.652   3.157   15.906  1.00 21.96 ? 243 GLN A O   1 
ATOM   1216 C  CB  . GLN A 1 154 ? 6.919   4.721   15.971  1.00 20.47 ? 243 GLN A CB  1 
ATOM   1217 C  CG  . GLN A 1 154 ? 6.086   5.826   15.350  1.00 21.93 ? 243 GLN A CG  1 
ATOM   1218 C  CD  . GLN A 1 154 ? 5.643   6.878   16.363  1.00 22.35 ? 243 GLN A CD  1 
ATOM   1219 O  OE1 . GLN A 1 154 ? 5.425   8.030   16.004  1.00 26.12 ? 243 GLN A OE1 1 
ATOM   1220 N  NE2 . GLN A 1 154 ? 5.498   6.482   17.627  1.00 20.81 ? 243 GLN A NE2 1 
ATOM   1221 N  N   . GLU A 1 155 ? 8.035   1.612   15.950  1.00 19.88 ? 244 GLU A N   1 
ATOM   1222 C  CA  . GLU A 1 155 ? 8.894   0.640   16.595  1.00 21.07 ? 244 GLU A CA  1 
ATOM   1223 C  C   . GLU A 1 155 ? 10.025  0.292   15.620  1.00 20.88 ? 244 GLU A C   1 
ATOM   1224 O  O   . GLU A 1 155 ? 11.184  0.171   16.021  1.00 22.24 ? 244 GLU A O   1 
ATOM   1225 C  CB  . GLU A 1 155 ? 8.095   -0.615  16.957  1.00 25.09 ? 244 GLU A CB  1 
ATOM   1226 C  CG  . GLU A 1 155 ? 8.863   -1.614  17.814  1.00 32.88 ? 244 GLU A CG  1 
ATOM   1227 C  CD  . GLU A 1 155 ? 9.251   -1.044  19.186  1.00 37.92 ? 244 GLU A CD  1 
ATOM   1228 O  OE1 . GLU A 1 155 ? 8.511   -0.148  19.678  1.00 41.52 ? 244 GLU A OE1 1 
ATOM   1229 O  OE2 . GLU A 1 155 ? 10.277  -1.496  19.772  1.00 38.22 ? 244 GLU A OE2 1 
ATOM   1230 N  N   . LEU A 1 156 ? 9.689   0.212   14.332  1.00 17.94 ? 245 LEU A N   1 
ATOM   1231 C  CA  . LEU A 1 156 ? 10.651  -0.129  13.290  1.00 14.06 ? 245 LEU A CA  1 
ATOM   1232 C  C   . LEU A 1 156 ? 11.540  0.997   12.790  1.00 14.35 ? 245 LEU A C   1 
ATOM   1233 O  O   . LEU A 1 156 ? 12.703  0.759   12.479  1.00 16.34 ? 245 LEU A O   1 
ATOM   1234 C  CB  . LEU A 1 156 ? 9.933   -0.726  12.084  1.00 12.83 ? 245 LEU A CB  1 
ATOM   1235 C  CG  . LEU A 1 156 ? 9.393   -2.155  12.121  1.00 9.32  ? 245 LEU A CG  1 
ATOM   1236 C  CD1 . LEU A 1 156 ? 8.472   -2.379  10.936  1.00 5.65  ? 245 LEU A CD1 1 
ATOM   1237 C  CD2 . LEU A 1 156 ? 10.539  -3.123  12.104  1.00 5.23  ? 245 LEU A CD2 1 
ATOM   1238 N  N   . TYR A 1 157 ? 11.001  2.208   12.675  1.00 13.96 ? 246 TYR A N   1 
ATOM   1239 C  CA  . TYR A 1 157 ? 11.777  3.334   12.146  1.00 14.42 ? 246 TYR A CA  1 
ATOM   1240 C  C   . TYR A 1 157 ? 11.939  4.545   13.044  1.00 15.45 ? 246 TYR A C   1 
ATOM   1241 O  O   . TYR A 1 157 ? 12.569  5.524   12.647  1.00 16.80 ? 246 TYR A O   1 
ATOM   1242 C  CB  . TYR A 1 157 ? 11.177  3.800   10.814  1.00 13.24 ? 246 TYR A CB  1 
ATOM   1243 C  CG  . TYR A 1 157 ? 11.180  2.734   9.751   1.00 15.78 ? 246 TYR A CG  1 
ATOM   1244 C  CD1 . TYR A 1 157 ? 12.360  2.384   9.097   1.00 15.60 ? 246 TYR A CD1 1 
ATOM   1245 C  CD2 . TYR A 1 157 ? 10.020  2.015   9.454   1.00 15.62 ? 246 TYR A CD2 1 
ATOM   1246 C  CE1 . TYR A 1 157 ? 12.392  1.332   8.180   1.00 16.47 ? 246 TYR A CE1 1 
ATOM   1247 C  CE2 . TYR A 1 157 ? 10.035  0.958   8.534   1.00 15.46 ? 246 TYR A CE2 1 
ATOM   1248 C  CZ  . TYR A 1 157 ? 11.227  0.620   7.905   1.00 17.51 ? 246 TYR A CZ  1 
ATOM   1249 O  OH  . TYR A 1 157 ? 11.270  -0.433  7.026   1.00 13.31 ? 246 TYR A OH  1 
ATOM   1250 N  N   . GLY A 1 158 ? 11.374  4.487   14.243  1.00 17.13 ? 247 GLY A N   1 
ATOM   1251 C  CA  . GLY A 1 158 ? 11.452  5.610   15.160  1.00 17.54 ? 247 GLY A CA  1 
ATOM   1252 C  C   . GLY A 1 158 ? 10.301  6.569   14.910  1.00 20.14 ? 247 GLY A C   1 
ATOM   1253 O  O   . GLY A 1 158 ? 9.500   6.350   13.999  1.00 21.73 ? 247 GLY A O   1 
ATOM   1254 N  N   . ALA A 1 159 ? 10.246  7.658   15.676  1.00 21.98 ? 248 ALA A N   1 
ATOM   1255 C  CA  . ALA A 1 159 ? 9.175   8.654   15.548  1.00 22.28 ? 248 ALA A CA  1 
ATOM   1256 C  C   . ALA A 1 159 ? 9.538   9.771   14.582  1.00 22.92 ? 248 ALA A C   1 
ATOM   1257 O  O   . ALA A 1 159 ? 10.670  9.847   14.122  1.00 21.84 ? 248 ALA A O   1 
ATOM   1258 C  CB  . ALA A 1 159 ? 8.827   9.240   16.908  1.00 19.11 ? 248 ALA A CB  1 
ATOM   1259 N  N   . SER A 1 160 ? 8.563   10.627  14.281  1.00 26.47 ? 249 SER A N   1 
ATOM   1260 C  CA  . SER A 1 160 ? 8.748   11.749  13.367  1.00 28.85 ? 249 SER A CA  1 
ATOM   1261 C  C   . SER A 1 160 ? 9.572   12.878  13.981  1.00 32.05 ? 249 SER A C   1 
ATOM   1262 O  O   . SER A 1 160 ? 9.348   13.285  15.139  1.00 29.49 ? 249 SER A O   1 
ATOM   1263 C  CB  . SER A 1 160 ? 7.390   12.291  12.899  1.00 27.81 ? 249 SER A CB  1 
ATOM   1264 O  OG  . SER A 1 160 ? 7.538   13.476  12.128  1.00 23.33 ? 249 SER A OG  1 
ATOM   1265 N  N   . PRO A 1 161 ? 10.536  13.407  13.200  1.00 35.16 ? 250 PRO A N   1 
ATOM   1266 C  CA  . PRO A 1 161 ? 11.435  14.502  13.596  1.00 36.76 ? 250 PRO A CA  1 
ATOM   1267 C  C   . PRO A 1 161 ? 10.628  15.758  13.944  1.00 38.32 ? 250 PRO A C   1 
ATOM   1268 O  O   . PRO A 1 161 ? 10.814  16.272  15.073  1.00 39.78 ? 250 PRO A O   1 
ATOM   1269 C  CB  . PRO A 1 161 ? 12.278  14.728  12.330  1.00 35.99 ? 250 PRO A CB  1 
ATOM   1270 C  CG  . PRO A 1 161 ? 12.226  13.386  11.625  1.00 35.59 ? 250 PRO A CG  1 
ATOM   1271 C  CD  . PRO A 1 161 ? 10.783  13.014  11.798  1.00 35.07 ? 250 PRO A CD  1 
ATOM   1272 O  OXT . PRO A 1 161 ? 9.809   16.202  13.096  1.00 40.11 ? 250 PRO A OXT 1 
HETATM 1273 ZN ZN  . ZN  B 2 .   ? -2.807  -7.274  4.380   1.00 16.03 ? 501 ZN  A ZN  1 
HETATM 1274 ZN ZN  . ZN  C 2 .   ? 1.344   -10.194 -7.255  1.00 14.48 ? 502 ZN  A ZN  1 
HETATM 1275 CA CA  . CA  D 3 .   ? -10.532 -10.360 -6.197  1.00 14.93 ? 503 CA  A CA  1 
HETATM 1276 CA CA  . CA  E 3 .   ? 11.095  -4.007  -5.167  1.00 11.96 ? 504 CA  A CA  1 
HETATM 1277 CA CA  . CA  F 3 .   ? -11.136 -2.623  -12.851 1.00 17.40 ? 505 CA  A CA  1 
HETATM 1278 O  O   . HOH G 4 .   ? -10.850 -3.186  -15.716 1.00 29.83 ? 301 HOH A O   1 
HETATM 1279 O  O   . HOH G 4 .   ? -13.794 -3.109  -13.236 1.00 28.44 ? 302 HOH A O   1 
HETATM 1280 O  O   . HOH G 4 .   ? 13.171  -4.226  -3.724  1.00 21.97 ? 303 HOH A O   1 
HETATM 1281 O  O   . HOH G 4 .   ? 12.265  -3.306  -7.473  1.00 17.60 ? 304 HOH A O   1 
HETATM 1282 O  O   . HOH G 4 .   ? -0.347  -8.975  1.208   1.00 29.47 ? 305 HOH A O   1 
# 
